data_1FJB
# 
_entry.id   1FJB 
# 
_audit_conform.dict_name       mmcif_pdbx.dic 
_audit_conform.dict_version    5.392 
_audit_conform.dict_location   http://mmcif.pdb.org/dictionaries/ascii/mmcif_pdbx.dic 
# 
loop_
_database_2.database_id 
_database_2.database_code 
_database_2.pdbx_database_accession 
_database_2.pdbx_DOI 
PDB   1FJB         pdb_00001fjb 10.2210/pdb1fjb/pdb 
WWPDB D_1000173308 ?            ?                   
# 
loop_
_pdbx_audit_revision_history.ordinal 
_pdbx_audit_revision_history.data_content_type 
_pdbx_audit_revision_history.major_revision 
_pdbx_audit_revision_history.minor_revision 
_pdbx_audit_revision_history.revision_date 
1 'Structure model' 1 0 1996-06-10 
2 'Structure model' 1 1 2008-03-25 
3 'Structure model' 1 2 2011-07-13 
4 'Structure model' 1 3 2022-02-23 
5 'Structure model' 1 4 2024-05-22 
# 
_pdbx_audit_revision_details.ordinal             1 
_pdbx_audit_revision_details.revision_ordinal    1 
_pdbx_audit_revision_details.data_content_type   'Structure model' 
_pdbx_audit_revision_details.provider            repository 
_pdbx_audit_revision_details.type                'Initial release' 
_pdbx_audit_revision_details.description         ? 
_pdbx_audit_revision_details.details             ? 
# 
loop_
_pdbx_audit_revision_group.ordinal 
_pdbx_audit_revision_group.revision_ordinal 
_pdbx_audit_revision_group.data_content_type 
_pdbx_audit_revision_group.group 
1 2 'Structure model' 'Version format compliance' 
2 3 'Structure model' 'Version format compliance' 
3 4 'Structure model' 'Database references'       
4 4 'Structure model' 'Derived calculations'      
5 4 'Structure model' Other                       
6 5 'Structure model' 'Data collection'           
# 
loop_
_pdbx_audit_revision_category.ordinal 
_pdbx_audit_revision_category.revision_ordinal 
_pdbx_audit_revision_category.data_content_type 
_pdbx_audit_revision_category.category 
1 4 'Structure model' database_2            
2 4 'Structure model' pdbx_database_status  
3 4 'Structure model' pdbx_struct_assembly  
4 4 'Structure model' pdbx_struct_oper_list 
5 4 'Structure model' struct_conn           
6 5 'Structure model' chem_comp_atom        
7 5 'Structure model' chem_comp_bond        
# 
loop_
_pdbx_audit_revision_item.ordinal 
_pdbx_audit_revision_item.revision_ordinal 
_pdbx_audit_revision_item.data_content_type 
_pdbx_audit_revision_item.item 
1 4 'Structure model' '_database_2.pdbx_DOI'                
2 4 'Structure model' '_database_2.pdbx_database_accession' 
3 4 'Structure model' '_pdbx_database_status.process_site'  
4 4 'Structure model' '_struct_conn.pdbx_leaving_atom_flag' 
# 
_pdbx_database_status.status_code                     REL 
_pdbx_database_status.entry_id                        1FJB 
_pdbx_database_status.recvd_initial_deposition_date   1995-12-15 
_pdbx_database_status.deposit_site                    ? 
_pdbx_database_status.process_site                    BNL 
_pdbx_database_status.SG_entry                        . 
_pdbx_database_status.status_code_sf                  ? 
_pdbx_database_status.status_code_mr                  ? 
_pdbx_database_status.pdb_format_compatible           Y 
_pdbx_database_status.status_code_cs                  ? 
_pdbx_database_status.status_code_nmr_data            ? 
_pdbx_database_status.methods_development_category    ? 
# 
loop_
_audit_author.name 
_audit_author.pdbx_ordinal 
'Chen, H.'       1 
'Johnson, F.'    2 
'Grollman, A.P.' 3 
'Patel, D.J.'    4 
# 
_citation.id                        primary 
_citation.title                     
;Structural Studies of the Ionizing Radiation Adduct 7,8-Dihydro-8-Oxoadenine (A Oxo) Positioned Opposite Thymine and Guanine in DNA Duplexes
;
_citation.journal_abbrev            MAGN.RESON.CHEM. 
_citation.journal_volume            34 
_citation.page_first                23 
_citation.page_last                 ? 
_citation.year                      1996 
_citation.journal_id_ASTM           MRCHEG 
_citation.country                   UK 
_citation.journal_id_ISSN           0749-1581 
_citation.journal_id_CSD            0731 
_citation.book_publisher            ? 
_citation.pdbx_database_id_PubMed   -1 
_citation.pdbx_database_id_DOI      ? 
# 
loop_
_citation_author.citation_id 
_citation_author.name 
_citation_author.ordinal 
_citation_author.identifier_ORCID 
primary 'Chen, H.'       1 ? 
primary 'Johnson, F.'    2 ? 
primary 'Grollman, A.P.' 3 ? 
primary 'Patel, D.J.'    4 ? 
# 
loop_
_entity.id 
_entity.type 
_entity.src_method 
_entity.pdbx_description 
_entity.formula_weight 
_entity.pdbx_number_of_molecules 
_entity.pdbx_ec 
_entity.pdbx_mutation 
_entity.pdbx_fragment 
_entity.details 
1 polymer syn 
;DNA (5'-D(*GP*CP*AP*TP*GP*TP*GP*TP*AP*CP*G)-3')
;
3389.221 1 ? ? ? ?            
2 polymer syn 
;DNA (5'-D(*CP*GP*TP*AP*CP*(A38)P*CP*AP*TP*GP*C)-3')
;
3334.186 1 ? ? ? 'DNA DUPLEX' 
# 
loop_
_entity_poly.entity_id 
_entity_poly.type 
_entity_poly.nstd_linkage 
_entity_poly.nstd_monomer 
_entity_poly.pdbx_seq_one_letter_code 
_entity_poly.pdbx_seq_one_letter_code_can 
_entity_poly.pdbx_strand_id 
_entity_poly.pdbx_target_identifier 
1 polydeoxyribonucleotide no no  '(DG)(DC)(DA)(DT)(DG)(DT)(DG)(DT)(DA)(DC)(DG)'  GCATGTGTACG A ? 
2 polydeoxyribonucleotide no yes '(DC)(DG)(DT)(DA)(DC)(A38)(DC)(DA)(DT)(DG)(DC)' CGTACACATGC B ? 
# 
loop_
_entity_poly_seq.entity_id 
_entity_poly_seq.num 
_entity_poly_seq.mon_id 
_entity_poly_seq.hetero 
1 1  DG  n 
1 2  DC  n 
1 3  DA  n 
1 4  DT  n 
1 5  DG  n 
1 6  DT  n 
1 7  DG  n 
1 8  DT  n 
1 9  DA  n 
1 10 DC  n 
1 11 DG  n 
2 1  DC  n 
2 2  DG  n 
2 3  DT  n 
2 4  DA  n 
2 5  DC  n 
2 6  A38 n 
2 7  DC  n 
2 8  DA  n 
2 9  DT  n 
2 10 DG  n 
2 11 DC  n 
# 
loop_
_chem_comp.id 
_chem_comp.type 
_chem_comp.mon_nstd_flag 
_chem_comp.name 
_chem_comp.pdbx_synonyms 
_chem_comp.formula 
_chem_comp.formula_weight 
A38 'DNA linking' n 
;8-OXY DEOXYADENOSINE-5'-MONOPHOSPHATE
;
? 'C10 H14 N5 O7 P' 347.221 
DA  'DNA linking' y "2'-DEOXYADENOSINE-5'-MONOPHOSPHATE"    ? 'C10 H14 N5 O6 P' 331.222 
DC  'DNA linking' y "2'-DEOXYCYTIDINE-5'-MONOPHOSPHATE"     ? 'C9 H14 N3 O7 P'  307.197 
DG  'DNA linking' y "2'-DEOXYGUANOSINE-5'-MONOPHOSPHATE"    ? 'C10 H14 N5 O7 P' 347.221 
DT  'DNA linking' y "THYMIDINE-5'-MONOPHOSPHATE"            ? 'C10 H15 N2 O8 P' 322.208 
# 
loop_
_pdbx_poly_seq_scheme.asym_id 
_pdbx_poly_seq_scheme.entity_id 
_pdbx_poly_seq_scheme.seq_id 
_pdbx_poly_seq_scheme.mon_id 
_pdbx_poly_seq_scheme.ndb_seq_num 
_pdbx_poly_seq_scheme.pdb_seq_num 
_pdbx_poly_seq_scheme.auth_seq_num 
_pdbx_poly_seq_scheme.pdb_mon_id 
_pdbx_poly_seq_scheme.auth_mon_id 
_pdbx_poly_seq_scheme.pdb_strand_id 
_pdbx_poly_seq_scheme.pdb_ins_code 
_pdbx_poly_seq_scheme.hetero 
A 1 1  DG  1  1  1  DG  G  A . n 
A 1 2  DC  2  2  2  DC  C  A . n 
A 1 3  DA  3  3  3  DA  A  A . n 
A 1 4  DT  4  4  4  DT  T  A . n 
A 1 5  DG  5  5  5  DG  G  A . n 
A 1 6  DT  6  6  6  DT  T  A . n 
A 1 7  DG  7  7  7  DG  G  A . n 
A 1 8  DT  8  8  8  DT  T  A . n 
A 1 9  DA  9  9  9  DA  A  A . n 
A 1 10 DC  10 10 10 DC  C  A . n 
A 1 11 DG  11 11 11 DG  G  A . n 
B 2 1  DC  1  12 12 DC  C  B . n 
B 2 2  DG  2  13 13 DG  G  B . n 
B 2 3  DT  3  14 14 DT  T  B . n 
B 2 4  DA  4  15 15 DA  A  B . n 
B 2 5  DC  5  16 16 DC  C  B . n 
B 2 6  A38 6  17 17 A38 +A B . n 
B 2 7  DC  7  18 18 DC  C  B . n 
B 2 8  DA  8  19 19 DA  A  B . n 
B 2 9  DT  9  20 20 DT  T  B . n 
B 2 10 DG  10 21 21 DG  G  B . n 
B 2 11 DC  11 22 22 DC  C  B . n 
# 
loop_
_software.name 
_software.classification 
_software.version 
_software.citation_id 
_software.pdbx_ordinal 
X-PLOR 'model building' . ? 1 
X-PLOR refinement       . ? 2 
X-PLOR phasing          . ? 3 
# 
_cell.entry_id           1FJB 
_cell.length_a           1.000 
_cell.length_b           1.000 
_cell.length_c           1.000 
_cell.angle_alpha        90.00 
_cell.angle_beta         90.00 
_cell.angle_gamma        90.00 
_cell.Z_PDB              1 
_cell.pdbx_unique_axis   ? 
# 
_symmetry.entry_id                         1FJB 
_symmetry.space_group_name_H-M             'P 1' 
_symmetry.pdbx_full_space_group_name_H-M   ? 
_symmetry.cell_setting                     ? 
_symmetry.Int_Tables_number                1 
# 
_exptl.entry_id          1FJB 
_exptl.method            'SOLUTION NMR' 
_exptl.crystals_number   ? 
# 
_struct.entry_id                  1FJB 
_struct.title                     'NMR Study of an 11-Mer DNA Duplex Containing 7,8-Dihydro-8-Oxoadenine (AOXO) Opposite Thymine' 
_struct.pdbx_model_details        ? 
_struct.pdbx_CASP_flag            ? 
_struct.pdbx_model_type_details   ? 
# 
_struct_keywords.entry_id        1FJB 
_struct_keywords.pdbx_keywords   DNA 
_struct_keywords.text            DNA 
# 
loop_
_struct_asym.id 
_struct_asym.pdbx_blank_PDB_chainid_flag 
_struct_asym.pdbx_modified 
_struct_asym.entity_id 
_struct_asym.details 
A N N 1 ? 
B N N 2 ? 
# 
loop_
_struct_ref.id 
_struct_ref.entity_id 
_struct_ref.db_name 
_struct_ref.db_code 
_struct_ref.pdbx_db_accession 
_struct_ref.pdbx_db_isoform 
_struct_ref.pdbx_seq_one_letter_code 
_struct_ref.pdbx_align_begin 
1 1 PDB 1FJB 1FJB ? ? ? 
2 2 PDB 1FJB 1FJB ? ? ? 
# 
loop_
_struct_ref_seq.align_id 
_struct_ref_seq.ref_id 
_struct_ref_seq.pdbx_PDB_id_code 
_struct_ref_seq.pdbx_strand_id 
_struct_ref_seq.seq_align_beg 
_struct_ref_seq.pdbx_seq_align_beg_ins_code 
_struct_ref_seq.seq_align_end 
_struct_ref_seq.pdbx_seq_align_end_ins_code 
_struct_ref_seq.pdbx_db_accession 
_struct_ref_seq.db_align_beg 
_struct_ref_seq.pdbx_db_align_beg_ins_code 
_struct_ref_seq.db_align_end 
_struct_ref_seq.pdbx_db_align_end_ins_code 
_struct_ref_seq.pdbx_auth_seq_align_beg 
_struct_ref_seq.pdbx_auth_seq_align_end 
1 1 1FJB A 1 ? 11 ? 1FJB 1  ? 11 ? 1  11 
2 2 1FJB B 1 ? 11 ? 1FJB 12 ? 22 ? 12 22 
# 
_pdbx_struct_assembly.id                   1 
_pdbx_struct_assembly.details              author_defined_assembly 
_pdbx_struct_assembly.method_details       ? 
_pdbx_struct_assembly.oligomeric_details   dimeric 
_pdbx_struct_assembly.oligomeric_count     2 
# 
_pdbx_struct_assembly_gen.assembly_id       1 
_pdbx_struct_assembly_gen.oper_expression   1 
_pdbx_struct_assembly_gen.asym_id_list      A,B 
# 
_pdbx_struct_oper_list.id                   1 
_pdbx_struct_oper_list.type                 'identity operation' 
_pdbx_struct_oper_list.name                 1_555 
_pdbx_struct_oper_list.symmetry_operation   x,y,z 
_pdbx_struct_oper_list.matrix[1][1]         1.0000000000 
_pdbx_struct_oper_list.matrix[1][2]         0.0000000000 
_pdbx_struct_oper_list.matrix[1][3]         0.0000000000 
_pdbx_struct_oper_list.vector[1]            0.0000000000 
_pdbx_struct_oper_list.matrix[2][1]         0.0000000000 
_pdbx_struct_oper_list.matrix[2][2]         1.0000000000 
_pdbx_struct_oper_list.matrix[2][3]         0.0000000000 
_pdbx_struct_oper_list.vector[2]            0.0000000000 
_pdbx_struct_oper_list.matrix[3][1]         0.0000000000 
_pdbx_struct_oper_list.matrix[3][2]         0.0000000000 
_pdbx_struct_oper_list.matrix[3][3]         1.0000000000 
_pdbx_struct_oper_list.vector[3]            0.0000000000 
# 
_struct_biol.id        1 
_struct_biol.details   ? 
# 
loop_
_struct_conn.id 
_struct_conn.conn_type_id 
_struct_conn.pdbx_leaving_atom_flag 
_struct_conn.pdbx_PDB_id 
_struct_conn.ptnr1_label_asym_id 
_struct_conn.ptnr1_label_comp_id 
_struct_conn.ptnr1_label_seq_id 
_struct_conn.ptnr1_label_atom_id 
_struct_conn.pdbx_ptnr1_label_alt_id 
_struct_conn.pdbx_ptnr1_PDB_ins_code 
_struct_conn.pdbx_ptnr1_standard_comp_id 
_struct_conn.ptnr1_symmetry 
_struct_conn.ptnr2_label_asym_id 
_struct_conn.ptnr2_label_comp_id 
_struct_conn.ptnr2_label_seq_id 
_struct_conn.ptnr2_label_atom_id 
_struct_conn.pdbx_ptnr2_label_alt_id 
_struct_conn.pdbx_ptnr2_PDB_ins_code 
_struct_conn.ptnr1_auth_asym_id 
_struct_conn.ptnr1_auth_comp_id 
_struct_conn.ptnr1_auth_seq_id 
_struct_conn.ptnr2_auth_asym_id 
_struct_conn.ptnr2_auth_comp_id 
_struct_conn.ptnr2_auth_seq_id 
_struct_conn.ptnr2_symmetry 
_struct_conn.pdbx_ptnr3_label_atom_id 
_struct_conn.pdbx_ptnr3_label_seq_id 
_struct_conn.pdbx_ptnr3_label_comp_id 
_struct_conn.pdbx_ptnr3_label_asym_id 
_struct_conn.pdbx_ptnr3_label_alt_id 
_struct_conn.pdbx_ptnr3_PDB_ins_code 
_struct_conn.details 
_struct_conn.pdbx_dist_value 
_struct_conn.pdbx_value_order 
_struct_conn.pdbx_role 
covale1  covale both ? B DC  5  "O3'" ? ? ? 1_555 B A38 6  P  ? ? B DC  16 B A38 17 1_555 ? ? ? ? ? ? ?            1.614 ? ? 
covale2  covale one  ? B A38 6  "O3'" ? ? ? 1_555 B DC  7  P  ? ? B A38 17 B DC  18 1_555 ? ? ? ? ? ? ?            1.610 ? ? 
hydrog1  hydrog ?    ? A DG  1  N1    ? ? ? 1_555 B DC  11 N3 ? ? A DG  1  B DC  22 1_555 ? ? ? ? ? ? WATSON-CRICK ?     ? ? 
hydrog2  hydrog ?    ? A DG  1  N2    ? ? ? 1_555 B DC  11 O2 ? ? A DG  1  B DC  22 1_555 ? ? ? ? ? ? WATSON-CRICK ?     ? ? 
hydrog3  hydrog ?    ? A DG  1  O6    ? ? ? 1_555 B DC  11 N4 ? ? A DG  1  B DC  22 1_555 ? ? ? ? ? ? WATSON-CRICK ?     ? ? 
hydrog4  hydrog ?    ? A DC  2  N3    ? ? ? 1_555 B DG  10 N1 ? ? A DC  2  B DG  21 1_555 ? ? ? ? ? ? WATSON-CRICK ?     ? ? 
hydrog5  hydrog ?    ? A DC  2  N4    ? ? ? 1_555 B DG  10 O6 ? ? A DC  2  B DG  21 1_555 ? ? ? ? ? ? WATSON-CRICK ?     ? ? 
hydrog6  hydrog ?    ? A DC  2  O2    ? ? ? 1_555 B DG  10 N2 ? ? A DC  2  B DG  21 1_555 ? ? ? ? ? ? WATSON-CRICK ?     ? ? 
hydrog7  hydrog ?    ? A DA  3  N1    ? ? ? 1_555 B DT  9  N3 ? ? A DA  3  B DT  20 1_555 ? ? ? ? ? ? WATSON-CRICK ?     ? ? 
hydrog8  hydrog ?    ? A DA  3  N6    ? ? ? 1_555 B DT  9  O4 ? ? A DA  3  B DT  20 1_555 ? ? ? ? ? ? WATSON-CRICK ?     ? ? 
hydrog9  hydrog ?    ? A DT  4  N3    ? ? ? 1_555 B DA  8  N1 ? ? A DT  4  B DA  19 1_555 ? ? ? ? ? ? WATSON-CRICK ?     ? ? 
hydrog10 hydrog ?    ? A DT  4  O4    ? ? ? 1_555 B DA  8  N6 ? ? A DT  4  B DA  19 1_555 ? ? ? ? ? ? WATSON-CRICK ?     ? ? 
hydrog11 hydrog ?    ? A DG  5  N1    ? ? ? 1_555 B DC  7  N3 ? ? A DG  5  B DC  18 1_555 ? ? ? ? ? ? WATSON-CRICK ?     ? ? 
hydrog12 hydrog ?    ? A DG  5  N2    ? ? ? 1_555 B DC  7  O2 ? ? A DG  5  B DC  18 1_555 ? ? ? ? ? ? WATSON-CRICK ?     ? ? 
hydrog13 hydrog ?    ? A DG  5  O6    ? ? ? 1_555 B DC  7  N4 ? ? A DG  5  B DC  18 1_555 ? ? ? ? ? ? WATSON-CRICK ?     ? ? 
hydrog14 hydrog ?    ? A DT  6  N3    ? ? ? 1_555 B A38 6  N1 ? ? A DT  6  B A38 17 1_555 ? ? ? ? ? ? WATSON-CRICK ?     ? ? 
hydrog15 hydrog ?    ? A DT  6  O4    ? ? ? 1_555 B A38 6  N6 ? ? A DT  6  B A38 17 1_555 ? ? ? ? ? ? WATSON-CRICK ?     ? ? 
hydrog16 hydrog ?    ? A DG  7  N1    ? ? ? 1_555 B DC  5  N3 ? ? A DG  7  B DC  16 1_555 ? ? ? ? ? ? WATSON-CRICK ?     ? ? 
hydrog17 hydrog ?    ? A DG  7  N2    ? ? ? 1_555 B DC  5  O2 ? ? A DG  7  B DC  16 1_555 ? ? ? ? ? ? WATSON-CRICK ?     ? ? 
hydrog18 hydrog ?    ? A DG  7  O6    ? ? ? 1_555 B DC  5  N4 ? ? A DG  7  B DC  16 1_555 ? ? ? ? ? ? WATSON-CRICK ?     ? ? 
hydrog19 hydrog ?    ? A DT  8  N3    ? ? ? 1_555 B DA  4  N1 ? ? A DT  8  B DA  15 1_555 ? ? ? ? ? ? WATSON-CRICK ?     ? ? 
hydrog20 hydrog ?    ? A DT  8  O4    ? ? ? 1_555 B DA  4  N6 ? ? A DT  8  B DA  15 1_555 ? ? ? ? ? ? WATSON-CRICK ?     ? ? 
hydrog21 hydrog ?    ? A DA  9  N1    ? ? ? 1_555 B DT  3  N3 ? ? A DA  9  B DT  14 1_555 ? ? ? ? ? ? WATSON-CRICK ?     ? ? 
hydrog22 hydrog ?    ? A DA  9  N6    ? ? ? 1_555 B DT  3  O4 ? ? A DA  9  B DT  14 1_555 ? ? ? ? ? ? WATSON-CRICK ?     ? ? 
hydrog23 hydrog ?    ? A DC  10 N3    ? ? ? 1_555 B DG  2  N1 ? ? A DC  10 B DG  13 1_555 ? ? ? ? ? ? WATSON-CRICK ?     ? ? 
hydrog24 hydrog ?    ? A DC  10 N4    ? ? ? 1_555 B DG  2  O6 ? ? A DC  10 B DG  13 1_555 ? ? ? ? ? ? WATSON-CRICK ?     ? ? 
hydrog25 hydrog ?    ? A DC  10 O2    ? ? ? 1_555 B DG  2  N2 ? ? A DC  10 B DG  13 1_555 ? ? ? ? ? ? WATSON-CRICK ?     ? ? 
hydrog26 hydrog ?    ? A DG  11 N1    ? ? ? 1_555 B DC  1  N3 ? ? A DG  11 B DC  12 1_555 ? ? ? ? ? ? WATSON-CRICK ?     ? ? 
hydrog27 hydrog ?    ? A DG  11 N2    ? ? ? 1_555 B DC  1  O2 ? ? A DG  11 B DC  12 1_555 ? ? ? ? ? ? WATSON-CRICK ?     ? ? 
hydrog28 hydrog ?    ? A DG  11 O6    ? ? ? 1_555 B DC  1  N4 ? ? A DG  11 B DC  12 1_555 ? ? ? ? ? ? WATSON-CRICK ?     ? ? 
# 
loop_
_struct_conn_type.id 
_struct_conn_type.criteria 
_struct_conn_type.reference 
covale ? ? 
hydrog ? ? 
# 
loop_
_pdbx_validate_rmsd_bond.id 
_pdbx_validate_rmsd_bond.PDB_model_num 
_pdbx_validate_rmsd_bond.auth_atom_id_1 
_pdbx_validate_rmsd_bond.auth_asym_id_1 
_pdbx_validate_rmsd_bond.auth_comp_id_1 
_pdbx_validate_rmsd_bond.auth_seq_id_1 
_pdbx_validate_rmsd_bond.PDB_ins_code_1 
_pdbx_validate_rmsd_bond.label_alt_id_1 
_pdbx_validate_rmsd_bond.auth_atom_id_2 
_pdbx_validate_rmsd_bond.auth_asym_id_2 
_pdbx_validate_rmsd_bond.auth_comp_id_2 
_pdbx_validate_rmsd_bond.auth_seq_id_2 
_pdbx_validate_rmsd_bond.PDB_ins_code_2 
_pdbx_validate_rmsd_bond.label_alt_id_2 
_pdbx_validate_rmsd_bond.bond_value 
_pdbx_validate_rmsd_bond.bond_target_value 
_pdbx_validate_rmsd_bond.bond_deviation 
_pdbx_validate_rmsd_bond.bond_standard_deviation 
_pdbx_validate_rmsd_bond.linker_flag 
1 1 C5 A DT 4  ? ? C7 A DT 4  ? ? 1.534 1.496 0.038 0.006 N 
2 1 C5 A DT 6  ? ? C7 A DT 6  ? ? 1.535 1.496 0.039 0.006 N 
3 1 C5 A DT 8  ? ? C7 A DT 8  ? ? 1.536 1.496 0.040 0.006 N 
4 2 C5 B DT 14 ? ? C7 B DT 14 ? ? 1.532 1.496 0.036 0.006 N 
# 
loop_
_pdbx_validate_rmsd_angle.id 
_pdbx_validate_rmsd_angle.PDB_model_num 
_pdbx_validate_rmsd_angle.auth_atom_id_1 
_pdbx_validate_rmsd_angle.auth_asym_id_1 
_pdbx_validate_rmsd_angle.auth_comp_id_1 
_pdbx_validate_rmsd_angle.auth_seq_id_1 
_pdbx_validate_rmsd_angle.PDB_ins_code_1 
_pdbx_validate_rmsd_angle.label_alt_id_1 
_pdbx_validate_rmsd_angle.auth_atom_id_2 
_pdbx_validate_rmsd_angle.auth_asym_id_2 
_pdbx_validate_rmsd_angle.auth_comp_id_2 
_pdbx_validate_rmsd_angle.auth_seq_id_2 
_pdbx_validate_rmsd_angle.PDB_ins_code_2 
_pdbx_validate_rmsd_angle.label_alt_id_2 
_pdbx_validate_rmsd_angle.auth_atom_id_3 
_pdbx_validate_rmsd_angle.auth_asym_id_3 
_pdbx_validate_rmsd_angle.auth_comp_id_3 
_pdbx_validate_rmsd_angle.auth_seq_id_3 
_pdbx_validate_rmsd_angle.PDB_ins_code_3 
_pdbx_validate_rmsd_angle.label_alt_id_3 
_pdbx_validate_rmsd_angle.angle_value 
_pdbx_validate_rmsd_angle.angle_target_value 
_pdbx_validate_rmsd_angle.angle_deviation 
_pdbx_validate_rmsd_angle.angle_standard_deviation 
_pdbx_validate_rmsd_angle.linker_flag 
1  1 N7    A DG  1  ? ? C8    A DG  1  ? ? N9    A DG 1  ? ? 116.42 113.10 3.32  0.50 N 
2  1 C8    A DG  1  ? ? N9    A DG  1  ? ? C4    A DG 1  ? ? 103.88 106.40 -2.52 0.40 N 
3  1 "C3'" A DG  1  ? ? "O3'" A DG  1  ? ? P     A DC 2  ? ? 130.46 119.70 10.76 1.20 Y 
4  1 "C4'" A DC  2  ? ? "C3'" A DC  2  ? ? "C2'" A DC 2  ? ? 96.86  102.20 -5.34 0.70 N 
5  1 "O4'" A DC  2  ? ? "C1'" A DC  2  ? ? "C2'" A DC 2  ? ? 100.59 105.90 -5.31 0.80 N 
6  1 "O4'" A DC  2  ? ? "C1'" A DC  2  ? ? N1    A DC 2  ? ? 110.96 108.30 2.66  0.30 N 
7  1 N1    A DC  2  ? ? C2    A DC  2  ? ? O2    A DC 2  ? ? 122.67 118.90 3.77  0.60 N 
8  1 "O4'" A DT  4  ? ? "C1'" A DT  4  ? ? "C2'" A DT 4  ? ? 99.67  105.90 -6.23 0.80 N 
9  1 "O4'" A DT  4  ? ? "C1'" A DT  4  ? ? N1    A DT 4  ? ? 112.82 108.30 4.52  0.30 N 
10 1 C6    A DT  4  ? ? C5    A DT  4  ? ? C7    A DT 4  ? ? 118.67 122.90 -4.23 0.60 N 
11 1 "O4'" A DG  5  ? ? "C1'" A DG  5  ? ? "C2'" A DG 5  ? ? 100.74 105.90 -5.16 0.80 N 
12 1 N7    A DG  5  ? ? C8    A DG  5  ? ? N9    A DG 5  ? ? 116.56 113.10 3.46  0.50 N 
13 1 "O4'" A DT  6  ? ? "C1'" A DT  6  ? ? "C2'" A DT 6  ? ? 100.07 105.90 -5.83 0.80 N 
14 1 "O4'" A DT  6  ? ? "C1'" A DT  6  ? ? N1    A DT 6  ? ? 110.73 108.30 2.43  0.30 N 
15 1 C6    A DT  6  ? ? C5    A DT  6  ? ? C7    A DT 6  ? ? 119.04 122.90 -3.86 0.60 N 
16 1 "O4'" A DG  7  ? ? "C1'" A DG  7  ? ? "C2'" A DG 7  ? ? 101.04 105.90 -4.86 0.80 N 
17 1 "O4'" A DG  7  ? ? "C1'" A DG  7  ? ? N9    A DG 7  ? ? 111.51 108.30 3.21  0.30 N 
18 1 N7    A DG  7  ? ? C8    A DG  7  ? ? N9    A DG 7  ? ? 117.09 113.10 3.99  0.50 N 
19 1 "O4'" A DC  10 ? ? "C1'" A DC  10 ? ? "C2'" A DC 10 ? ? 100.60 105.90 -5.30 0.80 N 
20 1 N1    A DC  10 ? ? C2    A DC  10 ? ? O2    A DC 10 ? ? 122.60 118.90 3.70  0.60 N 
21 1 C5    A DG  11 ? ? N7    A DG  11 ? ? C8    A DG 11 ? ? 101.30 104.30 -3.00 0.50 N 
22 1 N7    A DG  11 ? ? C8    A DG  11 ? ? N9    A DG 11 ? ? 116.80 113.10 3.70  0.50 N 
23 1 "O4'" B DC  12 ? ? "C1'" B DC  12 ? ? "C2'" B DC 12 ? ? 99.94  105.90 -5.96 0.80 N 
24 1 "O4'" B DG  13 ? ? "C1'" B DG  13 ? ? N9    B DG 13 ? ? 113.69 108.30 5.39  0.30 N 
25 1 N7    B DG  13 ? ? C8    B DG  13 ? ? N9    B DG 13 ? ? 116.20 113.10 3.10  0.50 N 
26 1 C6    B DT  14 ? ? C5    B DT  14 ? ? C7    B DT 14 ? ? 118.95 122.90 -3.95 0.60 N 
27 1 "O4'" B DA  15 ? ? "C1'" B DA  15 ? ? N9    B DA 15 ? ? 113.71 108.30 5.41  0.30 N 
28 1 N1    B DC  16 ? ? C2    B DC  16 ? ? O2    B DC 16 ? ? 122.77 118.90 3.87  0.60 N 
29 1 "O4'" B DC  18 ? ? "C4'" B DC  18 ? ? "C3'" B DC 18 ? ? 109.67 106.00 3.67  0.60 N 
30 1 N1    B DC  18 ? ? C2    B DC  18 ? ? O2    B DC 18 ? ? 122.96 118.90 4.06  0.60 N 
31 1 "O4'" B DA  19 ? ? "C1'" B DA  19 ? ? N9    B DA 19 ? ? 111.92 108.30 3.62  0.30 N 
32 1 "O4'" B DT  20 ? ? "C1'" B DT  20 ? ? N1    B DT 20 ? ? 112.10 108.30 3.80  0.30 N 
33 1 C5    B DG  21 ? ? N7    B DG  21 ? ? C8    B DG 21 ? ? 101.30 104.30 -3.00 0.50 N 
34 1 N7    B DG  21 ? ? C8    B DG  21 ? ? N9    B DG 21 ? ? 117.09 113.10 3.99  0.50 N 
35 2 N7    A DG  1  ? ? C8    A DG  1  ? ? N9    A DG 1  ? ? 116.45 113.10 3.35  0.50 N 
36 2 "O4'" A DC  2  ? ? "C1'" A DC  2  ? ? "C2'" A DC 2  ? ? 99.37  105.90 -6.53 0.80 N 
37 2 "O4'" A DC  2  ? ? "C1'" A DC  2  ? ? N1    A DC 2  ? ? 113.45 108.30 5.15  0.30 N 
38 2 N1    A DC  2  ? ? C2    A DC  2  ? ? O2    A DC 2  ? ? 122.81 118.90 3.91  0.60 N 
39 2 "O4'" A DT  4  ? ? "C1'" A DT  4  ? ? "C2'" A DT 4  ? ? 99.92  105.90 -5.98 0.80 N 
40 2 "O4'" A DT  4  ? ? "C1'" A DT  4  ? ? N1    A DT 4  ? ? 111.68 108.30 3.38  0.30 N 
41 2 C6    A DT  4  ? ? C5    A DT  4  ? ? C7    A DT 4  ? ? 118.05 122.90 -4.85 0.60 N 
42 2 N7    A DG  5  ? ? C8    A DG  5  ? ? N9    A DG 5  ? ? 116.67 113.10 3.57  0.50 N 
43 2 "O4'" A DT  6  ? ? "C1'" A DT  6  ? ? "C2'" A DT 6  ? ? 99.61  105.90 -6.29 0.80 N 
44 2 "O4'" A DT  6  ? ? "C1'" A DT  6  ? ? N1    A DT 6  ? ? 111.69 108.30 3.39  0.30 N 
45 2 C6    A DT  6  ? ? C5    A DT  6  ? ? C7    A DT 6  ? ? 118.54 122.90 -4.36 0.60 N 
46 2 "O4'" A DG  7  ? ? "C1'" A DG  7  ? ? "C2'" A DG 7  ? ? 100.43 105.90 -5.47 0.80 N 
47 2 "O4'" A DG  7  ? ? "C1'" A DG  7  ? ? N9    A DG 7  ? ? 111.66 108.30 3.36  0.30 N 
48 2 N7    A DG  7  ? ? C8    A DG  7  ? ? N9    A DG 7  ? ? 116.87 113.10 3.77  0.50 N 
49 2 "O4'" A DC  10 ? ? "C1'" A DC  10 ? ? "C2'" A DC 10 ? ? 100.89 105.90 -5.01 0.80 N 
50 2 N1    A DC  10 ? ? C2    A DC  10 ? ? O2    A DC 10 ? ? 122.51 118.90 3.61  0.60 N 
51 2 N7    A DG  11 ? ? C8    A DG  11 ? ? N9    A DG 11 ? ? 116.76 113.10 3.66  0.50 N 
52 2 "O4'" B DC  12 ? ? "C1'" B DC  12 ? ? "C2'" B DC 12 ? ? 99.35  105.90 -6.55 0.80 N 
53 2 "O4'" B DC  12 ? ? "C1'" B DC  12 ? ? N1    B DC 12 ? ? 110.74 108.30 2.44  0.30 N 
54 2 "O4'" B DG  13 ? ? "C1'" B DG  13 ? ? "C2'" B DG 13 ? ? 100.96 105.90 -4.94 0.80 N 
55 2 "O4'" B DG  13 ? ? "C1'" B DG  13 ? ? N9    B DG 13 ? ? 112.74 108.30 4.44  0.30 N 
56 2 N7    B DG  13 ? ? C8    B DG  13 ? ? N9    B DG 13 ? ? 116.37 113.10 3.27  0.50 N 
57 2 C6    B DT  14 ? ? C5    B DT  14 ? ? C7    B DT 14 ? ? 118.69 122.90 -4.21 0.60 N 
58 2 "O4'" B DA  15 ? ? "C1'" B DA  15 ? ? N9    B DA 15 ? ? 113.78 108.30 5.48  0.30 N 
59 2 N1    B DC  16 ? ? C2    B DC  16 ? ? O2    B DC 16 ? ? 122.81 118.90 3.91  0.60 N 
60 2 "C3'" B A38 17 ? ? "O3'" B A38 17 ? ? P     B DC 18 ? ? 128.11 119.70 8.41  1.20 Y 
61 2 "O4'" B DC  18 ? ? "C4'" B DC  18 ? ? "C3'" B DC 18 ? ? 109.82 106.00 3.82  0.60 N 
62 2 N1    B DC  18 ? ? C2    B DC  18 ? ? O2    B DC 18 ? ? 122.78 118.90 3.88  0.60 N 
63 2 "O4'" B DA  19 ? ? "C1'" B DA  19 ? ? N9    B DA 19 ? ? 113.32 108.30 5.02  0.30 N 
64 2 C6    B DT  20 ? ? C5    B DT  20 ? ? C7    B DT 20 ? ? 117.98 122.90 -4.92 0.60 N 
65 2 N7    B DG  21 ? ? C8    B DG  21 ? ? N9    B DG 21 ? ? 116.75 113.10 3.65  0.50 N 
66 2 N1    B DC  22 ? ? C2    B DC  22 ? ? O2    B DC 22 ? ? 122.56 118.90 3.66  0.60 N 
# 
_pdbx_struct_mod_residue.id               1 
_pdbx_struct_mod_residue.label_asym_id    B 
_pdbx_struct_mod_residue.label_comp_id    A38 
_pdbx_struct_mod_residue.label_seq_id     6 
_pdbx_struct_mod_residue.auth_asym_id     B 
_pdbx_struct_mod_residue.auth_comp_id     A38 
_pdbx_struct_mod_residue.auth_seq_id      17 
_pdbx_struct_mod_residue.PDB_ins_code     ? 
_pdbx_struct_mod_residue.parent_comp_id   DA 
_pdbx_struct_mod_residue.details          
;8-OXY DEOXYADENOSINE-5'-MONOPHOSPHATE
;
# 
_pdbx_nmr_ensemble.entry_id                                      1FJB 
_pdbx_nmr_ensemble.conformers_calculated_total_number            ? 
_pdbx_nmr_ensemble.conformers_submitted_total_number             2 
_pdbx_nmr_ensemble.conformer_selection_criteria                  ? 
_pdbx_nmr_ensemble.average_constraints_per_residue               ? 
_pdbx_nmr_ensemble.average_constraint_violations_per_residue     ? 
_pdbx_nmr_ensemble.maximum_distance_constraint_violation         ? 
_pdbx_nmr_ensemble.average_distance_constraint_violation         ? 
_pdbx_nmr_ensemble.maximum_upper_distance_constraint_violation   ? 
_pdbx_nmr_ensemble.maximum_lower_distance_constraint_violation   ? 
_pdbx_nmr_ensemble.distance_constraint_violation_method          ? 
_pdbx_nmr_ensemble.maximum_torsion_angle_constraint_violation    ? 
_pdbx_nmr_ensemble.average_torsion_angle_constraint_violation    ? 
_pdbx_nmr_ensemble.torsion_angle_constraint_violation_method     ? 
# 
_pdbx_nmr_software.classification   refinement 
_pdbx_nmr_software.name             X-PLOR 
_pdbx_nmr_software.version          ? 
_pdbx_nmr_software.authors          BRUNGER 
_pdbx_nmr_software.ordinal          1 
# 
loop_
_chem_comp_atom.comp_id 
_chem_comp_atom.atom_id 
_chem_comp_atom.type_symbol 
_chem_comp_atom.pdbx_aromatic_flag 
_chem_comp_atom.pdbx_stereo_config 
_chem_comp_atom.pdbx_ordinal 
A38 O3P    O N N 1   
A38 P      P N N 2   
A38 O1P    O N N 3   
A38 O2P    O N N 4   
A38 "O5'"  O N N 5   
A38 "C5'"  C N N 6   
A38 "C4'"  C N R 7   
A38 "O4'"  O N N 8   
A38 "C3'"  C N S 9   
A38 "O3'"  O N N 10  
A38 "C2'"  C N N 11  
A38 "C1'"  C N R 12  
A38 N9     N N N 13  
A38 C8     C N N 14  
A38 N7     N N N 15  
A38 C5     C Y N 16  
A38 C6     C Y N 17  
A38 N6     N N N 18  
A38 N1     N Y N 19  
A38 C2     C Y N 20  
A38 N3     N Y N 21  
A38 C4     C Y N 22  
A38 O      O N N 23  
A38 H3P    H N N 24  
A38 H2P    H N N 25  
A38 "H5'1" H N N 26  
A38 "H5'2" H N N 27  
A38 "H4'"  H N N 28  
A38 "H3'"  H N N 29  
A38 HA     H N N 30  
A38 "H2'1" H N N 31  
A38 "H2'2" H N N 32  
A38 "H1'"  H N N 33  
A38 H7     H N N 34  
A38 H6N1   H N N 35  
A38 H6N2   H N N 36  
A38 H2     H N N 37  
DA  OP3    O N N 38  
DA  P      P N N 39  
DA  OP1    O N N 40  
DA  OP2    O N N 41  
DA  "O5'"  O N N 42  
DA  "C5'"  C N N 43  
DA  "C4'"  C N R 44  
DA  "O4'"  O N N 45  
DA  "C3'"  C N S 46  
DA  "O3'"  O N N 47  
DA  "C2'"  C N N 48  
DA  "C1'"  C N R 49  
DA  N9     N Y N 50  
DA  C8     C Y N 51  
DA  N7     N Y N 52  
DA  C5     C Y N 53  
DA  C6     C Y N 54  
DA  N6     N N N 55  
DA  N1     N Y N 56  
DA  C2     C Y N 57  
DA  N3     N Y N 58  
DA  C4     C Y N 59  
DA  HOP3   H N N 60  
DA  HOP2   H N N 61  
DA  "H5'"  H N N 62  
DA  "H5''" H N N 63  
DA  "H4'"  H N N 64  
DA  "H3'"  H N N 65  
DA  "HO3'" H N N 66  
DA  "H2'"  H N N 67  
DA  "H2''" H N N 68  
DA  "H1'"  H N N 69  
DA  H8     H N N 70  
DA  H61    H N N 71  
DA  H62    H N N 72  
DA  H2     H N N 73  
DC  OP3    O N N 74  
DC  P      P N N 75  
DC  OP1    O N N 76  
DC  OP2    O N N 77  
DC  "O5'"  O N N 78  
DC  "C5'"  C N N 79  
DC  "C4'"  C N R 80  
DC  "O4'"  O N N 81  
DC  "C3'"  C N S 82  
DC  "O3'"  O N N 83  
DC  "C2'"  C N N 84  
DC  "C1'"  C N R 85  
DC  N1     N N N 86  
DC  C2     C N N 87  
DC  O2     O N N 88  
DC  N3     N N N 89  
DC  C4     C N N 90  
DC  N4     N N N 91  
DC  C5     C N N 92  
DC  C6     C N N 93  
DC  HOP3   H N N 94  
DC  HOP2   H N N 95  
DC  "H5'"  H N N 96  
DC  "H5''" H N N 97  
DC  "H4'"  H N N 98  
DC  "H3'"  H N N 99  
DC  "HO3'" H N N 100 
DC  "H2'"  H N N 101 
DC  "H2''" H N N 102 
DC  "H1'"  H N N 103 
DC  H41    H N N 104 
DC  H42    H N N 105 
DC  H5     H N N 106 
DC  H6     H N N 107 
DG  OP3    O N N 108 
DG  P      P N N 109 
DG  OP1    O N N 110 
DG  OP2    O N N 111 
DG  "O5'"  O N N 112 
DG  "C5'"  C N N 113 
DG  "C4'"  C N R 114 
DG  "O4'"  O N N 115 
DG  "C3'"  C N S 116 
DG  "O3'"  O N N 117 
DG  "C2'"  C N N 118 
DG  "C1'"  C N R 119 
DG  N9     N Y N 120 
DG  C8     C Y N 121 
DG  N7     N Y N 122 
DG  C5     C Y N 123 
DG  C6     C N N 124 
DG  O6     O N N 125 
DG  N1     N N N 126 
DG  C2     C N N 127 
DG  N2     N N N 128 
DG  N3     N N N 129 
DG  C4     C Y N 130 
DG  HOP3   H N N 131 
DG  HOP2   H N N 132 
DG  "H5'"  H N N 133 
DG  "H5''" H N N 134 
DG  "H4'"  H N N 135 
DG  "H3'"  H N N 136 
DG  "HO3'" H N N 137 
DG  "H2'"  H N N 138 
DG  "H2''" H N N 139 
DG  "H1'"  H N N 140 
DG  H8     H N N 141 
DG  H1     H N N 142 
DG  H21    H N N 143 
DG  H22    H N N 144 
DT  OP3    O N N 145 
DT  P      P N N 146 
DT  OP1    O N N 147 
DT  OP2    O N N 148 
DT  "O5'"  O N N 149 
DT  "C5'"  C N N 150 
DT  "C4'"  C N R 151 
DT  "O4'"  O N N 152 
DT  "C3'"  C N S 153 
DT  "O3'"  O N N 154 
DT  "C2'"  C N N 155 
DT  "C1'"  C N R 156 
DT  N1     N N N 157 
DT  C2     C N N 158 
DT  O2     O N N 159 
DT  N3     N N N 160 
DT  C4     C N N 161 
DT  O4     O N N 162 
DT  C5     C N N 163 
DT  C7     C N N 164 
DT  C6     C N N 165 
DT  HOP3   H N N 166 
DT  HOP2   H N N 167 
DT  "H5'"  H N N 168 
DT  "H5''" H N N 169 
DT  "H4'"  H N N 170 
DT  "H3'"  H N N 171 
DT  "HO3'" H N N 172 
DT  "H2'"  H N N 173 
DT  "H2''" H N N 174 
DT  "H1'"  H N N 175 
DT  H3     H N N 176 
DT  H71    H N N 177 
DT  H72    H N N 178 
DT  H73    H N N 179 
DT  H6     H N N 180 
# 
loop_
_chem_comp_bond.comp_id 
_chem_comp_bond.atom_id_1 
_chem_comp_bond.atom_id_2 
_chem_comp_bond.value_order 
_chem_comp_bond.pdbx_aromatic_flag 
_chem_comp_bond.pdbx_stereo_config 
_chem_comp_bond.pdbx_ordinal 
A38 O3P   P      sing N N 1   
A38 O3P   H3P    sing N N 2   
A38 P     O1P    doub N N 3   
A38 P     O2P    sing N N 4   
A38 P     "O5'"  sing N N 5   
A38 O2P   H2P    sing N N 6   
A38 "O5'" "C5'"  sing N N 7   
A38 "C5'" "C4'"  sing N N 8   
A38 "C5'" "H5'1" sing N N 9   
A38 "C5'" "H5'2" sing N N 10  
A38 "C4'" "O4'"  sing N N 11  
A38 "C4'" "C3'"  sing N N 12  
A38 "C4'" "H4'"  sing N N 13  
A38 "O4'" "C1'"  sing N N 14  
A38 "C3'" "O3'"  sing N N 15  
A38 "C3'" "C2'"  sing N N 16  
A38 "C3'" "H3'"  sing N N 17  
A38 "O3'" HA     sing N N 18  
A38 "C2'" "C1'"  sing N N 19  
A38 "C2'" "H2'1" sing N N 20  
A38 "C2'" "H2'2" sing N N 21  
A38 "C1'" N9     sing N N 22  
A38 "C1'" "H1'"  sing N N 23  
A38 N9    C8     sing N N 24  
A38 N9    C4     sing N N 25  
A38 C8    N7     sing N N 26  
A38 C8    O      doub N N 27  
A38 N7    C5     sing N N 28  
A38 N7    H7     sing N N 29  
A38 C5    C6     doub Y N 30  
A38 C5    C4     sing Y N 31  
A38 C6    N6     sing N N 32  
A38 C6    N1     sing Y N 33  
A38 N6    H6N1   sing N N 34  
A38 N6    H6N2   sing N N 35  
A38 N1    C2     doub Y N 36  
A38 C2    N3     sing Y N 37  
A38 C2    H2     sing N N 38  
A38 N3    C4     doub Y N 39  
DA  OP3   P      sing N N 40  
DA  OP3   HOP3   sing N N 41  
DA  P     OP1    doub N N 42  
DA  P     OP2    sing N N 43  
DA  P     "O5'"  sing N N 44  
DA  OP2   HOP2   sing N N 45  
DA  "O5'" "C5'"  sing N N 46  
DA  "C5'" "C4'"  sing N N 47  
DA  "C5'" "H5'"  sing N N 48  
DA  "C5'" "H5''" sing N N 49  
DA  "C4'" "O4'"  sing N N 50  
DA  "C4'" "C3'"  sing N N 51  
DA  "C4'" "H4'"  sing N N 52  
DA  "O4'" "C1'"  sing N N 53  
DA  "C3'" "O3'"  sing N N 54  
DA  "C3'" "C2'"  sing N N 55  
DA  "C3'" "H3'"  sing N N 56  
DA  "O3'" "HO3'" sing N N 57  
DA  "C2'" "C1'"  sing N N 58  
DA  "C2'" "H2'"  sing N N 59  
DA  "C2'" "H2''" sing N N 60  
DA  "C1'" N9     sing N N 61  
DA  "C1'" "H1'"  sing N N 62  
DA  N9    C8     sing Y N 63  
DA  N9    C4     sing Y N 64  
DA  C8    N7     doub Y N 65  
DA  C8    H8     sing N N 66  
DA  N7    C5     sing Y N 67  
DA  C5    C6     sing Y N 68  
DA  C5    C4     doub Y N 69  
DA  C6    N6     sing N N 70  
DA  C6    N1     doub Y N 71  
DA  N6    H61    sing N N 72  
DA  N6    H62    sing N N 73  
DA  N1    C2     sing Y N 74  
DA  C2    N3     doub Y N 75  
DA  C2    H2     sing N N 76  
DA  N3    C4     sing Y N 77  
DC  OP3   P      sing N N 78  
DC  OP3   HOP3   sing N N 79  
DC  P     OP1    doub N N 80  
DC  P     OP2    sing N N 81  
DC  P     "O5'"  sing N N 82  
DC  OP2   HOP2   sing N N 83  
DC  "O5'" "C5'"  sing N N 84  
DC  "C5'" "C4'"  sing N N 85  
DC  "C5'" "H5'"  sing N N 86  
DC  "C5'" "H5''" sing N N 87  
DC  "C4'" "O4'"  sing N N 88  
DC  "C4'" "C3'"  sing N N 89  
DC  "C4'" "H4'"  sing N N 90  
DC  "O4'" "C1'"  sing N N 91  
DC  "C3'" "O3'"  sing N N 92  
DC  "C3'" "C2'"  sing N N 93  
DC  "C3'" "H3'"  sing N N 94  
DC  "O3'" "HO3'" sing N N 95  
DC  "C2'" "C1'"  sing N N 96  
DC  "C2'" "H2'"  sing N N 97  
DC  "C2'" "H2''" sing N N 98  
DC  "C1'" N1     sing N N 99  
DC  "C1'" "H1'"  sing N N 100 
DC  N1    C2     sing N N 101 
DC  N1    C6     sing N N 102 
DC  C2    O2     doub N N 103 
DC  C2    N3     sing N N 104 
DC  N3    C4     doub N N 105 
DC  C4    N4     sing N N 106 
DC  C4    C5     sing N N 107 
DC  N4    H41    sing N N 108 
DC  N4    H42    sing N N 109 
DC  C5    C6     doub N N 110 
DC  C5    H5     sing N N 111 
DC  C6    H6     sing N N 112 
DG  OP3   P      sing N N 113 
DG  OP3   HOP3   sing N N 114 
DG  P     OP1    doub N N 115 
DG  P     OP2    sing N N 116 
DG  P     "O5'"  sing N N 117 
DG  OP2   HOP2   sing N N 118 
DG  "O5'" "C5'"  sing N N 119 
DG  "C5'" "C4'"  sing N N 120 
DG  "C5'" "H5'"  sing N N 121 
DG  "C5'" "H5''" sing N N 122 
DG  "C4'" "O4'"  sing N N 123 
DG  "C4'" "C3'"  sing N N 124 
DG  "C4'" "H4'"  sing N N 125 
DG  "O4'" "C1'"  sing N N 126 
DG  "C3'" "O3'"  sing N N 127 
DG  "C3'" "C2'"  sing N N 128 
DG  "C3'" "H3'"  sing N N 129 
DG  "O3'" "HO3'" sing N N 130 
DG  "C2'" "C1'"  sing N N 131 
DG  "C2'" "H2'"  sing N N 132 
DG  "C2'" "H2''" sing N N 133 
DG  "C1'" N9     sing N N 134 
DG  "C1'" "H1'"  sing N N 135 
DG  N9    C8     sing Y N 136 
DG  N9    C4     sing Y N 137 
DG  C8    N7     doub Y N 138 
DG  C8    H8     sing N N 139 
DG  N7    C5     sing Y N 140 
DG  C5    C6     sing N N 141 
DG  C5    C4     doub Y N 142 
DG  C6    O6     doub N N 143 
DG  C6    N1     sing N N 144 
DG  N1    C2     sing N N 145 
DG  N1    H1     sing N N 146 
DG  C2    N2     sing N N 147 
DG  C2    N3     doub N N 148 
DG  N2    H21    sing N N 149 
DG  N2    H22    sing N N 150 
DG  N3    C4     sing N N 151 
DT  OP3   P      sing N N 152 
DT  OP3   HOP3   sing N N 153 
DT  P     OP1    doub N N 154 
DT  P     OP2    sing N N 155 
DT  P     "O5'"  sing N N 156 
DT  OP2   HOP2   sing N N 157 
DT  "O5'" "C5'"  sing N N 158 
DT  "C5'" "C4'"  sing N N 159 
DT  "C5'" "H5'"  sing N N 160 
DT  "C5'" "H5''" sing N N 161 
DT  "C4'" "O4'"  sing N N 162 
DT  "C4'" "C3'"  sing N N 163 
DT  "C4'" "H4'"  sing N N 164 
DT  "O4'" "C1'"  sing N N 165 
DT  "C3'" "O3'"  sing N N 166 
DT  "C3'" "C2'"  sing N N 167 
DT  "C3'" "H3'"  sing N N 168 
DT  "O3'" "HO3'" sing N N 169 
DT  "C2'" "C1'"  sing N N 170 
DT  "C2'" "H2'"  sing N N 171 
DT  "C2'" "H2''" sing N N 172 
DT  "C1'" N1     sing N N 173 
DT  "C1'" "H1'"  sing N N 174 
DT  N1    C2     sing N N 175 
DT  N1    C6     sing N N 176 
DT  C2    O2     doub N N 177 
DT  C2    N3     sing N N 178 
DT  N3    C4     sing N N 179 
DT  N3    H3     sing N N 180 
DT  C4    O4     doub N N 181 
DT  C4    C5     sing N N 182 
DT  C5    C7     sing N N 183 
DT  C5    C6     doub N N 184 
DT  C7    H71    sing N N 185 
DT  C7    H72    sing N N 186 
DT  C7    H73    sing N N 187 
DT  C6    H6     sing N N 188 
# 
loop_
_ndb_struct_conf_na.entry_id 
_ndb_struct_conf_na.feature 
1FJB 'double helix'        
1FJB 'b-form double helix' 
# 
loop_
_ndb_struct_na_base_pair.model_number 
_ndb_struct_na_base_pair.i_label_asym_id 
_ndb_struct_na_base_pair.i_label_comp_id 
_ndb_struct_na_base_pair.i_label_seq_id 
_ndb_struct_na_base_pair.i_symmetry 
_ndb_struct_na_base_pair.j_label_asym_id 
_ndb_struct_na_base_pair.j_label_comp_id 
_ndb_struct_na_base_pair.j_label_seq_id 
_ndb_struct_na_base_pair.j_symmetry 
_ndb_struct_na_base_pair.shear 
_ndb_struct_na_base_pair.stretch 
_ndb_struct_na_base_pair.stagger 
_ndb_struct_na_base_pair.buckle 
_ndb_struct_na_base_pair.propeller 
_ndb_struct_na_base_pair.opening 
_ndb_struct_na_base_pair.pair_number 
_ndb_struct_na_base_pair.pair_name 
_ndb_struct_na_base_pair.i_auth_asym_id 
_ndb_struct_na_base_pair.i_auth_seq_id 
_ndb_struct_na_base_pair.i_PDB_ins_code 
_ndb_struct_na_base_pair.j_auth_asym_id 
_ndb_struct_na_base_pair.j_auth_seq_id 
_ndb_struct_na_base_pair.j_PDB_ins_code 
_ndb_struct_na_base_pair.hbond_type_28 
_ndb_struct_na_base_pair.hbond_type_12 
1 A DG 1  1_555 B DC  11 1_555 -0.457 -0.340 -0.164 -7.992 -6.401  -2.418 1  A_DG1:DC22_B  A 1  ? B 22 ? 19 1 
1 A DC 2  1_555 B DG  10 1_555 0.606  -0.416 0.133  -5.220 -10.917 -3.886 2  A_DC2:DG21_B  A 2  ? B 21 ? 19 1 
1 A DA 3  1_555 B DT  9  1_555 0.073  -0.226 0.145  -1.826 -9.898  -2.752 3  A_DA3:DT20_B  A 3  ? B 20 ? 20 1 
1 A DT 4  1_555 B DA  8  1_555 -0.192 -0.174 0.220  1.554  -9.111  -4.026 4  A_DT4:DA19_B  A 4  ? B 19 ? 20 1 
1 A DG 5  1_555 B DC  7  1_555 -0.637 -0.356 0.139  1.236  -7.706  -1.469 5  A_DG5:DC18_B  A 5  ? B 18 ? 19 1 
1 A DT 6  1_555 B A38 6  1_555 -0.337 -0.131 0.092  1.370  -12.225 -3.628 6  A_DT6:A3817_B A 6  ? B 17 ? 20 1 
1 A DG 7  1_555 B DC  5  1_555 -0.629 -0.397 0.484  7.880  -7.197  -3.800 7  A_DG7:DC16_B  A 7  ? B 16 ? 19 1 
1 A DT 8  1_555 B DA  4  1_555 -0.293 -0.262 0.372  1.842  -14.780 -6.345 8  A_DT8:DA15_B  A 8  ? B 15 ? 20 1 
1 A DA 9  1_555 B DT  3  1_555 0.336  -0.196 0.554  15.414 -20.299 -2.083 9  A_DA9:DT14_B  A 9  ? B 14 ? 20 1 
1 A DC 10 1_555 B DG  2  1_555 0.577  -0.360 0.140  11.530 -18.847 -1.797 10 A_DC10:DG13_B A 10 ? B 13 ? 19 1 
1 A DG 11 1_555 B DC  1  1_555 -0.641 -0.443 0.011  5.242  -11.837 -0.294 11 A_DG11:DC12_B A 11 ? B 12 ? 19 1 
# 
loop_
_ndb_struct_na_base_pair_step.model_number 
_ndb_struct_na_base_pair_step.i_label_asym_id_1 
_ndb_struct_na_base_pair_step.i_label_comp_id_1 
_ndb_struct_na_base_pair_step.i_label_seq_id_1 
_ndb_struct_na_base_pair_step.i_symmetry_1 
_ndb_struct_na_base_pair_step.j_label_asym_id_1 
_ndb_struct_na_base_pair_step.j_label_comp_id_1 
_ndb_struct_na_base_pair_step.j_label_seq_id_1 
_ndb_struct_na_base_pair_step.j_symmetry_1 
_ndb_struct_na_base_pair_step.i_label_asym_id_2 
_ndb_struct_na_base_pair_step.i_label_comp_id_2 
_ndb_struct_na_base_pair_step.i_label_seq_id_2 
_ndb_struct_na_base_pair_step.i_symmetry_2 
_ndb_struct_na_base_pair_step.j_label_asym_id_2 
_ndb_struct_na_base_pair_step.j_label_comp_id_2 
_ndb_struct_na_base_pair_step.j_label_seq_id_2 
_ndb_struct_na_base_pair_step.j_symmetry_2 
_ndb_struct_na_base_pair_step.shift 
_ndb_struct_na_base_pair_step.slide 
_ndb_struct_na_base_pair_step.rise 
_ndb_struct_na_base_pair_step.tilt 
_ndb_struct_na_base_pair_step.roll 
_ndb_struct_na_base_pair_step.twist 
_ndb_struct_na_base_pair_step.x_displacement 
_ndb_struct_na_base_pair_step.y_displacement 
_ndb_struct_na_base_pair_step.helical_rise 
_ndb_struct_na_base_pair_step.inclination 
_ndb_struct_na_base_pair_step.tip 
_ndb_struct_na_base_pair_step.helical_twist 
_ndb_struct_na_base_pair_step.step_number 
_ndb_struct_na_base_pair_step.step_name 
_ndb_struct_na_base_pair_step.i_auth_asym_id_1 
_ndb_struct_na_base_pair_step.i_auth_seq_id_1 
_ndb_struct_na_base_pair_step.i_PDB_ins_code_1 
_ndb_struct_na_base_pair_step.j_auth_asym_id_1 
_ndb_struct_na_base_pair_step.j_auth_seq_id_1 
_ndb_struct_na_base_pair_step.j_PDB_ins_code_1 
_ndb_struct_na_base_pair_step.i_auth_asym_id_2 
_ndb_struct_na_base_pair_step.i_auth_seq_id_2 
_ndb_struct_na_base_pair_step.i_PDB_ins_code_2 
_ndb_struct_na_base_pair_step.j_auth_asym_id_2 
_ndb_struct_na_base_pair_step.j_auth_seq_id_2 
_ndb_struct_na_base_pair_step.j_PDB_ins_code_2 
1 A DG 1  1_555 B DC  11 1_555 A DC 2  1_555 B DG  10 1_555 -0.617 -0.765 3.492 -1.116 -12.547 36.414 0.573  0.783  3.571 -19.379 
1.723  38.461 1  AA_DG1DC2:DG21DC22_BB   A 1  ? B 22 ? A 2  ? B 21 ? 
1 A DC 2  1_555 B DG  10 1_555 A DA 3  1_555 B DT  9  1_555 1.191  -0.161 3.103 2.986  4.155   39.988 -0.684 -1.405 3.149 6.046   
-4.344 40.300 2  AA_DC2DA3:DT20DG21_BB   A 2  ? B 21 ? A 3  ? B 20 ? 
1 A DA 3  1_555 B DT  9  1_555 A DT 4  1_555 B DA  8  1_555 0.503  -1.592 3.133 -0.183 -1.272  27.099 -3.082 -1.116 3.200 -2.713  
0.390  27.129 3  AA_DA3DT4:DA19DT20_BB   A 3  ? B 20 ? A 4  ? B 19 ? 
1 A DT 4  1_555 B DA  8  1_555 A DG 5  1_555 B DC  7  1_555 -0.561 -1.455 2.852 -1.973 8.125   31.168 -3.809 0.722  2.436 14.791  
3.592  32.243 4  AA_DT4DG5:DC18DA19_BB   A 4  ? B 19 ? A 5  ? B 18 ? 
1 A DG 5  1_555 B DC  7  1_555 A DT 6  1_555 B A38 6  1_555 0.382  -1.162 3.216 2.452  -2.231  36.505 -1.543 -0.272 3.297 -3.552  
-3.904 36.650 5  AA_DG5DT6:A3817DC18_BB  A 5  ? B 18 ? A 6  ? B 17 ? 
1 A DT 6  1_555 B A38 6  1_555 A DG 7  1_555 B DC  5  1_555 -0.143 -1.052 2.819 -6.038 5.729   34.085 -2.470 -0.524 2.600 9.598   
10.115 35.057 6  AA_DT6DG7:DC16A3817_BB  A 6  ? B 17 ? A 7  ? B 16 ? 
1 A DG 7  1_555 B DC  5  1_555 A DT 8  1_555 B DA  4  1_555 -0.513 -1.147 3.453 -1.682 0.726   38.809 -1.817 0.555  3.450 1.092   
2.530  38.850 7  AA_DG7DT8:DA15DC16_BB   A 7  ? B 16 ? A 8  ? B 15 ? 
1 A DT 8  1_555 B DA  4  1_555 A DA 9  1_555 B DT  3  1_555 -0.059 -0.769 2.833 -0.390 0.840   36.657 -1.321 0.048  2.816 1.335   
0.621  36.668 8  AA_DT8DA9:DT14DA15_BB   A 8  ? B 15 ? A 9  ? B 14 ? 
1 A DA 9  1_555 B DT  3  1_555 A DC 10 1_555 B DG  2  1_555 0.605  -1.050 3.303 1.339  -6.842  37.190 -0.703 -0.753 3.454 -10.614 
-2.077 37.816 9  AA_DA9DC10:DG13DT14_BB  A 9  ? B 14 ? A 10 ? B 13 ? 
1 A DC 10 1_555 B DG  2  1_555 A DG 11 1_555 B DC  1  1_555 -0.228 -1.948 3.354 -2.141 8.397   25.776 -6.126 -0.020 2.611 18.181  
4.635  27.170 10 AA_DC10DG11:DC12DG13_BB A 10 ? B 13 ? A 11 ? B 12 ? 
# 
_atom_sites.entry_id                    1FJB 
_atom_sites.fract_transf_matrix[1][1]   1.000000 
_atom_sites.fract_transf_matrix[1][2]   0.000000 
_atom_sites.fract_transf_matrix[1][3]   0.000000 
_atom_sites.fract_transf_matrix[2][1]   0.000000 
_atom_sites.fract_transf_matrix[2][2]   1.000000 
_atom_sites.fract_transf_matrix[2][3]   0.000000 
_atom_sites.fract_transf_matrix[3][1]   0.000000 
_atom_sites.fract_transf_matrix[3][2]   0.000000 
_atom_sites.fract_transf_matrix[3][3]   1.000000 
_atom_sites.fract_transf_vector[1]      0.00000 
_atom_sites.fract_transf_vector[2]      0.00000 
_atom_sites.fract_transf_vector[3]      0.00000 
# 
loop_
_atom_type.symbol 
C 
H 
N 
O 
P 
# 
loop_
_atom_site.group_PDB 
_atom_site.id 
_atom_site.type_symbol 
_atom_site.label_atom_id 
_atom_site.label_alt_id 
_atom_site.label_comp_id 
_atom_site.label_asym_id 
_atom_site.label_entity_id 
_atom_site.label_seq_id 
_atom_site.pdbx_PDB_ins_code 
_atom_site.Cartn_x 
_atom_site.Cartn_y 
_atom_site.Cartn_z 
_atom_site.occupancy 
_atom_site.B_iso_or_equiv 
_atom_site.pdbx_formal_charge 
_atom_site.auth_seq_id 
_atom_site.auth_comp_id 
_atom_site.auth_asym_id 
_atom_site.auth_atom_id 
_atom_site.pdbx_PDB_model_num 
ATOM   1    O "O5'"  . DG  A 1 1  ? -11.348 -8.821  13.098  1.00 0.72 ? 1  DG  A "O5'"  1 
ATOM   2    C "C5'"  . DG  A 1 1  ? -10.529 -9.816  13.716  1.00 0.57 ? 1  DG  A "C5'"  1 
ATOM   3    C "C4'"  . DG  A 1 1  ? -9.301  -10.125 12.856  1.00 0.43 ? 1  DG  A "C4'"  1 
ATOM   4    O "O4'"  . DG  A 1 1  ? -9.691  -10.553 11.539  1.00 0.44 ? 1  DG  A "O4'"  1 
ATOM   5    C "C3'"  . DG  A 1 1  ? -8.412  -8.880  12.688  1.00 0.50 ? 1  DG  A "C3'"  1 
ATOM   6    O "O3'"  . DG  A 1 1  ? -7.148  -9.199  13.287  1.00 0.54 ? 1  DG  A "O3'"  1 
ATOM   7    C "C2'"  . DG  A 1 1  ? -8.486  -8.639  11.173  1.00 0.57 ? 1  DG  A "C2'"  1 
ATOM   8    C "C1'"  . DG  A 1 1  ? -8.788  -9.980  10.590  1.00 0.53 ? 1  DG  A "C1'"  1 
ATOM   9    N N9     . DG  A 1 1  ? -9.492  -9.958  9.289   1.00 0.59 ? 1  DG  A N9     1 
ATOM   10   C C8     . DG  A 1 1  ? -10.591 -9.249  8.883   1.00 0.78 ? 1  DG  A C8     1 
ATOM   11   N N7     . DG  A 1 1  ? -11.003 -9.466  7.674   1.00 0.79 ? 1  DG  A N7     1 
ATOM   12   C C5     . DG  A 1 1  ? -10.090 -10.415 7.223   1.00 0.60 ? 1  DG  A C5     1 
ATOM   13   C C6     . DG  A 1 1  ? -10.002 -11.060 5.969   1.00 0.55 ? 1  DG  A C6     1 
ATOM   14   O O6     . DG  A 1 1  ? -10.712 -10.942 4.978   1.00 0.62 ? 1  DG  A O6     1 
ATOM   15   N N1     . DG  A 1 1  ? -8.951  -11.935 5.924   1.00 0.47 ? 1  DG  A N1     1 
ATOM   16   C C2     . DG  A 1 1  ? -8.082  -12.167 6.954   1.00 0.45 ? 1  DG  A C2     1 
ATOM   17   N N2     . DG  A 1 1  ? -7.120  -13.028 6.730   1.00 0.53 ? 1  DG  A N2     1 
ATOM   18   N N3     . DG  A 1 1  ? -8.143  -11.578 8.136   1.00 0.41 ? 1  DG  A N3     1 
ATOM   19   C C4     . DG  A 1 1  ? -9.171  -10.713 8.201   1.00 0.50 ? 1  DG  A C4     1 
ATOM   20   H "H5'"  . DG  A 1 1  ? -11.109 -10.729 13.849  1.00 0.66 ? 1  DG  A "H5'"  1 
ATOM   21   H "H5''" . DG  A 1 1  ? -10.213 -9.449  14.694  1.00 0.73 ? 1  DG  A "H5''" 1 
ATOM   22   H "H4'"  . DG  A 1 1  ? -8.709  -10.933 13.285  1.00 0.43 ? 1  DG  A "H4'"  1 
ATOM   23   H "H3'"  . DG  A 1 1  ? -8.813  -8.048  13.266  1.00 0.62 ? 1  DG  A "H3'"  1 
ATOM   24   H "H2'"  . DG  A 1 1  ? -9.292  -7.944  10.935  1.00 0.67 ? 1  DG  A "H2'"  1 
ATOM   25   H "H2''" . DG  A 1 1  ? -7.616  -8.220  10.665  1.00 0.66 ? 1  DG  A "H2''" 1 
ATOM   26   H "H1'"  . DG  A 1 1  ? -7.802  -10.446 10.575  1.00 0.50 ? 1  DG  A "H1'"  1 
ATOM   27   H H8     . DG  A 1 1  ? -11.123 -8.534  9.511   1.00 0.96 ? 1  DG  A H8     1 
ATOM   28   H H1     . DG  A 1 1  ? -8.852  -12.424 5.049   1.00 0.49 ? 1  DG  A H1     1 
ATOM   29   H H21    . DG  A 1 1  ? -7.053  -13.515 5.844   1.00 0.58 ? 1  DG  A H21    1 
ATOM   30   H H22    . DG  A 1 1  ? -6.464  -13.151 7.487   1.00 0.58 ? 1  DG  A H22    1 
ATOM   31   H "HO5'" . DG  A 1 1  ? -11.373 -9.059  12.167  1.00 0.77 ? 1  DG  A "HO5'" 1 
ATOM   32   P P      . DC  A 1 2  ? -5.726  -9.533  12.610  1.00 0.60 ? 2  DC  A P      1 
ATOM   33   O OP1    . DC  A 1 2  ? -4.953  -10.280 13.630  1.00 0.79 ? 2  DC  A OP1    1 
ATOM   34   O OP2    . DC  A 1 2  ? -5.173  -8.289  12.031  1.00 0.83 ? 2  DC  A OP2    1 
ATOM   35   O "O5'"  . DC  A 1 2  ? -6.070  -10.538 11.393  1.00 0.68 ? 2  DC  A "O5'"  1 
ATOM   36   C "C5'"  . DC  A 1 2  ? -5.749  -11.941 11.374  1.00 0.72 ? 2  DC  A "C5'"  1 
ATOM   37   C "C4'"  . DC  A 1 2  ? -4.811  -12.314 10.217  1.00 0.62 ? 2  DC  A "C4'"  1 
ATOM   38   O "O4'"  . DC  A 1 2  ? -5.327  -11.959 8.905   1.00 0.56 ? 2  DC  A "O4'"  1 
ATOM   39   C "C3'"  . DC  A 1 2  ? -3.490  -11.581 10.387  1.00 0.62 ? 2  DC  A "C3'"  1 
ATOM   40   O "O3'"  . DC  A 1 2  ? -2.435  -12.357 9.809   1.00 0.66 ? 2  DC  A "O3'"  1 
ATOM   41   C "C2'"  . DC  A 1 2  ? -3.872  -10.317 9.568   1.00 0.50 ? 2  DC  A "C2'"  1 
ATOM   42   C "C1'"  . DC  A 1 2  ? -4.505  -10.924 8.314   1.00 0.46 ? 2  DC  A "C1'"  1 
ATOM   43   N N1     . DC  A 1 2  ? -5.319  -10.046 7.397   1.00 0.40 ? 2  DC  A N1     1 
ATOM   44   C C2     . DC  A 1 2  ? -5.489  -10.505 6.096   1.00 0.38 ? 2  DC  A C2     1 
ATOM   45   O O2     . DC  A 1 2  ? -4.945  -11.524 5.675   1.00 0.44 ? 2  DC  A O2     1 
ATOM   46   N N3     . DC  A 1 2  ? -6.271  -9.789  5.248   1.00 0.41 ? 2  DC  A N3     1 
ATOM   47   C C4     . DC  A 1 2  ? -6.871  -8.663  5.632   1.00 0.41 ? 2  DC  A C4     1 
ATOM   48   N N4     . DC  A 1 2  ? -7.638  -8.016  4.766   1.00 0.48 ? 2  DC  A N4     1 
ATOM   49   C C5     . DC  A 1 2  ? -6.715  -8.157  6.947   1.00 0.45 ? 2  DC  A C5     1 
ATOM   50   C C6     . DC  A 1 2  ? -5.936  -8.870  7.786   1.00 0.47 ? 2  DC  A C6     1 
ATOM   51   H "H5'"  . DC  A 1 2  ? -6.675  -12.512 11.301  1.00 0.82 ? 2  DC  A "H5'"  1 
ATOM   52   H "H5''" . DC  A 1 2  ? -5.221  -12.209 12.288  1.00 0.83 ? 2  DC  A "H5''" 1 
ATOM   53   H "H4'"  . DC  A 1 2  ? -4.614  -13.385 10.263  1.00 0.68 ? 2  DC  A "H4'"  1 
ATOM   54   H "H3'"  . DC  A 1 2  ? -3.247  -11.567 11.450  1.00 0.68 ? 2  DC  A "H3'"  1 
ATOM   55   H "H2'"  . DC  A 1 2  ? -4.667  -9.802  10.106  1.00 0.54 ? 2  DC  A "H2'"  1 
ATOM   56   H "H2''" . DC  A 1 2  ? -3.020  -9.724  9.236   1.00 0.49 ? 2  DC  A "H2''" 1 
ATOM   57   H "H1'"  . DC  A 1 2  ? -3.736  -11.435 7.733   1.00 0.42 ? 2  DC  A "H1'"  1 
ATOM   58   H H41    . DC  A 1 2  ? -7.766  -8.422  3.849   1.00 0.56 ? 2  DC  A H41    1 
ATOM   59   H H42    . DC  A 1 2  ? -8.087  -7.146  5.012   1.00 0.57 ? 2  DC  A H42    1 
ATOM   60   H H5     . DC  A 1 2  ? -7.212  -7.241  7.268   1.00 0.54 ? 2  DC  A H5     1 
ATOM   61   H H6     . DC  A 1 2  ? -5.836  -8.390  8.760   1.00 0.59 ? 2  DC  A H6     1 
ATOM   62   P P      . DA  A 1 3  ? -0.897  -11.876 9.759   1.00 0.76 ? 3  DA  A P      1 
ATOM   63   O OP1    . DA  A 1 3  ? -0.038  -12.975 10.255  1.00 1.00 ? 3  DA  A OP1    1 
ATOM   64   O OP2    . DA  A 1 3  ? -0.783  -10.520 10.344  1.00 0.90 ? 3  DA  A OP2    1 
ATOM   65   O "O5'"  . DA  A 1 3  ? -0.707  -11.751 8.177   1.00 0.53 ? 3  DA  A "O5'"  1 
ATOM   66   C "C5'"  . DA  A 1 3  ? -0.774  -12.934 7.374   1.00 0.54 ? 3  DA  A "C5'"  1 
ATOM   67   C "C4'"  . DA  A 1 3  ? -0.658  -12.619 5.902   1.00 0.43 ? 3  DA  A "C4'"  1 
ATOM   68   O "O4'"  . DA  A 1 3  ? -1.734  -11.745 5.481   1.00 0.35 ? 3  DA  A "O4'"  1 
ATOM   69   C "C3'"  . DA  A 1 3  ? 0.673   -11.915 5.574   1.00 0.40 ? 3  DA  A "C3'"  1 
ATOM   70   O "O3'"  . DA  A 1 3  ? 1.353   -12.628 4.534   1.00 0.41 ? 3  DA  A "O3'"  1 
ATOM   71   C "C2'"  . DA  A 1 3  ? 0.209   -10.490 5.177   1.00 0.34 ? 3  DA  A "C2'"  1 
ATOM   72   C "C1'"  . DA  A 1 3  ? -1.210  -10.678 4.672   1.00 0.29 ? 3  DA  A "C1'"  1 
ATOM   73   N N9     . DA  A 1 3  ? -2.086  -9.488  4.780   1.00 0.24 ? 3  DA  A N9     1 
ATOM   74   C C8     . DA  A 1 3  ? -2.255  -8.578  5.787   1.00 0.26 ? 3  DA  A C8     1 
ATOM   75   N N7     . DA  A 1 3  ? -3.140  -7.646  5.578   1.00 0.28 ? 3  DA  A N7     1 
ATOM   76   C C5     . DA  A 1 3  ? -3.604  -7.968  4.305   1.00 0.27 ? 3  DA  A C5     1 
ATOM   77   C C6     . DA  A 1 3  ? -4.563  -7.378  3.472   1.00 0.35 ? 3  DA  A C6     1 
ATOM   78   N N6     . DA  A 1 3  ? -5.250  -6.302  3.840   1.00 0.42 ? 3  DA  A N6     1 
ATOM   79   N N1     . DA  A 1 3  ? -4.779  -7.942  2.276   1.00 0.38 ? 3  DA  A N1     1 
ATOM   80   C C2     . DA  A 1 3  ? -4.089  -9.025  1.926   1.00 0.34 ? 3  DA  A C2     1 
ATOM   81   N N3     . DA  A 1 3  ? -3.168  -9.668  2.622   1.00 0.28 ? 3  DA  A N3     1 
ATOM   82   C C4     . DA  A 1 3  ? -2.971  -9.078  3.818   1.00 0.24 ? 3  DA  A C4     1 
ATOM   83   H "H5'"  . DA  A 1 3  ? -1.726  -13.443 7.518   1.00 0.63 ? 3  DA  A "H5'"  1 
ATOM   84   H "H5''" . DA  A 1 3  ? 0.040   -13.597 7.664   1.00 0.64 ? 3  DA  A "H5''" 1 
ATOM   85   H "H4'"  . DA  A 1 3  ? -0.723  -13.589 5.412   1.00 0.50 ? 3  DA  A "H4'"  1 
ATOM   86   H "H3'"  . DA  A 1 3  ? 1.310   -11.976 6.456   1.00 0.51 ? 3  DA  A "H3'"  1 
ATOM   87   H "H2'"  . DA  A 1 3  ? 0.211   -9.849  6.058   1.00 0.43 ? 3  DA  A "H2'"  1 
ATOM   88   H "H2''" . DA  A 1 3  ? 0.796   -9.985  4.410   1.00 0.40 ? 3  DA  A "H2''" 1 
ATOM   89   H "H1'"  . DA  A 1 3  ? -1.167  -10.963 3.620   1.00 0.32 ? 3  DA  A "H1'"  1 
ATOM   90   H H8     . DA  A 1 3  ? -1.691  -8.597  6.719   1.00 0.31 ? 3  DA  A H8     1 
ATOM   91   H H61    . DA  A 1 3  ? -5.982  -5.921  3.252   1.00 0.46 ? 3  DA  A H61    1 
ATOM   92   H H62    . DA  A 1 3  ? -5.022  -5.873  4.725   1.00 0.50 ? 3  DA  A H62    1 
ATOM   93   H H2     . DA  A 1 3  ? -4.290  -9.448  0.942   1.00 0.38 ? 3  DA  A H2     1 
ATOM   94   P P      . DT  A 1 4  ? 2.555   -12.010 3.654   1.00 0.49 ? 4  DT  A P      1 
ATOM   95   O OP1    . DT  A 1 4  ? 3.235   -13.121 2.951   1.00 0.57 ? 4  DT  A OP1    1 
ATOM   96   O OP2    . DT  A 1 4  ? 3.336   -11.076 4.495   1.00 0.65 ? 4  DT  A OP2    1 
ATOM   97   O "O5'"  . DT  A 1 4  ? 1.742   -11.146 2.573   1.00 0.44 ? 4  DT  A "O5'"  1 
ATOM   98   C "C5'"  . DT  A 1 4  ? 0.851   -11.819 1.677   1.00 0.39 ? 4  DT  A "C5'"  1 
ATOM   99   C "C4'"  . DT  A 1 4  ? 0.210   -10.889 0.668   1.00 0.33 ? 4  DT  A "C4'"  1 
ATOM   100  O "O4'"  . DT  A 1 4  ? -0.648  -9.899  1.283   1.00 0.31 ? 4  DT  A "O4'"  1 
ATOM   101  C "C3'"  . DT  A 1 4  ? 1.278   -10.148 -0.147  1.00 0.31 ? 4  DT  A "C3'"  1 
ATOM   102  O "O3'"  . DT  A 1 4  ? 1.005   -10.291 -1.545  1.00 0.25 ? 4  DT  A "O3'"  1 
ATOM   103  C "C2'"  . DT  A 1 4  ? 1.027   -8.717  0.336   1.00 0.27 ? 4  DT  A "C2'"  1 
ATOM   104  C "C1'"  . DT  A 1 4  ? -0.487  -8.699  0.525   1.00 0.21 ? 4  DT  A "C1'"  1 
ATOM   105  N N1     . DT  A 1 4  ? -1.069  -7.511  1.196   1.00 0.18 ? 4  DT  A N1     1 
ATOM   106  C C2     . DT  A 1 4  ? -2.102  -6.848  0.548   1.00 0.19 ? 4  DT  A C2     1 
ATOM   107  O O2     . DT  A 1 4  ? -2.547  -7.174  -0.547  1.00 0.24 ? 4  DT  A O2     1 
ATOM   108  N N3     . DT  A 1 4  ? -2.633  -5.769  1.201   1.00 0.22 ? 4  DT  A N3     1 
ATOM   109  C C4     . DT  A 1 4  ? -2.246  -5.281  2.423   1.00 0.25 ? 4  DT  A C4     1 
ATOM   110  O O4     . DT  A 1 4  ? -2.837  -4.307  2.876   1.00 0.29 ? 4  DT  A O4     1 
ATOM   111  C C5     . DT  A 1 4  ? -1.161  -6.021  3.038   1.00 0.24 ? 4  DT  A C5     1 
ATOM   112  C C7     . DT  A 1 4  ? -0.604  -5.609  4.406   1.00 0.34 ? 4  DT  A C7     1 
ATOM   113  C C6     . DT  A 1 4  ? -0.622  -7.087  2.415   1.00 0.20 ? 4  DT  A C6     1 
ATOM   114  H "H5'"  . DT  A 1 4  ? 0.062   -12.300 2.254   1.00 0.46 ? 4  DT  A "H5'"  1 
ATOM   115  H "H5''" . DT  A 1 4  ? 1.411   -12.571 1.121   1.00 0.41 ? 4  DT  A "H5''" 1 
ATOM   116  H "H4'"  . DT  A 1 4  ? -0.383  -11.481 -0.027  1.00 0.37 ? 4  DT  A "H4'"  1 
ATOM   117  H "H3'"  . DT  A 1 4  ? 2.263   -10.575 0.043   1.00 0.39 ? 4  DT  A "H3'"  1 
ATOM   118  H "H2'"  . DT  A 1 4  ? 1.503   -8.574  1.306   1.00 0.31 ? 4  DT  A "H2'"  1 
ATOM   119  H "H2''" . DT  A 1 4  ? 1.363   -7.943  -0.354  1.00 0.33 ? 4  DT  A "H2''" 1 
ATOM   120  H "H1'"  . DT  A 1 4  ? -1.003  -8.846  -0.424  1.00 0.20 ? 4  DT  A "H1'"  1 
ATOM   121  H H3     . DT  A 1 4  ? -3.384  -5.288  0.730   1.00 0.24 ? 4  DT  A H3     1 
ATOM   122  H H71    . DT  A 1 4  ? 0.450   -5.347  4.317   1.00 0.42 ? 4  DT  A H71    1 
ATOM   123  H H72    . DT  A 1 4  ? -1.161  -4.752  4.786   1.00 0.52 ? 4  DT  A H72    1 
ATOM   124  H H73    . DT  A 1 4  ? -0.695  -6.443  5.101   1.00 0.40 ? 4  DT  A H73    1 
ATOM   125  H H6     . DT  A 1 4  ? 0.193   -7.618  2.909   1.00 0.23 ? 4  DT  A H6     1 
ATOM   126  P P      . DG  A 1 5  ? 2.082   -9.916  -2.685  1.00 0.30 ? 5  DG  A P      1 
ATOM   127  O OP1    . DG  A 1 5  ? 2.257   -11.097 -3.562  1.00 0.44 ? 5  DG  A OP1    1 
ATOM   128  O OP2    . DG  A 1 5  ? 3.265   -9.287  -2.055  1.00 0.54 ? 5  DG  A OP2    1 
ATOM   129  O "O5'"  . DG  A 1 5  ? 1.301   -8.780  -3.501  1.00 0.30 ? 5  DG  A "O5'"  1 
ATOM   130  C "C5'"  . DG  A 1 5  ? 0.283   -9.130  -4.448  1.00 0.37 ? 5  DG  A "C5'"  1 
ATOM   131  C "C4'"  . DG  A 1 5  ? -0.409  -7.913  -5.014  1.00 0.47 ? 5  DG  A "C4'"  1 
ATOM   132  O "O4'"  . DG  A 1 5  ? -1.147  -7.196  -4.004  1.00 0.48 ? 5  DG  A "O4'"  1 
ATOM   133  C "C3'"  . DG  A 1 5  ? 0.587   -6.961  -5.665  1.00 0.57 ? 5  DG  A "C3'"  1 
ATOM   134  O "O3'"  . DG  A 1 5  ? 0.224   -6.742  -7.037  1.00 0.65 ? 5  DG  A "O3'"  1 
ATOM   135  C "C2'"  . DG  A 1 5  ? 0.414   -5.767  -4.780  1.00 0.57 ? 5  DG  A "C2'"  1 
ATOM   136  C "C1'"  . DG  A 1 5  ? -0.995  -5.802  -4.270  1.00 0.48 ? 5  DG  A "C1'"  1 
ATOM   137  N N9     . DG  A 1 5  ? -1.142  -5.042  -3.023  1.00 0.42 ? 5  DG  A N9     1 
ATOM   138  C C8     . DG  A 1 5  ? -0.488  -5.186  -1.843  1.00 0.41 ? 5  DG  A C8     1 
ATOM   139  N N7     . DG  A 1 5  ? -0.832  -4.378  -0.887  1.00 0.38 ? 5  DG  A N7     1 
ATOM   140  C C5     . DG  A 1 5  ? -1.822  -3.617  -1.505  1.00 0.36 ? 5  DG  A C5     1 
ATOM   141  C C6     . DG  A 1 5  ? -2.603  -2.554  -0.993  1.00 0.34 ? 5  DG  A C6     1 
ATOM   142  O O6     . DG  A 1 5  ? -2.603  -2.045  0.125   1.00 0.36 ? 5  DG  A O6     1 
ATOM   143  N N1     . DG  A 1 5  ? -3.475  -2.068  -1.935  1.00 0.35 ? 5  DG  A N1     1 
ATOM   144  C C2     . DG  A 1 5  ? -3.597  -2.530  -3.218  1.00 0.38 ? 5  DG  A C2     1 
ATOM   145  N N2     . DG  A 1 5  ? -4.483  -1.932  -3.991  1.00 0.44 ? 5  DG  A N2     1 
ATOM   146  N N3     . DG  A 1 5  ? -2.875  -3.524  -3.716  1.00 0.39 ? 5  DG  A N3     1 
ATOM   147  C C4     . DG  A 1 5  ? -2.012  -4.018  -2.805  1.00 0.38 ? 5  DG  A C4     1 
ATOM   148  H "H5'"  . DG  A 1 5  ? -0.479  -9.746  -3.975  1.00 0.42 ? 5  DG  A "H5'"  1 
ATOM   149  H "H5''" . DG  A 1 5  ? 0.742   -9.667  -5.278  1.00 0.49 ? 5  DG  A "H5''" 1 
ATOM   150  H "H4'"  . DG  A 1 5  ? -1.096  -8.223  -5.801  1.00 0.58 ? 5  DG  A "H4'"  1 
ATOM   151  H "H3'"  . DG  A 1 5  ? 1.620   -7.306  -5.605  1.00 0.60 ? 5  DG  A "H3'"  1 
ATOM   152  H "H2'"  . DG  A 1 5  ? 1.141   -5.770  -3.966  1.00 0.59 ? 5  DG  A "H2'"  1 
ATOM   153  H "H2''" . DG  A 1 5  ? 0.606   -4.858  -5.352  1.00 0.74 ? 5  DG  A "H2''" 1 
ATOM   154  H "H1'"  . DG  A 1 5  ? -1.669  -5.407  -5.030  1.00 0.53 ? 5  DG  A "H1'"  1 
ATOM   155  H H8     . DG  A 1 5  ? 0.286   -5.943  -1.716  1.00 0.44 ? 5  DG  A H8     1 
ATOM   156  H H1     . DG  A 1 5  ? -4.055  -1.317  -1.599  1.00 0.34 ? 5  DG  A H1     1 
ATOM   157  H H21    . DG  A 1 5  ? -5.080  -1.201  -3.622  1.00 0.42 ? 5  DG  A H21    1 
ATOM   158  H H22    . DG  A 1 5  ? -4.538  -2.228  -4.954  1.00 0.57 ? 5  DG  A H22    1 
ATOM   159  P P      . DT  A 1 6  ? 0.962   -5.682  -8.005  1.00 0.79 ? 6  DT  A P      1 
ATOM   160  O OP1    . DT  A 1 6  ? 0.726   -6.094  -9.408  1.00 0.98 ? 6  DT  A OP1    1 
ATOM   161  O OP2    . DT  A 1 6  ? 2.343   -5.473  -7.518  1.00 1.08 ? 6  DT  A OP2    1 
ATOM   162  O "O5'"  . DT  A 1 6  ? 0.135   -4.337  -7.737  1.00 0.60 ? 6  DT  A "O5'"  1 
ATOM   163  C "C5'"  . DT  A 1 6  ? -1.241  -4.267  -8.126  1.00 0.37 ? 6  DT  A "C5'"  1 
ATOM   164  C "C4'"  . DT  A 1 6  ? -1.854  -2.931  -7.794  1.00 0.32 ? 6  DT  A "C4'"  1 
ATOM   165  O "O4'"  . DT  A 1 6  ? -1.809  -2.660  -6.375  1.00 0.52 ? 6  DT  A "O4'"  1 
ATOM   166  C "C3'"  . DT  A 1 6  ? -1.124  -1.801  -8.520  1.00 0.43 ? 6  DT  A "C3'"  1 
ATOM   167  O "O3'"  . DT  A 1 6  ? -2.067  -0.929  -9.150  1.00 0.55 ? 6  DT  A "O3'"  1 
ATOM   168  C "C2'"  . DT  A 1 6  ? -0.432  -1.141  -7.356  1.00 0.50 ? 6  DT  A "C2'"  1 
ATOM   169  C "C1'"  . DT  A 1 6  ? -1.433  -1.287  -6.207  1.00 0.49 ? 6  DT  A "C1'"  1 
ATOM   170  N N1     . DT  A 1 6  ? -0.912  -1.048  -4.834  1.00 0.45 ? 6  DT  A N1     1 
ATOM   171  C C2     . DT  A 1 6  ? -1.571  -0.149  -4.016  1.00 0.42 ? 6  DT  A C2     1 
ATOM   172  O O2     . DT  A 1 6  ? -2.542  0.508   -4.370  1.00 0.44 ? 6  DT  A O2     1 
ATOM   173  N N3     . DT  A 1 6  ? -1.064  -0.013  -2.747  1.00 0.42 ? 6  DT  A N3     1 
ATOM   174  C C4     . DT  A 1 6  ? 0.016   -0.675  -2.214  1.00 0.47 ? 6  DT  A C4     1 
ATOM   175  O O4     . DT  A 1 6  ? 0.337   -0.453  -1.052  1.00 0.49 ? 6  DT  A O4     1 
ATOM   176  C C5     . DT  A 1 6  ? 0.649   -1.592  -3.129  1.00 0.49 ? 6  DT  A C5     1 
ATOM   177  C C7     . DT  A 1 6  ? 1.865   -2.425  -2.701  1.00 0.58 ? 6  DT  A C7     1 
ATOM   178  C C6     . DT  A 1 6  ? 0.170   -1.732  -4.374  1.00 0.48 ? 6  DT  A C6     1 
ATOM   179  H "H5'"  . DT  A 1 6  ? -1.793  -5.049  -7.604  1.00 0.42 ? 6  DT  A "H5'"  1 
ATOM   180  H "H5''" . DT  A 1 6  ? -1.338  -4.388  -9.205  1.00 0.41 ? 6  DT  A "H5''" 1 
ATOM   181  H "H4'"  . DT  A 1 6  ? -2.885  -2.924  -8.147  1.00 0.40 ? 6  DT  A "H4'"  1 
ATOM   182  H "H3'"  . DT  A 1 6  ? -0.455  -2.179  -9.292  1.00 0.46 ? 6  DT  A "H3'"  1 
ATOM   183  H "H2'"  . DT  A 1 6  ? 0.496   -1.677  -7.158  1.00 0.53 ? 6  DT  A "H2'"  1 
ATOM   184  H "H2''" . DT  A 1 6  ? -0.160  -0.116  -7.610  1.00 0.59 ? 6  DT  A "H2''" 1 
ATOM   185  H "H1'"  . DT  A 1 6  ? -2.343  -0.709  -6.370  1.00 0.50 ? 6  DT  A "H1'"  1 
ATOM   186  H H3     . DT  A 1 6  ? -1.523  0.645   -2.137  1.00 0.39 ? 6  DT  A H3     1 
ATOM   187  H H71    . DT  A 1 6  ? 2.702   -2.184  -3.356  1.00 0.66 ? 6  DT  A H71    1 
ATOM   188  H H72    . DT  A 1 6  ? 2.136   -2.197  -1.670  1.00 0.71 ? 6  DT  A H72    1 
ATOM   189  H H73    . DT  A 1 6  ? 1.650   -3.490  -2.786  1.00 0.59 ? 6  DT  A H73    1 
ATOM   190  H H6     . DT  A 1 6  ? 0.684   -2.405  -5.061  1.00 0.48 ? 6  DT  A H6     1 
ATOM   191  P P      . DG  A 1 7  ? -1.630  0.229   -10.182 1.00 0.68 ? 7  DG  A P      1 
ATOM   192  O OP1    . DG  A 1 7  ? -2.622  0.242   -11.281 1.00 0.90 ? 7  DG  A OP1    1 
ATOM   193  O OP2    . DG  A 1 7  ? -0.188  0.086   -10.493 1.00 0.93 ? 7  DG  A OP2    1 
ATOM   194  O "O5'"  . DG  A 1 7  ? -1.812  1.565   -9.308  1.00 0.40 ? 7  DG  A "O5'"  1 
ATOM   195  C "C5'"  . DG  A 1 7  ? -3.093  2.203   -9.196  1.00 0.32 ? 7  DG  A "C5'"  1 
ATOM   196  C "C4'"  . DG  A 1 7  ? -3.061  3.402   -8.261  1.00 0.22 ? 7  DG  A "C4'"  1 
ATOM   197  O "O4'"  . DG  A 1 7  ? -2.701  3.030   -6.910  1.00 0.34 ? 7  DG  A "O4'"  1 
ATOM   198  C "C3'"  . DG  A 1 7  ? -2.049  4.460   -8.737  1.00 0.28 ? 7  DG  A "C3'"  1 
ATOM   199  O "O3'"  . DG  A 1 7  ? -2.652  5.760   -8.826  1.00 0.33 ? 7  DG  A "O3'"  1 
ATOM   200  C "C2'"  . DG  A 1 7  ? -1.037  4.392   -7.622  1.00 0.28 ? 7  DG  A "C2'"  1 
ATOM   201  C "C1'"  . DG  A 1 7  ? -1.830  4.045   -6.396  1.00 0.33 ? 7  DG  A "C1'"  1 
ATOM   202  N N9     . DG  A 1 7  ? -0.950  3.517   -5.340  1.00 0.30 ? 7  DG  A N9     1 
ATOM   203  C C8     . DG  A 1 7  ? -0.057  2.500   -5.401  1.00 0.34 ? 7  DG  A C8     1 
ATOM   204  N N7     . DG  A 1 7  ? 0.576   2.204   -4.308  1.00 0.37 ? 7  DG  A N7     1 
ATOM   205  C C5     . DG  A 1 7  ? 0.045   3.138   -3.422  1.00 0.33 ? 7  DG  A C5     1 
ATOM   206  C C6     . DG  A 1 7  ? 0.324   3.346   -2.050  1.00 0.35 ? 7  DG  A C6     1 
ATOM   207  O O6     . DG  A 1 7  ? 1.091   2.745   -1.307  1.00 0.43 ? 7  DG  A O6     1 
ATOM   208  N N1     . DG  A 1 7  ? -0.418  4.377   -1.537  1.00 0.34 ? 7  DG  A N1     1 
ATOM   209  C C2     . DG  A 1 7  ? -1.323  5.129   -2.238  1.00 0.33 ? 7  DG  A C2     1 
ATOM   210  N N2     . DG  A 1 7  ? -1.928  6.091   -1.571  1.00 0.37 ? 7  DG  A N2     1 
ATOM   211  N N3     . DG  A 1 7  ? -1.604  4.951   -3.522  1.00 0.29 ? 7  DG  A N3     1 
ATOM   212  C C4     . DG  A 1 7  ? -0.884  3.939   -4.047  1.00 0.30 ? 7  DG  A C4     1 
ATOM   213  H "H5'"  . DG  A 1 7  ? -3.834  1.489   -8.836  1.00 0.34 ? 7  DG  A "H5'"  1 
ATOM   214  H "H5''" . DG  A 1 7  ? -3.388  2.560   -10.183 1.00 0.44 ? 7  DG  A "H5''" 1 
ATOM   215  H "H4'"  . DG  A 1 7  ? -4.050  3.857   -8.248  1.00 0.39 ? 7  DG  A "H4'"  1 
ATOM   216  H "H3'"  . DG  A 1 7  ? -1.638  4.185   -9.708  1.00 0.38 ? 7  DG  A "H3'"  1 
ATOM   217  H "H2'"  . DG  A 1 7  ? -0.306  3.608   -7.819  1.00 0.35 ? 7  DG  A "H2'"  1 
ATOM   218  H "H2''" . DG  A 1 7  ? -0.460  5.304   -7.477  1.00 0.36 ? 7  DG  A "H2''" 1 
ATOM   219  H "H1'"  . DG  A 1 7  ? -2.397  4.907   -6.042  1.00 0.37 ? 7  DG  A "H1'"  1 
ATOM   220  H H8     . DG  A 1 7  ? 0.123   1.988   -6.345  1.00 0.37 ? 7  DG  A H8     1 
ATOM   221  H H1     . DG  A 1 7  ? -0.245  4.550   -0.560  1.00 0.35 ? 7  DG  A H1     1 
ATOM   222  H H21    . DG  A 1 7  ? -1.753  6.204   -0.580  1.00 0.44 ? 7  DG  A H21    1 
ATOM   223  H H22    . DG  A 1 7  ? -2.554  6.701   -2.077  1.00 0.42 ? 7  DG  A H22    1 
ATOM   224  P P      . DT  A 1 8  ? -1.849  7.154   -9.026  1.00 0.44 ? 8  DT  A P      1 
ATOM   225  O OP1    . DT  A 1 8  ? -2.686  8.025   -9.879  1.00 0.55 ? 8  DT  A OP1    1 
ATOM   226  O OP2    . DT  A 1 8  ? -0.452  6.862   -9.422  1.00 0.53 ? 8  DT  A OP2    1 
ATOM   227  O "O5'"  . DT  A 1 8  ? -1.799  7.786   -7.543  1.00 0.49 ? 8  DT  A "O5'"  1 
ATOM   228  C "C5'"  . DT  A 1 8  ? -3.013  8.171   -6.887  1.00 0.51 ? 8  DT  A "C5'"  1 
ATOM   229  C "C4'"  . DT  A 1 8  ? -2.808  9.000   -5.630  1.00 0.62 ? 8  DT  A "C4'"  1 
ATOM   230  O "O4'"  . DT  A 1 8  ? -2.113  8.273   -4.605  1.00 0.61 ? 8  DT  A "O4'"  1 
ATOM   231  C "C3'"  . DT  A 1 8  ? -2.087  10.317  -5.875  1.00 0.72 ? 8  DT  A "C3'"  1 
ATOM   232  O "O3'"  . DT  A 1 8  ? -2.526  11.383  -5.025  1.00 0.84 ? 8  DT  A "O3'"  1 
ATOM   233  C "C2'"  . DT  A 1 8  ? -0.691  9.877   -5.529  1.00 0.69 ? 8  DT  A "C2'"  1 
ATOM   234  C "C1'"  . DT  A 1 8  ? -0.905  8.979   -4.311  1.00 0.65 ? 8  DT  A "C1'"  1 
ATOM   235  N N1     . DT  A 1 8  ? 0.156   7.978   -4.074  1.00 0.57 ? 8  DT  A N1     1 
ATOM   236  C C2     . DT  A 1 8  ? 0.700   7.895   -2.806  1.00 0.57 ? 8  DT  A C2     1 
ATOM   237  O O2     . DT  A 1 8  ? 0.378   8.623   -1.872  1.00 0.65 ? 8  DT  A O2     1 
ATOM   238  N N3     . DT  A 1 8  ? 1.660   6.938   -2.627  1.00 0.52 ? 8  DT  A N3     1 
ATOM   239  C C4     . DT  A 1 8  ? 2.129   6.066   -3.572  1.00 0.49 ? 8  DT  A C4     1 
ATOM   240  O O4     . DT  A 1 8  ? 2.982   5.247   -3.253  1.00 0.54 ? 8  DT  A O4     1 
ATOM   241  C C5     . DT  A 1 8  ? 1.523   6.209   -4.874  1.00 0.48 ? 8  DT  A C5     1 
ATOM   242  C C7     . DT  A 1 8  ? 1.991   5.295   -6.016  1.00 0.54 ? 8  DT  A C7     1 
ATOM   243  C C6     . DT  A 1 8  ? 0.569   7.144   -5.079  1.00 0.51 ? 8  DT  A C6     1 
ATOM   244  H "H5'"  . DT  A 1 8  ? -3.523  7.259   -6.578  1.00 0.50 ? 8  DT  A "H5'"  1 
ATOM   245  H "H5''" . DT  A 1 8  ? -3.635  8.750   -7.569  1.00 0.55 ? 8  DT  A "H5''" 1 
ATOM   246  H "H4'"  . DT  A 1 8  ? -3.800  9.267   -5.264  1.00 0.70 ? 8  DT  A "H4'"  1 
ATOM   247  H "H3'"  . DT  A 1 8  ? -2.300  10.616  -6.902  1.00 0.74 ? 8  DT  A "H3'"  1 
ATOM   248  H "H2'"  . DT  A 1 8  ? -0.340  9.337   -6.408  1.00 0.70 ? 8  DT  A "H2'"  1 
ATOM   249  H "H2''" . DT  A 1 8  ? -0.040  10.706  -5.255  1.00 0.77 ? 8  DT  A "H2''" 1 
ATOM   250  H "H1'"  . DT  A 1 8  ? -1.059  9.601   -3.429  1.00 0.75 ? 8  DT  A "H1'"  1 
ATOM   251  H H3     . DT  A 1 8  ? 2.061   6.864   -1.703  1.00 0.55 ? 8  DT  A H3     1 
ATOM   252  H H71    . DT  A 1 8  ? 2.835   4.703   -5.657  1.00 0.68 ? 8  DT  A H71    1 
ATOM   253  H H72    . DT  A 1 8  ? 1.203   4.613   -6.334  1.00 0.48 ? 8  DT  A H72    1 
ATOM   254  H H73    . DT  A 1 8  ? 2.325   5.892   -6.864  1.00 0.76 ? 8  DT  A H73    1 
ATOM   255  H H6     . DT  A 1 8  ? 0.093   7.259   -6.053  1.00 0.54 ? 8  DT  A H6     1 
ATOM   256  P P      . DA  A 1 9  ? -1.882  12.866  -5.097  1.00 0.93 ? 9  DA  A P      1 
ATOM   257  O OP1    . DA  A 1 9  ? -2.939  13.825  -4.702  1.00 1.16 ? 9  DA  A OP1    1 
ATOM   258  O OP2    . DA  A 1 9  ? -1.189  13.031  -6.393  1.00 1.07 ? 9  DA  A OP2    1 
ATOM   259  O "O5'"  . DA  A 1 9  ? -0.752  12.838  -3.947  1.00 0.72 ? 9  DA  A "O5'"  1 
ATOM   260  C "C5'"  . DA  A 1 9  ? -1.125  12.981  -2.572  1.00 0.67 ? 9  DA  A "C5'"  1 
ATOM   261  C "C4'"  . DA  A 1 9  ? 0.056   13.103  -1.618  1.00 0.56 ? 9  DA  A "C4'"  1 
ATOM   262  O "O4'"  . DA  A 1 9  ? 0.878   11.917  -1.577  1.00 0.51 ? 9  DA  A "O4'"  1 
ATOM   263  C "C3'"  . DA  A 1 9  ? 0.987   14.287  -1.927  1.00 0.52 ? 9  DA  A "C3'"  1 
ATOM   264  O "O3'"  . DA  A 1 9  ? 1.200   15.040  -0.728  1.00 0.51 ? 9  DA  A "O3'"  1 
ATOM   265  C "C2'"  . DA  A 1 9  ? 2.226   13.568  -2.437  1.00 0.49 ? 9  DA  A "C2'"  1 
ATOM   266  C "C1'"  . DA  A 1 9  ? 2.267   12.276  -1.679  1.00 0.47 ? 9  DA  A "C1'"  1 
ATOM   267  N N9     . DA  A 1 9  ? 2.980   11.177  -2.358  1.00 0.41 ? 9  DA  A N9     1 
ATOM   268  C C8     . DA  A 1 9  ? 3.009   10.836  -3.673  1.00 0.40 ? 9  DA  A C8     1 
ATOM   269  N N7     . DA  A 1 9  ? 3.683   9.767   -3.981  1.00 0.35 ? 9  DA  A N7     1 
ATOM   270  C C5     . DA  A 1 9  ? 4.157   9.357   -2.733  1.00 0.30 ? 9  DA  A C5     1 
ATOM   271  C C6     . DA  A 1 9  ? 4.953   8.273   -2.320  1.00 0.27 ? 9  DA  A C6     1 
ATOM   272  N N6     . DA  A 1 9  ? 5.431   7.337   -3.132  1.00 0.30 ? 9  DA  A N6     1 
ATOM   273  N N1     . DA  A 1 9  ? 5.229   8.174   -1.016  1.00 0.28 ? 9  DA  A N1     1 
ATOM   274  C C2     . DA  A 1 9  ? 4.753   9.077   -0.173  1.00 0.29 ? 9  DA  A C2     1 
ATOM   275  N N3     . DA  A 1 9  ? 3.998   10.129  -0.429  1.00 0.33 ? 9  DA  A N3     1 
ATOM   276  C C4     . DA  A 1 9  ? 3.734   10.210  -1.748  1.00 0.34 ? 9  DA  A C4     1 
ATOM   277  H "H5'"  . DA  A 1 9  ? -1.712  12.115  -2.269  1.00 0.78 ? 9  DA  A "H5'"  1 
ATOM   278  H "H5''" . DA  A 1 9  ? -1.727  13.883  -2.466  1.00 0.84 ? 9  DA  A "H5''" 1 
ATOM   279  H "H4'"  . DA  A 1 9  ? -0.390  13.264  -0.636  1.00 0.58 ? 9  DA  A "H4'"  1 
ATOM   280  H "H3'"  . DA  A 1 9  ? 0.548   14.956  -2.667  1.00 0.57 ? 9  DA  A "H3'"  1 
ATOM   281  H "H2'"  . DA  A 1 9  ? 2.169   13.408  -3.514  1.00 0.53 ? 9  DA  A "H2'"  1 
ATOM   282  H "H2''" . DA  A 1 9  ? 3.169   14.086  -2.264  1.00 0.49 ? 9  DA  A "H2''" 1 
ATOM   283  H "H1'"  . DA  A 1 9  ? 2.752   12.499  -0.729  1.00 0.55 ? 9  DA  A "H1'"  1 
ATOM   284  H H8     . DA  A 1 9  ? 2.508   11.448  -4.423  1.00 0.47 ? 9  DA  A H8     1 
ATOM   285  H H61    . DA  A 1 9  ? 5.934   6.550   -2.736  1.00 0.33 ? 9  DA  A H61    1 
ATOM   286  H H62    . DA  A 1 9  ? 5.291   7.408   -4.128  1.00 0.42 ? 9  DA  A H62    1 
ATOM   287  H H2     . DA  A 1 9  ? 5.027   8.925   0.872   1.00 0.29 ? 9  DA  A H2     1 
ATOM   288  P P      . DC  A 1 10 ? 2.307   16.193  -0.520  1.00 0.49 ? 10 DC  A P      1 
ATOM   289  O OP1    . DC  A 1 10 ? 1.809   17.111  0.528   1.00 0.57 ? 10 DC  A OP1    1 
ATOM   290  O OP2    . DC  A 1 10 ? 2.720   16.729  -1.838  1.00 0.55 ? 10 DC  A OP2    1 
ATOM   291  O "O5'"  . DC  A 1 10 ? 3.531   15.342  0.071   1.00 0.52 ? 10 DC  A "O5'"  1 
ATOM   292  C "C5'"  . DC  A 1 10 ? 3.440   14.630  1.315   1.00 0.52 ? 10 DC  A "C5'"  1 
ATOM   293  C "C4'"  . DC  A 1 10 ? 4.710   13.824  1.567   1.00 0.51 ? 10 DC  A "C4'"  1 
ATOM   294  O "O4'"  . DC  A 1 10 ? 4.931   12.887  0.497   1.00 0.52 ? 10 DC  A "O4'"  1 
ATOM   295  C "C3'"  . DC  A 1 10 ? 5.956   14.709  1.671   1.00 0.53 ? 10 DC  A "C3'"  1 
ATOM   296  O "O3'"  . DC  A 1 10 ? 6.607   14.451  2.921   1.00 0.60 ? 10 DC  A "O3'"  1 
ATOM   297  C "C2'"  . DC  A 1 10 ? 6.772   14.220  0.487   1.00 0.50 ? 10 DC  A "C2'"  1 
ATOM   298  C "C1'"  . DC  A 1 10 ? 6.345   12.759  0.363   1.00 0.44 ? 10 DC  A "C1'"  1 
ATOM   299  N N1     . DC  A 1 10 ? 6.626   12.113  -0.943  1.00 0.42 ? 10 DC  A N1     1 
ATOM   300  C C2     . DC  A 1 10 ? 7.295   10.898  -0.940  1.00 0.37 ? 10 DC  A C2     1 
ATOM   301  O O2     . DC  A 1 10 ? 7.700   10.369  0.089   1.00 0.37 ? 10 DC  A O2     1 
ATOM   302  N N3     . DC  A 1 10 ? 7.520   10.286  -2.124  1.00 0.35 ? 10 DC  A N3     1 
ATOM   303  C C4     . DC  A 1 10 ? 7.116   10.824  -3.272  1.00 0.39 ? 10 DC  A C4     1 
ATOM   304  N N4     . DC  A 1 10 ? 7.371   10.158  -4.389  1.00 0.40 ? 10 DC  A N4     1 
ATOM   305  C C5     . DC  A 1 10 ? 6.428   12.077  -3.305  1.00 0.45 ? 10 DC  A C5     1 
ATOM   306  C C6     . DC  A 1 10 ? 6.207   12.682  -2.117  1.00 0.45 ? 10 DC  A C6     1 
ATOM   307  H "H5'"  . DC  A 1 10 ? 2.590   13.947  1.293   1.00 0.57 ? 10 DC  A "H5'"  1 
ATOM   308  H "H5''" . DC  A 1 10 ? 3.291   15.346  2.124   1.00 0.57 ? 10 DC  A "H5''" 1 
ATOM   309  H "H4'"  . DC  A 1 10 ? 4.677   13.247  2.492   1.00 0.52 ? 10 DC  A "H4'"  1 
ATOM   310  H "H3'"  . DC  A 1 10 ? 5.673   15.761  1.626   1.00 0.59 ? 10 DC  A "H3'"  1 
ATOM   311  H "H2'"  . DC  A 1 10 ? 6.491   14.815  -0.381  1.00 0.57 ? 10 DC  A "H2'"  1 
ATOM   312  H "H2''" . DC  A 1 10 ? 7.836   14.250  0.721   1.00 0.51 ? 10 DC  A "H2''" 1 
ATOM   313  H "H1'"  . DC  A 1 10 ? 6.705   12.175  1.211   1.00 0.46 ? 10 DC  A "H1'"  1 
ATOM   314  H H41    . DC  A 1 10 ? 7.821   9.252   -4.315  1.00 0.37 ? 10 DC  A H41    1 
ATOM   315  H H42    . DC  A 1 10 ? 7.121   10.546  -5.286  1.00 0.51 ? 10 DC  A H42    1 
ATOM   316  H H5     . DC  A 1 10 ? 6.101   12.507  -4.252  1.00 0.49 ? 10 DC  A H5     1 
ATOM   317  H H6     . DC  A 1 10 ? 5.695   13.645  -2.085  1.00 0.52 ? 10 DC  A H6     1 
ATOM   318  P P      . DG  A 1 11 ? 8.042   15.056  3.325   1.00 0.71 ? 11 DG  A P      1 
ATOM   319  O OP1    . DG  A 1 11 ? 8.131   15.073  4.804   1.00 0.82 ? 11 DG  A OP1    1 
ATOM   320  O OP2    . DG  A 1 11 ? 8.280   16.304  2.565   1.00 0.83 ? 11 DG  A OP2    1 
ATOM   321  O "O5'"  . DG  A 1 11 ? 9.056   13.936  2.754   1.00 0.77 ? 11 DG  A "O5'"  1 
ATOM   322  C "C5'"  . DG  A 1 11 ? 9.502   12.857  3.586   1.00 0.88 ? 11 DG  A "C5'"  1 
ATOM   323  C "C4'"  . DG  A 1 11 ? 10.825  12.248  3.103   1.00 0.86 ? 11 DG  A "C4'"  1 
ATOM   324  O "O4'"  . DG  A 1 11 ? 10.679  11.501  1.873   1.00 0.80 ? 11 DG  A "O4'"  1 
ATOM   325  C "C3'"  . DG  A 1 11 ? 11.950  13.294  2.893   1.00 0.86 ? 11 DG  A "C3'"  1 
ATOM   326  O "O3'"  . DG  A 1 11 ? 13.151  12.882  3.546   1.00 1.03 ? 11 DG  A "O3'"  1 
ATOM   327  C "C2'"  . DG  A 1 11 ? 12.133  13.195  1.377   1.00 0.76 ? 11 DG  A "C2'"  1 
ATOM   328  C "C1'"  . DG  A 1 11 ? 11.823  11.757  1.050   1.00 0.74 ? 11 DG  A "C1'"  1 
ATOM   329  N N9     . DG  A 1 11 ? 11.468  11.577  -0.364  1.00 0.56 ? 11 DG  A N9     1 
ATOM   330  C C8     . DG  A 1 11 ? 10.654  12.298  -1.181  1.00 0.56 ? 11 DG  A C8     1 
ATOM   331  N N7     . DG  A 1 11 ? 10.514  11.866  -2.395  1.00 0.42 ? 11 DG  A N7     1 
ATOM   332  C C5     . DG  A 1 11 ? 11.327  10.738  -2.379  1.00 0.33 ? 11 DG  A C5     1 
ATOM   333  C C6     . DG  A 1 11 ? 11.608  9.818   -3.405  1.00 0.37 ? 11 DG  A C6     1 
ATOM   334  O O6     . DG  A 1 11 ? 11.193  9.783   -4.557  1.00 0.50 ? 11 DG  A O6     1 
ATOM   335  N N1     . DG  A 1 11 ? 12.468  8.843   -2.977  1.00 0.40 ? 11 DG  A N1     1 
ATOM   336  C C2     . DG  A 1 11 ? 13.003  8.743   -1.720  1.00 0.36 ? 11 DG  A C2     1 
ATOM   337  N N2     . DG  A 1 11 ? 13.819  7.733   -1.510  1.00 0.46 ? 11 DG  A N2     1 
ATOM   338  N N3     . DG  A 1 11 ? 12.753  9.595   -0.739  1.00 0.37 ? 11 DG  A N3     1 
ATOM   339  C C4     . DG  A 1 11 ? 11.907  10.564  -1.147  1.00 0.39 ? 11 DG  A C4     1 
ATOM   340  H "H5'"  . DG  A 1 11 ? 8.745   12.073  3.620   1.00 0.93 ? 11 DG  A "H5'"  1 
ATOM   341  H "H5''" . DG  A 1 11 ? 9.629   13.243  4.597   1.00 1.06 ? 11 DG  A "H5''" 1 
ATOM   342  H "H4'"  . DG  A 1 11 ? 11.182  11.559  3.868   1.00 1.00 ? 11 DG  A "H4'"  1 
ATOM   343  H "H3'"  . DG  A 1 11 ? 11.657  14.270  3.283   1.00 0.95 ? 11 DG  A "H3'"  1 
ATOM   344  H "HO3'" . DG  A 1 11 ? 13.369  12.003  3.219   1.00 0.95 ? 11 DG  A "HO3'" 1 
ATOM   345  H "H2'"  . DG  A 1 11 ? 11.388  13.835  0.903   1.00 0.73 ? 11 DG  A "H2'"  1 
ATOM   346  H "H2''" . DG  A 1 11 ? 13.152  13.336  1.020   1.00 0.77 ? 11 DG  A "H2''" 1 
ATOM   347  H "H1'"  . DG  A 1 11 ? 12.668  11.107  1.286   1.00 0.85 ? 11 DG  A "H1'"  1 
ATOM   348  H H8     . DG  A 1 11 ? 10.155  13.209  -0.849  1.00 0.73 ? 11 DG  A H8     1 
ATOM   349  H H1     . DG  A 1 11 ? 12.692  8.172   -3.691  1.00 0.55 ? 11 DG  A H1     1 
ATOM   350  H H21    . DG  A 1 11 ? 14.088  7.147   -2.289  1.00 0.57 ? 11 DG  A H21    1 
ATOM   351  H H22    . DG  A 1 11 ? 14.161  7.558   -0.579  1.00 0.52 ? 11 DG  A H22    1 
ATOM   352  O "O5'"  . DC  B 2 1  ? 17.073  2.665   -8.592  1.00 0.79 ? 12 DC  B "O5'"  1 
ATOM   353  C "C5'"  . DC  B 2 1  ? 18.046  3.050   -7.619  1.00 0.72 ? 12 DC  B "C5'"  1 
ATOM   354  C "C4'"  . DC  B 2 1  ? 17.371  3.547   -6.336  1.00 0.58 ? 12 DC  B "C4'"  1 
ATOM   355  O "O4'"  . DC  B 2 1  ? 16.505  4.656   -6.641  1.00 0.66 ? 12 DC  B "O4'"  1 
ATOM   356  C "C3'"  . DC  B 2 1  ? 16.500  2.456   -5.673  1.00 0.49 ? 12 DC  B "C3'"  1 
ATOM   357  O "O3'"  . DC  B 2 1  ? 17.135  2.058   -4.450  1.00 0.44 ? 12 DC  B "O3'"  1 
ATOM   358  C "C2'"  . DC  B 2 1  ? 15.202  3.278   -5.373  1.00 0.54 ? 12 DC  B "C2'"  1 
ATOM   359  C "C1'"  . DC  B 2 1  ? 15.627  4.759   -5.517  1.00 0.63 ? 12 DC  B "C1'"  1 
ATOM   360  N N1     . DC  B 2 1  ? 14.465  5.607   -5.857  1.00 0.73 ? 12 DC  B N1     1 
ATOM   361  C C2     . DC  B 2 1  ? 14.043  6.527   -4.919  1.00 0.75 ? 12 DC  B C2     1 
ATOM   362  O O2     . DC  B 2 1  ? 14.591  6.643   -3.827  1.00 0.73 ? 12 DC  B O2     1 
ATOM   363  N N3     . DC  B 2 1  ? 12.988  7.315   -5.219  1.00 0.85 ? 12 DC  B N3     1 
ATOM   364  C C4     . DC  B 2 1  ? 12.361  7.216   -6.389  1.00 0.94 ? 12 DC  B C4     1 
ATOM   365  N N4     . DC  B 2 1  ? 11.337  8.028   -6.610  1.00 1.03 ? 12 DC  B N4     1 
ATOM   366  C C5     . DC  B 2 1  ? 12.779  6.273   -7.376  1.00 0.94 ? 12 DC  B C5     1 
ATOM   367  C C6     . DC  B 2 1  ? 13.834  5.490   -7.063  1.00 0.83 ? 12 DC  B C6     1 
ATOM   368  H "H5'"  . DC  B 2 1  ? 18.634  3.874   -8.021  1.00 0.81 ? 12 DC  B "H5'"  1 
ATOM   369  H "H5''" . DC  B 2 1  ? 18.687  2.189   -7.431  1.00 0.79 ? 12 DC  B "H5''" 1 
ATOM   370  H "H4'"  . DC  B 2 1  ? 18.087  3.925   -5.606  1.00 0.57 ? 12 DC  B "H4'"  1 
ATOM   371  H "H3'"  . DC  B 2 1  ? 16.424  1.588   -6.327  1.00 0.53 ? 12 DC  B "H3'"  1 
ATOM   372  H "H2'"  . DC  B 2 1  ? 14.474  2.998   -6.135  1.00 0.61 ? 12 DC  B "H2'"  1 
ATOM   373  H "H2''" . DC  B 2 1  ? 14.911  3.257   -4.322  1.00 0.55 ? 12 DC  B "H2''" 1 
ATOM   374  H "H1'"  . DC  B 2 1  ? 16.141  5.214   -4.670  1.00 0.58 ? 12 DC  B "H1'"  1 
ATOM   375  H H41    . DC  B 2 1  ? 11.108  8.707   -5.893  1.00 0.94 ? 12 DC  B H41    1 
ATOM   376  H H42    . DC  B 2 1  ? 10.801  7.973   -7.460  1.00 1.20 ? 12 DC  B H42    1 
ATOM   377  H H5     . DC  B 2 1  ? 12.262  6.199   -8.333  1.00 1.06 ? 12 DC  B H5     1 
ATOM   378  H H6     . DC  B 2 1  ? 14.204  4.743   -7.766  1.00 0.85 ? 12 DC  B H6     1 
ATOM   379  H "HO5'" . DC  B 2 1  ? 16.414  3.364   -8.567  1.00 0.87 ? 12 DC  B "HO5'" 1 
ATOM   380  P P      . DG  B 2 2  ? 16.430  1.123   -3.337  1.00 0.34 ? 13 DG  B P      1 
ATOM   381  O OP1    . DG  B 2 2  ? 17.489  0.642   -2.422  1.00 0.37 ? 13 DG  B OP1    1 
ATOM   382  O OP2    . DG  B 2 2  ? 15.557  0.149   -4.031  1.00 0.43 ? 13 DG  B OP2    1 
ATOM   383  O "O5'"  . DG  B 2 2  ? 15.491  2.166   -2.535  1.00 0.31 ? 13 DG  B "O5'"  1 
ATOM   384  C "C5'"  . DG  B 2 2  ? 16.032  3.068   -1.553  1.00 0.24 ? 13 DG  B "C5'"  1 
ATOM   385  C "C4'"  . DG  B 2 2  ? 14.945  3.807   -0.768  1.00 0.23 ? 13 DG  B "C4'"  1 
ATOM   386  O "O4'"  . DG  B 2 2  ? 14.124  4.701   -1.558  1.00 0.32 ? 13 DG  B "O4'"  1 
ATOM   387  C "C3'"  . DG  B 2 2  ? 14.000  2.794   -0.103  1.00 0.25 ? 13 DG  B "C3'"  1 
ATOM   388  O "O3'"  . DG  B 2 2  ? 14.092  2.918   1.327   1.00 0.28 ? 13 DG  B "O3'"  1 
ATOM   389  C "C2'"  . DG  B 2 2  ? 12.684  3.193   -0.729  1.00 0.37 ? 13 DG  B "C2'"  1 
ATOM   390  C "C1'"  . DG  B 2 2  ? 12.789  4.623   -1.032  1.00 0.34 ? 13 DG  B "C1'"  1 
ATOM   391  N N9     . DG  B 2 2  ? 11.758  5.117   -1.959  1.00 0.35 ? 13 DG  B N9     1 
ATOM   392  C C8     . DG  B 2 2  ? 11.454  4.720   -3.222  1.00 0.48 ? 13 DG  B C8     1 
ATOM   393  N N7     . DG  B 2 2  ? 10.503  5.378   -3.818  1.00 0.47 ? 13 DG  B N7     1 
ATOM   394  C C5     . DG  B 2 2  ? 10.136  6.308   -2.843  1.00 0.32 ? 13 DG  B C5     1 
ATOM   395  C C6     . DG  B 2 2  ? 9.147   7.327   -2.870  1.00 0.26 ? 13 DG  B C6     1 
ATOM   396  O O6     . DG  B 2 2  ? 8.382   7.649   -3.773  1.00 0.29 ? 13 DG  B O6     1 
ATOM   397  N N1     . DG  B 2 2  ? 9.105   8.032   -1.686  1.00 0.22 ? 13 DG  B N1     1 
ATOM   398  C C2     . DG  B 2 2  ? 9.910   7.796   -0.603  1.00 0.25 ? 13 DG  B C2     1 
ATOM   399  N N2     . DG  B 2 2  ? 9.718   8.550   0.460   1.00 0.37 ? 13 DG  B N2     1 
ATOM   400  N N3     . DG  B 2 2  ? 10.842  6.850   -0.562  1.00 0.23 ? 13 DG  B N3     1 
ATOM   401  C C4     . DG  B 2 2  ? 10.899  6.148   -1.711  1.00 0.27 ? 13 DG  B C4     1 
ATOM   402  H "H5'"  . DG  B 2 2  ? 16.677  3.803   -2.035  1.00 0.35 ? 13 DG  B "H5'"  1 
ATOM   403  H "H5''" . DG  B 2 2  ? 16.624  2.486   -0.848  1.00 0.26 ? 13 DG  B "H5''" 1 
ATOM   404  H "H4'"  . DG  B 2 2  ? 15.421  4.403   0.010   1.00 0.25 ? 13 DG  B "H4'"  1 
ATOM   405  H "H3'"  . DG  B 2 2  ? 14.217  1.780   -0.440  1.00 0.30 ? 13 DG  B "H3'"  1 
ATOM   406  H "H2'"  . DG  B 2 2  ? 12.555  2.634   -1.654  1.00 0.45 ? 13 DG  B "H2'"  1 
ATOM   407  H "H2''" . DG  B 2 2  ? 11.762  3.030   -0.171  1.00 0.44 ? 13 DG  B "H2''" 1 
ATOM   408  H "H1'"  . DG  B 2 2  ? 12.617  5.063   -0.049  1.00 0.32 ? 13 DG  B "H1'"  1 
ATOM   409  H H8     . DG  B 2 2  ? 11.974  3.884   -3.689  1.00 0.58 ? 13 DG  B H8     1 
ATOM   410  H H1     . DG  B 2 2  ? 8.416   8.772   -1.662  1.00 0.24 ? 13 DG  B H1     1 
ATOM   411  H H21    . DG  B 2 2  ? 9.087   9.343   0.436   1.00 0.37 ? 13 DG  B H21    1 
ATOM   412  H H22    . DG  B 2 2  ? 10.220  8.283   1.294   1.00 0.55 ? 13 DG  B H22    1 
ATOM   413  P P      . DT  B 2 3  ? 12.913  2.655   2.399   1.00 0.50 ? 14 DT  B P      1 
ATOM   414  O OP1    . DT  B 2 3  ? 13.547  2.397   3.712   1.00 0.62 ? 14 DT  B OP1    1 
ATOM   415  O OP2    . DT  B 2 3  ? 11.957  1.674   1.836   1.00 0.70 ? 14 DT  B OP2    1 
ATOM   416  O "O5'"  . DT  B 2 3  ? 12.158  4.067   2.472   1.00 0.59 ? 14 DT  B "O5'"  1 
ATOM   417  C "C5'"  . DT  B 2 3  ? 12.723  5.243   3.069   1.00 0.43 ? 14 DT  B "C5'"  1 
ATOM   418  C "C4'"  . DT  B 2 3  ? 11.631  6.180   3.553   1.00 0.27 ? 14 DT  B "C4'"  1 
ATOM   419  O "O4'"  . DT  B 2 3  ? 10.715  6.526   2.489   1.00 0.35 ? 14 DT  B "O4'"  1 
ATOM   420  C "C3'"  . DT  B 2 3  ? 10.811  5.571   4.685   1.00 0.35 ? 14 DT  B "C3'"  1 
ATOM   421  O "O3'"  . DT  B 2 3  ? 10.417  6.633   5.563   1.00 0.48 ? 14 DT  B "O3'"  1 
ATOM   422  C "C2'"  . DT  B 2 3  ? 9.627   4.999   3.893   1.00 0.32 ? 14 DT  B "C2'"  1 
ATOM   423  C "C1'"  . DT  B 2 3  ? 9.385   6.118   2.861   1.00 0.27 ? 14 DT  B "C1'"  1 
ATOM   424  N N1     . DT  B 2 3  ? 8.610   5.761   1.641   1.00 0.21 ? 14 DT  B N1     1 
ATOM   425  C C2     . DT  B 2 3  ? 7.597   6.626   1.266   1.00 0.27 ? 14 DT  B C2     1 
ATOM   426  O O2     . DT  B 2 3  ? 7.289   7.629   1.899   1.00 0.42 ? 14 DT  B O2     1 
ATOM   427  N N3     . DT  B 2 3  ? 6.919   6.308   0.123   1.00 0.26 ? 14 DT  B N3     1 
ATOM   428  C C4     . DT  B 2 3  ? 7.132   5.230   -0.683  1.00 0.29 ? 14 DT  B C4     1 
ATOM   429  O O4     . DT  B 2 3  ? 6.447   5.109   -1.693  1.00 0.36 ? 14 DT  B O4     1 
ATOM   430  C C5     . DT  B 2 3  ? 8.194   4.362   -0.233  1.00 0.32 ? 14 DT  B C5     1 
ATOM   431  C C7     . DT  B 2 3  ? 8.542   3.095   -1.015  1.00 0.48 ? 14 DT  B C7     1 
ATOM   432  C C6     . DT  B 2 3  ? 8.886   4.648   0.887   1.00 0.27 ? 14 DT  B C6     1 
ATOM   433  H "H5'"  . DT  B 2 3  ? 13.319  5.774   2.324   1.00 0.61 ? 14 DT  B "H5'"  1 
ATOM   434  H "H5''" . DT  B 2 3  ? 13.351  5.001   3.928   1.00 0.55 ? 14 DT  B "H5''" 1 
ATOM   435  H "H4'"  . DT  B 2 3  ? 12.097  7.084   3.945   1.00 0.35 ? 14 DT  B "H4'"  1 
ATOM   436  H "H3'"  . DT  B 2 3  ? 11.436  4.905   5.279   1.00 0.42 ? 14 DT  B "H3'"  1 
ATOM   437  H "H2'"  . DT  B 2 3  ? 9.932   4.078   3.397   1.00 0.34 ? 14 DT  B "H2'"  1 
ATOM   438  H "H2''" . DT  B 2 3  ? 8.752   4.877   4.532   1.00 0.45 ? 14 DT  B "H2''" 1 
ATOM   439  H "H1'"  . DT  B 2 3  ? 8.918   6.991   3.318   1.00 0.43 ? 14 DT  B "H1'"  1 
ATOM   440  H H3     . DT  B 2 3  ? 6.187   6.935   -0.168  1.00 0.32 ? 14 DT  B H3     1 
ATOM   441  H H71    . DT  B 2 3  ? 7.822   2.942   -1.819  1.00 0.64 ? 14 DT  B H71    1 
ATOM   442  H H72    . DT  B 2 3  ? 9.546   3.182   -1.430  1.00 0.70 ? 14 DT  B H72    1 
ATOM   443  H H73    . DT  B 2 3  ? 8.500   2.242   -0.336  1.00 0.66 ? 14 DT  B H73    1 
ATOM   444  H H6     . DT  B 2 3  ? 9.681   3.957   1.167   1.00 0.33 ? 14 DT  B H6     1 
ATOM   445  P P      . DA  B 2 4  ? 9.505   6.391   6.868   1.00 0.70 ? 15 DA  B P      1 
ATOM   446  O OP1    . DA  B 2 4  ? 9.895   7.390   7.889   1.00 0.95 ? 15 DA  B OP1    1 
ATOM   447  O OP2    . DA  B 2 4  ? 9.538   4.950   7.203   1.00 0.90 ? 15 DA  B OP2    1 
ATOM   448  O "O5'"  . DA  B 2 4  ? 8.019   6.738   6.353   1.00 0.61 ? 15 DA  B "O5'"  1 
ATOM   449  C "C5'"  . DA  B 2 4  ? 7.550   8.093   6.345   1.00 0.59 ? 15 DA  B "C5'"  1 
ATOM   450  C "C4'"  . DA  B 2 4  ? 6.086   8.210   5.944   1.00 0.49 ? 15 DA  B "C4'"  1 
ATOM   451  O "O4'"  . DA  B 2 4  ? 5.871   7.810   4.569   1.00 0.41 ? 15 DA  B "O4'"  1 
ATOM   452  C "C3'"  . DA  B 2 4  ? 5.123   7.376   6.818   1.00 0.51 ? 15 DA  B "C3'"  1 
ATOM   453  O "O3'"  . DA  B 2 4  ? 4.015   8.199   7.225   1.00 0.59 ? 15 DA  B "O3'"  1 
ATOM   454  C "C2'"  . DA  B 2 4  ? 4.744   6.285   5.837   1.00 0.46 ? 15 DA  B "C2'"  1 
ATOM   455  C "C1'"  . DA  B 2 4  ? 4.686   7.007   4.523   1.00 0.37 ? 15 DA  B "C1'"  1 
ATOM   456  N N9     . DA  B 2 4  ? 4.620   6.115   3.354   1.00 0.32 ? 15 DA  B N9     1 
ATOM   457  C C8     . DA  B 2 4  ? 5.202   4.907   3.125   1.00 0.33 ? 15 DA  B C8     1 
ATOM   458  N N7     . DA  B 2 4  ? 4.953   4.355   1.973   1.00 0.33 ? 15 DA  B N7     1 
ATOM   459  C C5     . DA  B 2 4  ? 4.116   5.301   1.379   1.00 0.29 ? 15 DA  B C5     1 
ATOM   460  C C6     . DA  B 2 4  ? 3.474   5.355   0.136   1.00 0.32 ? 15 DA  B C6     1 
ATOM   461  N N6     . DA  B 2 4  ? 3.576   4.398   -0.778  1.00 0.37 ? 15 DA  B N6     1 
ATOM   462  N N1     . DA  B 2 4  ? 2.724   6.434   -0.127  1.00 0.34 ? 15 DA  B N1     1 
ATOM   463  C C2     . DA  B 2 4  ? 2.617   7.397   0.780   1.00 0.35 ? 15 DA  B C2     1 
ATOM   464  N N3     . DA  B 2 4  ? 3.167   7.462   1.977   1.00 0.34 ? 15 DA  B N3     1 
ATOM   465  C C4     . DA  B 2 4  ? 3.915   6.366   2.213   1.00 0.30 ? 15 DA  B C4     1 
ATOM   466  H "H5'"  . DA  B 2 4  ? 8.148   8.668   5.638   1.00 0.57 ? 15 DA  B "H5'"  1 
ATOM   467  H "H5''" . DA  B 2 4  ? 7.670   8.523   7.338   1.00 0.83 ? 15 DA  B "H5''" 1 
ATOM   468  H "H4'"  . DA  B 2 4  ? 5.814   9.258   6.068   1.00 0.53 ? 15 DA  B "H4'"  1 
ATOM   469  H "H3'"  . DA  B 2 4  ? 5.625   6.994   7.708   1.00 0.60 ? 15 DA  B "H3'"  1 
ATOM   470  H "H2'"  . DA  B 2 4  ? 5.540   5.540   5.820   1.00 0.52 ? 15 DA  B "H2'"  1 
ATOM   471  H "H2''" . DA  B 2 4  ? 3.791   5.786   6.017   1.00 0.49 ? 15 DA  B "H2''" 1 
ATOM   472  H "H1'"  . DA  B 2 4  ? 3.789   7.625   4.530   1.00 0.39 ? 15 DA  B "H1'"  1 
ATOM   473  H H8     . DA  B 2 4  ? 5.832   4.431   3.875   1.00 0.39 ? 15 DA  B H8     1 
ATOM   474  H H61    . DA  B 2 4  ? 3.175   4.535   -1.699  1.00 0.48 ? 15 DA  B H61    1 
ATOM   475  H H62    . DA  B 2 4  ? 4.053   3.539   -0.552  1.00 0.42 ? 15 DA  B H62    1 
ATOM   476  H H2     . DA  B 2 4  ? 2.002   8.257   0.511   1.00 0.42 ? 15 DA  B H2     1 
ATOM   477  P P      . DC  B 2 5  ? 2.593   7.677   7.791   1.00 0.62 ? 16 DC  B P      1 
ATOM   478  O OP1    . DC  B 2 5  ? 2.138   8.638   8.821   1.00 0.78 ? 16 DC  B OP1    1 
ATOM   479  O OP2    . DC  B 2 5  ? 2.696   6.238   8.121   1.00 0.79 ? 16 DC  B OP2    1 
ATOM   480  O "O5'"  . DC  B 2 5  ? 1.628   7.804   6.519   1.00 0.54 ? 16 DC  B "O5'"  1 
ATOM   481  C "C5'"  . DC  B 2 5  ? 1.377   9.068   5.894   1.00 0.38 ? 16 DC  B "C5'"  1 
ATOM   482  C "C4'"  . DC  B 2 5  ? 0.292   8.966   4.843   1.00 0.27 ? 16 DC  B "C4'"  1 
ATOM   483  O "O4'"  . DC  B 2 5  ? 0.679   8.017   3.835   1.00 0.38 ? 16 DC  B "O4'"  1 
ATOM   484  C "C3'"  . DC  B 2 5  ? -1.072  8.556   5.396   1.00 0.27 ? 16 DC  B "C3'"  1 
ATOM   485  O "O3'"  . DC  B 2 5  ? -2.092  9.355   4.780   1.00 0.28 ? 16 DC  B "O3'"  1 
ATOM   486  C "C2'"  . DC  B 2 5  ? -1.137  7.095   4.960   1.00 0.33 ? 16 DC  B "C2'"  1 
ATOM   487  C "C1'"  . DC  B 2 5  ? -0.432  7.161   3.586   1.00 0.31 ? 16 DC  B "C1'"  1 
ATOM   488  N N1     . DC  B 2 5  ? 0.106   5.882   3.044   1.00 0.29 ? 16 DC  B N1     1 
ATOM   489  C C2     . DC  B 2 5  ? -0.246  5.535   1.747   1.00 0.32 ? 16 DC  B C2     1 
ATOM   490  O O2     . DC  B 2 5  ? -0.994  6.220   1.055   1.00 0.37 ? 16 DC  B O2     1 
ATOM   491  N N3     . DC  B 2 5  ? 0.254   4.390   1.224   1.00 0.36 ? 16 DC  B N3     1 
ATOM   492  C C4     . DC  B 2 5  ? 1.068   3.606   1.932   1.00 0.35 ? 16 DC  B C4     1 
ATOM   493  N N4     . DC  B 2 5  ? 1.532   2.502   1.361   1.00 0.40 ? 16 DC  B N4     1 
ATOM   494  C C5     . DC  B 2 5  ? 1.446   3.935   3.267   1.00 0.33 ? 16 DC  B C5     1 
ATOM   495  C C6     . DC  B 2 5  ? 0.943   5.078   3.781   1.00 0.30 ? 16 DC  B C6     1 
ATOM   496  H "H5'"  . DC  B 2 5  ? 2.292   9.392   5.395   1.00 0.48 ? 16 DC  B "H5'"  1 
ATOM   497  H "H5''" . DC  B 2 5  ? 1.069   9.812   6.630   1.00 0.48 ? 16 DC  B "H5''" 1 
ATOM   498  H "H4'"  . DC  B 2 5  ? 0.134   9.940   4.384   1.00 0.34 ? 16 DC  B "H4'"  1 
ATOM   499  H "H3'"  . DC  B 2 5  ? -1.080  8.788   6.462   1.00 0.33 ? 16 DC  B "H3'"  1 
ATOM   500  H "H2'"  . DC  B 2 5  ? -0.661  6.484   5.728   1.00 0.40 ? 16 DC  B "H2'"  1 
ATOM   501  H "H2''" . DC  B 2 5  ? -2.156  6.735   4.815   1.00 0.49 ? 16 DC  B "H2''" 1 
ATOM   502  H "H1'"  . DC  B 2 5  ? -1.040  7.684   2.848   1.00 0.43 ? 16 DC  B "H1'"  1 
ATOM   503  H H41    . DC  B 2 5  ? 1.279   2.320   0.398   1.00 0.46 ? 16 DC  B H41    1 
ATOM   504  H H42    . DC  B 2 5  ? 2.122   1.863   1.871   1.00 0.44 ? 16 DC  B H42    1 
ATOM   505  H H5     . DC  B 2 5  ? 2.112   3.285   3.833   1.00 0.37 ? 16 DC  B H5     1 
ATOM   506  H H6     . DC  B 2 5  ? 1.225   5.342   4.801   1.00 0.35 ? 16 DC  B H6     1 
HETATM 507  P P      . A38 B 2 6  ? -3.660  9.243   5.145   1.00 0.38 ? 17 A38 B P      1 
HETATM 508  O O1P    . A38 B 2 6  ? -4.245  10.601  5.072   1.00 0.56 ? 17 A38 B O1P    1 
HETATM 509  O O2P    . A38 B 2 6  ? -3.806  8.447   6.385   1.00 0.60 ? 17 A38 B O2P    1 
HETATM 510  O "O5'"  . A38 B 2 6  ? -4.258  8.370   3.935   1.00 0.39 ? 17 A38 B "O5'"  1 
HETATM 511  C "C5'"  . A38 B 2 6  ? -4.450  8.934   2.630   1.00 0.32 ? 17 A38 B "C5'"  1 
HETATM 512  C "C4'"  . A38 B 2 6  ? -5.007  7.916   1.648   1.00 0.29 ? 17 A38 B "C4'"  1 
HETATM 513  O "O4'"  . A38 B 2 6  ? -4.099  6.829   1.404   1.00 0.31 ? 17 A38 B "O4'"  1 
HETATM 514  C "C3'"  . A38 B 2 6  ? -6.336  7.341   2.104   1.00 0.34 ? 17 A38 B "C3'"  1 
HETATM 515  O "O3'"  . A38 B 2 6  ? -7.134  7.198   0.921   1.00 0.39 ? 17 A38 B "O3'"  1 
HETATM 516  C "C2'"  . A38 B 2 6  ? -5.805  5.936   2.656   1.00 0.29 ? 17 A38 B "C2'"  1 
HETATM 517  C "C1'"  . A38 B 2 6  ? -4.870  5.629   1.416   1.00 0.28 ? 17 A38 B "C1'"  1 
HETATM 518  N N9     . A38 B 2 6  ? -3.911  4.507   1.582   1.00 0.23 ? 17 A38 B N9     1 
HETATM 519  C C8     . A38 B 2 6  ? -3.321  4.175   2.791   1.00 0.24 ? 17 A38 B C8     1 
HETATM 520  N N7     . A38 B 2 6  ? -2.508  3.144   2.529   1.00 0.24 ? 17 A38 B N7     1 
HETATM 521  C C5     . A38 B 2 6  ? -2.501  2.750   1.226   1.00 0.23 ? 17 A38 B C5     1 
HETATM 522  C C6     . A38 B 2 6  ? -1.871  1.776   0.437   1.00 0.25 ? 17 A38 B C6     1 
HETATM 523  N N6     . A38 B 2 6  ? -0.995  0.888   0.893   1.00 0.32 ? 17 A38 B N6     1 
HETATM 524  N N1     . A38 B 2 6  ? -2.190  1.762   -0.861  1.00 0.28 ? 17 A38 B N1     1 
HETATM 525  C C2     . A38 B 2 6  ? -3.065  2.644   -1.334  1.00 0.27 ? 17 A38 B C2     1 
HETATM 526  N N3     . A38 B 2 6  ? -3.719  3.603   -0.690  1.00 0.27 ? 17 A38 B N3     1 
HETATM 527  C C4     . A38 B 2 6  ? -3.392  3.611   0.619   1.00 0.24 ? 17 A38 B C4     1 
HETATM 528  O O      . A38 B 2 6  ? -3.477  4.689   3.894   1.00 0.28 ? 17 A38 B O      1 
HETATM 529  H "H5'1" . A38 B 2 6  ? -3.490  9.293   2.257   1.00 0.35 ? 17 A38 B "H5'1" 1 
HETATM 530  H "H5'2" . A38 B 2 6  ? -5.165  9.755   2.685   1.00 0.42 ? 17 A38 B "H5'2" 1 
HETATM 531  H "H4'"  . A38 B 2 6  ? -5.281  8.373   0.697   1.00 0.36 ? 17 A38 B "H4'"  1 
HETATM 532  H "H3'"  . A38 B 2 6  ? -6.854  8.187   2.557   1.00 0.41 ? 17 A38 B "H3'"  1 
HETATM 533  H "H2'1" . A38 B 2 6  ? -5.170  5.964   3.541   1.00 0.32 ? 17 A38 B "H2'1" 1 
HETATM 534  H "H2'2" . A38 B 2 6  ? -6.600  5.191   2.702   1.00 0.34 ? 17 A38 B "H2'2" 1 
HETATM 535  H "H1'"  . A38 B 2 6  ? -5.329  5.653   0.428   1.00 0.34 ? 17 A38 B "H1'"  1 
HETATM 536  H H7     . A38 B 2 6  ? -1.958  2.718   3.259   1.00 0.28 ? 17 A38 B H7     1 
HETATM 537  H H6N1   . A38 B 2 6  ? -0.524  0.278   0.232   1.00 0.38 ? 17 A38 B H6N1   1 
HETATM 538  H H6N2   . A38 B 2 6  ? -0.795  0.818   1.879   1.00 0.37 ? 17 A38 B H6N2   1 
HETATM 539  H H2     . A38 B 2 6  ? -3.261  2.563   -2.403  1.00 0.29 ? 17 A38 B H2     1 
ATOM   540  P P      . DC  B 2 7  ? -8.461  6.301   0.754   1.00 0.46 ? 18 DC  B P      1 
ATOM   541  O OP1    . DC  B 2 7  ? -9.526  7.159   0.189   1.00 0.64 ? 18 DC  B OP1    1 
ATOM   542  O OP2    . DC  B 2 7  ? -8.706  5.534   1.994   1.00 0.60 ? 18 DC  B OP2    1 
ATOM   543  O "O5'"  . DC  B 2 7  ? -7.975  5.276   -0.381  1.00 0.42 ? 18 DC  B "O5'"  1 
ATOM   544  C "C5'"  . DC  B 2 7  ? -7.665  5.718   -1.715  1.00 0.43 ? 18 DC  B "C5'"  1 
ATOM   545  C "C4'"  . DC  B 2 7  ? -7.699  4.542   -2.698  1.00 0.48 ? 18 DC  B "C4'"  1 
ATOM   546  O "O4'"  . DC  B 2 7  ? -6.692  3.607   -2.319  1.00 0.44 ? 18 DC  B "O4'"  1 
ATOM   547  C "C3'"  . DC  B 2 7  ? -9.066  3.861   -2.680  1.00 0.58 ? 18 DC  B "C3'"  1 
ATOM   548  O "O3'"  . DC  B 2 7  ? -9.445  3.398   -3.982  1.00 0.75 ? 18 DC  B "O3'"  1 
ATOM   549  C "C2'"  . DC  B 2 7  ? -8.747  2.736   -1.742  1.00 0.54 ? 18 DC  B "C2'"  1 
ATOM   550  C "C1'"  . DC  B 2 7  ? -7.341  2.363   -2.146  1.00 0.47 ? 18 DC  B "C1'"  1 
ATOM   551  N N1     . DC  B 2 7  ? -6.525  1.642   -1.153  1.00 0.42 ? 18 DC  B N1     1 
ATOM   552  C C2     . DC  B 2 7  ? -5.711  0.589   -1.559  1.00 0.42 ? 18 DC  B C2     1 
ATOM   553  O O2     . DC  B 2 7  ? -5.659  0.195   -2.720  1.00 0.46 ? 18 DC  B O2     1 
ATOM   554  N N3     . DC  B 2 7  ? -4.951  -0.027  -0.617  1.00 0.39 ? 18 DC  B N3     1 
ATOM   555  C C4     . DC  B 2 7  ? -4.982  0.361   0.659   1.00 0.35 ? 18 DC  B C4     1 
ATOM   556  N N4     . DC  B 2 7  ? -4.207  -0.273  1.525   1.00 0.36 ? 18 DC  B N4     1 
ATOM   557  C C5     . DC  B 2 7  ? -5.820  1.437   1.075   1.00 0.36 ? 18 DC  B C5     1 
ATOM   558  C C6     . DC  B 2 7  ? -6.554  2.031   0.149   1.00 0.40 ? 18 DC  B C6     1 
ATOM   559  H "H5'"  . DC  B 2 7  ? -6.664  6.149   -1.681  1.00 0.40 ? 18 DC  B "H5'"  1 
ATOM   560  H "H5''" . DC  B 2 7  ? -8.388  6.475   -2.017  1.00 0.47 ? 18 DC  B "H5''" 1 
ATOM   561  H "H4'"  . DC  B 2 7  ? -7.479  4.704   -3.754  1.00 0.58 ? 18 DC  B "H4'"  1 
ATOM   562  H "H3'"  . DC  B 2 7  ? -9.817  4.564   -2.318  1.00 0.63 ? 18 DC  B "H3'"  1 
ATOM   563  H "H2'"  . DC  B 2 7  ? -8.906  3.092   -0.723  1.00 0.54 ? 18 DC  B "H2'"  1 
ATOM   564  H "H2''" . DC  B 2 7  ? -9.389  1.860   -1.828  1.00 0.58 ? 18 DC  B "H2''" 1 
ATOM   565  H "H1'"  . DC  B 2 7  ? -7.472  1.907   -3.128  1.00 0.53 ? 18 DC  B "H1'"  1 
ATOM   566  H H41    . DC  B 2 7  ? -3.616  -1.015  1.171   1.00 0.36 ? 18 DC  B H41    1 
ATOM   567  H H42    . DC  B 2 7  ? -4.208  -0.021  2.502   1.00 0.45 ? 18 DC  B H42    1 
ATOM   568  H H5     . DC  B 2 7  ? -5.990  1.886   2.053   1.00 0.40 ? 18 DC  B H5     1 
ATOM   569  H H6     . DC  B 2 7  ? -7.133  2.839   0.598   1.00 0.44 ? 18 DC  B H6     1 
ATOM   570  P P      . DA  B 2 8  ? -10.750 2.487   -4.241  1.00 0.92 ? 19 DA  B P      1 
ATOM   571  O OP1    . DA  B 2 8  ? -11.183 2.712   -5.639  1.00 1.19 ? 19 DA  B OP1    1 
ATOM   572  O OP2    . DA  B 2 8  ? -11.710 2.689   -3.132  1.00 1.08 ? 19 DA  B OP2    1 
ATOM   573  O "O5'"  . DA  B 2 8  ? -10.160 0.993   -4.111  1.00 0.68 ? 19 DA  B "O5'"  1 
ATOM   574  C "C5'"  . DA  B 2 8  ? -9.448  0.394   -5.200  1.00 0.62 ? 19 DA  B "C5'"  1 
ATOM   575  C "C4'"  . DA  B 2 8  ? -9.002  -1.027  -4.919  1.00 0.52 ? 19 DA  B "C4'"  1 
ATOM   576  O "O4'"  . DA  B 2 8  ? -8.039  -1.104  -3.840  1.00 0.46 ? 19 DA  B "O4'"  1 
ATOM   577  C "C3'"  . DA  B 2 8  ? -10.163 -1.988  -4.548  1.00 0.52 ? 19 DA  B "C3'"  1 
ATOM   578  O "O3'"  . DA  B 2 8  ? -10.254 -3.029  -5.529  1.00 0.56 ? 19 DA  B "O3'"  1 
ATOM   579  C "C2'"  . DA  B 2 8  ? -9.740  -2.491  -3.159  1.00 0.49 ? 19 DA  B "C2'"  1 
ATOM   580  C "C1'"  . DA  B 2 8  ? -8.241  -2.344  -3.143  1.00 0.44 ? 19 DA  B "C1'"  1 
ATOM   581  N N9     . DA  B 2 8  ? -7.674  -2.310  -1.784  1.00 0.37 ? 19 DA  B N9     1 
ATOM   582  C C8     . DA  B 2 8  ? -7.990  -1.507  -0.742  1.00 0.38 ? 19 DA  B C8     1 
ATOM   583  N N7     . DA  B 2 8  ? -7.325  -1.687  0.359   1.00 0.33 ? 19 DA  B N7     1 
ATOM   584  C C5     . DA  B 2 8  ? -6.469  -2.730  0.003   1.00 0.27 ? 19 DA  B C5     1 
ATOM   585  C C6     . DA  B 2 8  ? -5.478  -3.427  0.705   1.00 0.26 ? 19 DA  B C6     1 
ATOM   586  N N6     . DA  B 2 8  ? -5.166  -3.169  1.971   1.00 0.32 ? 19 DA  B N6     1 
ATOM   587  N N1     . DA  B 2 8  ? -4.820  -4.398  0.059   1.00 0.26 ? 19 DA  B N1     1 
ATOM   588  C C2     . DA  B 2 8  ? -5.124  -4.665  -1.207  1.00 0.24 ? 19 DA  B C2     1 
ATOM   589  N N3     . DA  B 2 8  ? -6.033  -4.084  -1.974  1.00 0.26 ? 19 DA  B N3     1 
ATOM   590  C C4     . DA  B 2 8  ? -6.676  -3.111  -1.296  1.00 0.27 ? 19 DA  B C4     1 
ATOM   591  H "H5'"  . DA  B 2 8  ? -8.562  0.983   -5.433  1.00 0.69 ? 19 DA  B "H5'"  1 
ATOM   592  H "H5''" . DA  B 2 8  ? -10.084 0.361   -6.084  1.00 0.69 ? 19 DA  B "H5''" 1 
ATOM   593  H "H4'"  . DA  B 2 8  ? -8.564  -1.306  -5.877  1.00 0.57 ? 19 DA  B "H4'"  1 
ATOM   594  H "H3'"  . DA  B 2 8  ? -11.121 -1.470  -4.505  1.00 0.59 ? 19 DA  B "H3'"  1 
ATOM   595  H "H2'"  . DA  B 2 8  ? -10.194 -1.882  -2.379  1.00 0.53 ? 19 DA  B "H2'"  1 
ATOM   596  H "H2''" . DA  B 2 8  ? -10.000 -3.523  -2.921  1.00 0.54 ? 19 DA  B "H2''" 1 
ATOM   597  H "H1'"  . DA  B 2 8  ? -7.836  -3.224  -3.644  1.00 0.45 ? 19 DA  B "H1'"  1 
ATOM   598  H H8     . DA  B 2 8  ? -8.771  -0.754  -0.851  1.00 0.46 ? 19 DA  B H8     1 
ATOM   599  H H61    . DA  B 2 8  ? -4.389  -3.651  2.409   1.00 0.33 ? 19 DA  B H61    1 
ATOM   600  H H62    . DA  B 2 8  ? -5.711  -2.490  2.483   1.00 0.38 ? 19 DA  B H62    1 
ATOM   601  H H2     . DA  B 2 8  ? -4.552  -5.465  -1.679  1.00 0.24 ? 19 DA  B H2     1 
ATOM   602  P P      . DT  B 2 9  ? -11.207 -4.324  -5.397  1.00 0.58 ? 20 DT  B P      1 
ATOM   603  O OP1    . DT  B 2 9  ? -11.659 -4.697  -6.756  1.00 0.67 ? 20 DT  B OP1    1 
ATOM   604  O OP2    . DT  B 2 9  ? -12.206 -4.078  -4.332  1.00 0.67 ? 20 DT  B OP2    1 
ATOM   605  O "O5'"  . DT  B 2 9  ? -10.174 -5.441  -4.871  1.00 0.62 ? 20 DT  B "O5'"  1 
ATOM   606  C "C5'"  . DT  B 2 9  ? -9.101  -5.903  -5.711  1.00 0.68 ? 20 DT  B "C5'"  1 
ATOM   607  C "C4'"  . DT  B 2 9  ? -8.279  -7.010  -5.070  1.00 0.54 ? 20 DT  B "C4'"  1 
ATOM   608  O "O4'"  . DT  B 2 9  ? -7.644  -6.553  -3.855  1.00 0.45 ? 20 DT  B "O4'"  1 
ATOM   609  C "C3'"  . DT  B 2 9  ? -9.148  -8.230  -4.739  1.00 0.58 ? 20 DT  B "C3'"  1 
ATOM   610  O "O3'"  . DT  B 2 9  ? -8.531  -9.450  -5.200  1.00 0.52 ? 20 DT  B "O3'"  1 
ATOM   611  C "C2'"  . DT  B 2 9  ? -9.214  -8.076  -3.242  1.00 0.52 ? 20 DT  B "C2'"  1 
ATOM   612  C "C1'"  . DT  B 2 9  ? -7.855  -7.565  -2.878  1.00 0.35 ? 20 DT  B "C1'"  1 
ATOM   613  N N1     . DT  B 2 9  ? -7.788  -7.032  -1.504  1.00 0.29 ? 20 DT  B N1     1 
ATOM   614  C C2     . DT  B 2 9  ? -6.802  -7.525  -0.671  1.00 0.28 ? 20 DT  B C2     1 
ATOM   615  O O2     . DT  B 2 9  ? -5.995  -8.389  -0.996  1.00 0.35 ? 20 DT  B O2     1 
ATOM   616  N N3     . DT  B 2 9  ? -6.764  -6.993  0.586   1.00 0.28 ? 20 DT  B N3     1 
ATOM   617  C C4     . DT  B 2 9  ? -7.595  -6.031  1.095   1.00 0.26 ? 20 DT  B C4     1 
ATOM   618  O O4     . DT  B 2 9  ? -7.423  -5.648  2.250   1.00 0.34 ? 20 DT  B O4     1 
ATOM   619  C C5     . DT  B 2 9  ? -8.600  -5.567  0.170   1.00 0.29 ? 20 DT  B C5     1 
ATOM   620  C C7     . DT  B 2 9  ? -9.599  -4.493  0.598   1.00 0.39 ? 20 DT  B C7     1 
ATOM   621  C C6     . DT  B 2 9  ? -8.662  -6.072  -1.073  1.00 0.32 ? 20 DT  B C6     1 
ATOM   622  H "H5'"  . DT  B 2 9  ? -8.428  -5.075  -5.932  1.00 0.70 ? 20 DT  B "H5'"  1 
ATOM   623  H "H5''" . DT  B 2 9  ? -9.520  -6.303  -6.634  1.00 0.83 ? 20 DT  B "H5''" 1 
ATOM   624  H "H4'"  . DT  B 2 9  ? -7.504  -7.344  -5.758  1.00 0.58 ? 20 DT  B "H4'"  1 
ATOM   625  H "H3'"  . DT  B 2 9  ? -10.115 -8.127  -5.230  1.00 0.70 ? 20 DT  B "H3'"  1 
ATOM   626  H "H2'"  . DT  B 2 9  ? -10.016 -7.396  -2.957  1.00 0.60 ? 20 DT  B "H2'"  1 
ATOM   627  H "H2''" . DT  B 2 9  ? -9.269  -9.019  -2.698  1.00 0.57 ? 20 DT  B "H2''" 1 
ATOM   628  H "H1'"  . DT  B 2 9  ? -7.159  -8.396  -3.002  1.00 0.34 ? 20 DT  B "H1'"  1 
ATOM   629  H H3     . DT  B 2 9  ? -6.044  -7.355  1.194   1.00 0.35 ? 20 DT  B H3     1 
ATOM   630  H H71    . DT  B 2 9  ? -10.608 -4.905  0.576   1.00 0.63 ? 20 DT  B H71    1 
ATOM   631  H H72    . DT  B 2 9  ? -9.357  -4.163  1.609   1.00 0.57 ? 20 DT  B H72    1 
ATOM   632  H H73    . DT  B 2 9  ? -9.542  -3.650  -0.088  1.00 0.45 ? 20 DT  B H73    1 
ATOM   633  H H6     . DT  B 2 9  ? -9.439  -5.708  -1.747  1.00 0.42 ? 20 DT  B H6     1 
ATOM   634  P P      . DG  B 2 10 ? -9.230  -10.914 -5.166  1.00 0.53 ? 21 DG  B P      1 
ATOM   635  O OP1    . DG  B 2 10 ? -9.269  -11.420 -6.559  1.00 0.63 ? 21 DG  B OP1    1 
ATOM   636  O OP2    . DG  B 2 10 ? -10.489 -10.826 -4.392  1.00 0.77 ? 21 DG  B OP2    1 
ATOM   637  O "O5'"  . DG  B 2 10 ? -8.222  -11.845 -4.315  1.00 0.38 ? 21 DG  B "O5'"  1 
ATOM   638  C "C5'"  . DG  B 2 10 ? -7.028  -12.380 -4.916  1.00 0.43 ? 21 DG  B "C5'"  1 
ATOM   639  C "C4'"  . DG  B 2 10 ? -6.296  -13.411 -4.055  1.00 0.48 ? 21 DG  B "C4'"  1 
ATOM   640  O "O4'"  . DG  B 2 10 ? -5.863  -12.843 -2.805  1.00 0.60 ? 21 DG  B "O4'"  1 
ATOM   641  C "C3'"  . DG  B 2 10 ? -7.068  -14.692 -3.733  1.00 0.48 ? 21 DG  B "C3'"  1 
ATOM   642  O "O3'"  . DG  B 2 10 ? -6.155  -15.796 -3.687  1.00 0.45 ? 21 DG  B "O3'"  1 
ATOM   643  C "C2'"  . DG  B 2 10 ? -7.611  -14.345 -2.375  1.00 0.50 ? 21 DG  B "C2'"  1 
ATOM   644  C "C1'"  . DG  B 2 10 ? -6.532  -13.505 -1.720  1.00 0.53 ? 21 DG  B "C1'"  1 
ATOM   645  N N9     . DG  B 2 10 ? -7.088  -12.460 -0.849  1.00 0.55 ? 21 DG  B N9     1 
ATOM   646  C C8     . DG  B 2 10 ? -8.097  -11.602 -1.120  1.00 0.60 ? 21 DG  B C8     1 
ATOM   647  N N7     . DG  B 2 10 ? -8.406  -10.745 -0.199  1.00 0.60 ? 21 DG  B N7     1 
ATOM   648  C C5     . DG  B 2 10 ? -7.492  -11.078 0.802   1.00 0.56 ? 21 DG  B C5     1 
ATOM   649  C C6     . DG  B 2 10 ? -7.310  -10.508 2.079   1.00 0.57 ? 21 DG  B C6     1 
ATOM   650  O O6     . DG  B 2 10 ? -7.910  -9.579  2.603   1.00 0.60 ? 21 DG  B O6     1 
ATOM   651  N N1     . DG  B 2 10 ? -6.300  -11.123 2.773   1.00 0.53 ? 21 DG  B N1     1 
ATOM   652  C C2     . DG  B 2 10 ? -5.539  -12.162 2.312   1.00 0.50 ? 21 DG  B C2     1 
ATOM   653  N N2     . DG  B 2 10 ? -4.615  -12.624 3.134   1.00 0.47 ? 21 DG  B N2     1 
ATOM   654  N N3     . DG  B 2 10 ? -5.690  -12.715 1.114   1.00 0.51 ? 21 DG  B N3     1 
ATOM   655  C C4     . DG  B 2 10 ? -6.685  -12.122 0.412   1.00 0.53 ? 21 DG  B C4     1 
ATOM   656  H "H5'"  . DG  B 2 10 ? -6.338  -11.552 -5.082  1.00 0.51 ? 21 DG  B "H5'"  1 
ATOM   657  H "H5''" . DG  B 2 10 ? -7.268  -12.842 -5.873  1.00 0.53 ? 21 DG  B "H5''" 1 
ATOM   658  H "H4'"  . DG  B 2 10 ? -5.405  -13.726 -4.599  1.00 0.57 ? 21 DG  B "H4'"  1 
ATOM   659  H "H3'"  . DG  B 2 10 ? -7.815  -14.958 -4.481  1.00 0.55 ? 21 DG  B "H3'"  1 
ATOM   660  H "H2'"  . DG  B 2 10 ? -8.597  -13.883 -2.420  1.00 0.53 ? 21 DG  B "H2'"  1 
ATOM   661  H "H2''" . DG  B 2 10 ? -7.785  -15.240 -1.777  1.00 0.56 ? 21 DG  B "H2''" 1 
ATOM   662  H "H1'"  . DG  B 2 10 ? -5.886  -14.190 -1.172  1.00 0.50 ? 21 DG  B "H1'"  1 
ATOM   663  H H8     . DG  B 2 10 ? -8.603  -11.679 -2.082  1.00 0.67 ? 21 DG  B H8     1 
ATOM   664  H H1     . DG  B 2 10 ? -6.150  -10.738 3.690   1.00 0.55 ? 21 DG  B H1     1 
ATOM   665  H H21    . DG  B 2 10 ? -4.539  -12.237 4.067   1.00 0.49 ? 21 DG  B H21    1 
ATOM   666  H H22    . DG  B 2 10 ? -3.996  -13.355 2.817   1.00 0.48 ? 21 DG  B H22    1 
ATOM   667  P P      . DC  B 2 11 ? -6.583  -17.296 -3.282  1.00 0.54 ? 22 DC  B P      1 
ATOM   668  O OP1    . DC  B 2 11 ? -5.521  -18.214 -3.752  1.00 0.63 ? 22 DC  B OP1    1 
ATOM   669  O OP2    . DC  B 2 11 ? -7.989  -17.531 -3.679  1.00 0.74 ? 22 DC  B OP2    1 
ATOM   670  O "O5'"  . DC  B 2 11 ? -6.527  -17.227 -1.675  1.00 0.40 ? 22 DC  B "O5'"  1 
ATOM   671  C "C5'"  . DC  B 2 11 ? -5.276  -17.143 -0.981  1.00 0.36 ? 22 DC  B "C5'"  1 
ATOM   672  C "C4'"  . DC  B 2 11 ? -5.472  -16.940 0.513   1.00 0.35 ? 22 DC  B "C4'"  1 
ATOM   673  O "O4'"  . DC  B 2 11 ? -6.241  -15.752 0.762   1.00 0.35 ? 22 DC  B "O4'"  1 
ATOM   674  C "C3'"  . DC  B 2 11 ? -6.273  -18.087 1.178   1.00 0.42 ? 22 DC  B "C3'"  1 
ATOM   675  O "O3'"  . DC  B 2 11 ? -5.380  -18.942 1.892   1.00 0.68 ? 22 DC  B "O3'"  1 
ATOM   676  C "C2'"  . DC  B 2 11 ? -7.224  -17.335 2.170   1.00 0.41 ? 22 DC  B "C2'"  1 
ATOM   677  C "C1'"  . DC  B 2 11 ? -6.771  -15.876 2.088   1.00 0.37 ? 22 DC  B "C1'"  1 
ATOM   678  N N1     . DC  B 2 11 ? -7.906  -14.934 2.224   1.00 0.39 ? 22 DC  B N1     1 
ATOM   679  C C2     . DC  B 2 11 ? -7.945  -14.106 3.332   1.00 0.49 ? 22 DC  B C2     1 
ATOM   680  O O2     . DC  B 2 11 ? -7.094  -14.150 4.216   1.00 0.55 ? 22 DC  B O2     1 
ATOM   681  N N3     . DC  B 2 11 ? -8.972  -13.229 3.437   1.00 0.55 ? 22 DC  B N3     1 
ATOM   682  C C4     . DC  B 2 11 ? -9.924  -13.161 2.506   1.00 0.55 ? 22 DC  B C4     1 
ATOM   683  N N4     . DC  B 2 11 ? -10.906 -12.283 2.662   1.00 0.63 ? 22 DC  B N4     1 
ATOM   684  C C5     . DC  B 2 11 ? -9.905  -14.006 1.359   1.00 0.46 ? 22 DC  B C5     1 
ATOM   685  C C6     . DC  B 2 11 ? -8.876  -14.878 1.262   1.00 0.37 ? 22 DC  B C6     1 
ATOM   686  H "H5'"  . DC  B 2 11 ? -4.690  -16.300 -1.347  1.00 0.47 ? 22 DC  B "H5'"  1 
ATOM   687  H "H5''" . DC  B 2 11 ? -4.723  -18.066 -1.158  1.00 0.48 ? 22 DC  B "H5''" 1 
ATOM   688  H "H4'"  . DC  B 2 11 ? -4.461  -16.852 0.913   1.00 0.44 ? 22 DC  B "H4'"  1 
ATOM   689  H "H3'"  . DC  B 2 11 ? -6.758  -18.650 0.381   1.00 0.53 ? 22 DC  B "H3'"  1 
ATOM   690  H "HO3'" . DC  B 2 11 ? -5.903  -19.665 2.242   1.00 0.80 ? 22 DC  B "HO3'" 1 
ATOM   691  H "H2'"  . DC  B 2 11 ? -8.281  -17.384 1.907   1.00 0.51 ? 22 DC  B "H2'"  1 
ATOM   692  H "H2''" . DC  B 2 11 ? -7.208  -17.679 3.205   1.00 0.55 ? 22 DC  B "H2''" 1 
ATOM   693  H "H1'"  . DC  B 2 11 ? -5.999  -15.643 2.819   1.00 0.49 ? 22 DC  B "H1'"  1 
ATOM   694  H H41    . DC  B 2 11 ? -10.911 -11.701 3.489   1.00 0.61 ? 22 DC  B H41    1 
ATOM   695  H H42    . DC  B 2 11 ? -11.636 -12.192 1.973   1.00 0.71 ? 22 DC  B H42    1 
ATOM   696  H H5     . DC  B 2 11 ? -10.706 -13.913 0.625   1.00 0.51 ? 22 DC  B H5     1 
ATOM   697  H H6     . DC  B 2 11 ? -8.782  -15.576 0.430   1.00 0.32 ? 22 DC  B H6     1 
ATOM   698  O "O5'"  . DG  A 1 1  ? -10.163 -8.380  13.610  1.00 0.83 ? 1  DG  A "O5'"  2 
ATOM   699  C "C5'"  . DG  A 1 1  ? -9.767  -9.614  14.217  1.00 0.87 ? 1  DG  A "C5'"  2 
ATOM   700  C "C4'"  . DG  A 1 1  ? -8.677  -10.290 13.390  1.00 0.82 ? 1  DG  A "C4'"  2 
ATOM   701  O "O4'"  . DG  A 1 1  ? -9.133  -10.515 12.047  1.00 0.74 ? 1  DG  A "O4'"  2 
ATOM   702  C "C3'"  . DG  A 1 1  ? -7.392  -9.457  13.295  1.00 0.80 ? 1  DG  A "C3'"  2 
ATOM   703  O "O3'"  . DG  A 1 1  ? -6.369  -10.284 13.868  1.00 0.88 ? 1  DG  A "O3'"  2 
ATOM   704  C "C2'"  . DG  A 1 1  ? -7.281  -9.193  11.779  1.00 0.72 ? 1  DG  A "C2'"  2 
ATOM   705  C "C1'"  . DG  A 1 1  ? -8.037  -10.309 11.148  1.00 0.70 ? 1  DG  A "C1'"  2 
ATOM   706  N N9     . DG  A 1 1  ? -8.630  -9.976  9.840   1.00 0.57 ? 1  DG  A N9     2 
ATOM   707  C C8     . DG  A 1 1  ? -9.506  -8.982  9.530   1.00 0.51 ? 1  DG  A C8     2 
ATOM   708  N N7     . DG  A 1 1  ? -9.914  -8.934  8.299   1.00 0.48 ? 1  DG  A N7     2 
ATOM   709  C C5     . DG  A 1 1  ? -9.234  -10.011 7.726   1.00 0.48 ? 1  DG  A C5     2 
ATOM   710  C C6     . DG  A 1 1  ? -9.250  -10.497 6.393   1.00 0.47 ? 1  DG  A C6     2 
ATOM   711  O O6     . DG  A 1 1  ? -9.874  -10.097 5.416   1.00 0.48 ? 1  DG  A O6     2 
ATOM   712  N N1     . DG  A 1 1  ? -8.430  -11.589 6.243   1.00 0.50 ? 1  DG  A N1     2 
ATOM   713  C C2     . DG  A 1 1  ? -7.678  -12.157 7.235   1.00 0.58 ? 1  DG  A C2     2 
ATOM   714  N N2     . DG  A 1 1  ? -6.926  -13.185 6.893   1.00 0.67 ? 1  DG  A N2     2 
ATOM   715  N N3     . DG  A 1 1  ? -7.652  -11.719 8.487   1.00 0.61 ? 1  DG  A N3     2 
ATOM   716  C C4     . DG  A 1 1  ? -8.451  -10.646 8.661   1.00 0.54 ? 1  DG  A C4     2 
ATOM   717  H "H5'"  . DG  A 1 1  ? -10.626 -10.286 14.244  1.00 0.94 ? 1  DG  A "H5'"  2 
ATOM   718  H "H5''" . DG  A 1 1  ? -9.430  -9.428  15.236  1.00 0.99 ? 1  DG  A "H5''" 2 
ATOM   719  H "H4'"  . DG  A 1 1  ? -8.415  -11.268 13.793  1.00 0.85 ? 1  DG  A "H4'"  2 
ATOM   720  H "H3'"  . DG  A 1 1  ? -7.464  -8.527  13.859  1.00 0.81 ? 1  DG  A "H3'"  2 
ATOM   721  H "H2'"  . DG  A 1 1  ? -7.739  -8.248  11.486  1.00 0.68 ? 1  DG  A "H2'"  2 
ATOM   722  H "H2''" . DG  A 1 1  ? -6.282  -9.233  11.344  1.00 0.79 ? 1  DG  A "H2''" 2 
ATOM   723  H "H1'"  . DG  A 1 1  ? -7.303  -11.114 11.111  1.00 0.75 ? 1  DG  A "H1'"  2 
ATOM   724  H H8     . DG  A 1 1  ? -9.836  -8.266  10.284  1.00 0.57 ? 1  DG  A H8     2 
ATOM   725  H H1     . DG  A 1 1  ? -8.425  -11.979 5.315   1.00 0.51 ? 1  DG  A H1     2 
ATOM   726  H H21    . DG  A 1 1  ? -6.949  -13.545 5.947   1.00 0.65 ? 1  DG  A H21    2 
ATOM   727  H H22    . DG  A 1 1  ? -6.332  -13.584 7.602   1.00 0.85 ? 1  DG  A H22    2 
ATOM   728  H "HO5'" . DG  A 1 1  ? -10.216 -8.567  12.670  1.00 0.79 ? 1  DG  A "HO5'" 2 
ATOM   729  P P      . DC  A 1 2  ? -4.850  -10.348 13.369  1.00 0.77 ? 2  DC  A P      2 
ATOM   730  O OP1    . DC  A 1 2  ? -4.120  -11.314 14.216  1.00 0.95 ? 2  DC  A OP1    2 
ATOM   731  O OP2    . DC  A 1 2  ? -4.343  -8.970  13.211  1.00 1.07 ? 2  DC  A OP2    2 
ATOM   732  O "O5'"  . DC  A 1 2  ? -5.082  -10.982 11.917  1.00 0.37 ? 2  DC  A "O5'"  2 
ATOM   733  C "C5'"  . DC  A 1 2  ? -4.791  -12.332 11.542  1.00 0.35 ? 2  DC  A "C5'"  2 
ATOM   734  C "C4'"  . DC  A 1 2  ? -4.124  -12.344 10.169  1.00 0.40 ? 2  DC  A "C4'"  2 
ATOM   735  O "O4'"  . DC  A 1 2  ? -4.941  -11.780 9.108   1.00 0.43 ? 2  DC  A "O4'"  2 
ATOM   736  C "C3'"  . DC  A 1 2  ? -2.861  -11.493 10.259  1.00 0.42 ? 2  DC  A "C3'"  2 
ATOM   737  O "O3'"  . DC  A 1 2  ? -1.803  -12.139 9.546   1.00 0.54 ? 2  DC  A "O3'"  2 
ATOM   738  C "C2'"  . DC  A 1 2  ? -3.397  -10.194 9.594   1.00 0.36 ? 2  DC  A "C2'"  2 
ATOM   739  C "C1'"  . DC  A 1 2  ? -4.190  -10.763 8.416   1.00 0.39 ? 2  DC  A "C1'"  2 
ATOM   740  N N1     . DC  A 1 2  ? -5.050  -9.837  7.594   1.00 0.31 ? 2  DC  A N1     2 
ATOM   741  C C2     . DC  A 1 2  ? -5.305  -10.203 6.271   1.00 0.27 ? 2  DC  A C2     2 
ATOM   742  O O2     . DC  A 1 2  ? -4.818  -11.204 5.752   1.00 0.31 ? 2  DC  A O2     2 
ATOM   743  N N3     . DC  A 1 2  ? -6.112  -9.408  5.520   1.00 0.25 ? 2  DC  A N3     2 
ATOM   744  C C4     . DC  A 1 2  ? -6.660  -8.298  6.020   1.00 0.25 ? 2  DC  A C4     2 
ATOM   745  N N4     . DC  A 1 2  ? -7.449  -7.558  5.255   1.00 0.28 ? 2  DC  A N4     2 
ATOM   746  C C5     . DC  A 1 2  ? -6.415  -7.900  7.358   1.00 0.29 ? 2  DC  A C5     2 
ATOM   747  C C6     . DC  A 1 2  ? -5.615  -8.684  8.095   1.00 0.34 ? 2  DC  A C6     2 
ATOM   748  H "H5'"  . DC  A 1 2  ? -5.691  -12.945 11.527  1.00 0.42 ? 2  DC  A "H5'"  2 
ATOM   749  H "H5''" . DC  A 1 2  ? -4.079  -12.754 12.251  1.00 0.40 ? 2  DC  A "H5''" 2 
ATOM   750  H "H4'"  . DC  A 1 2  ? -3.826  -13.362 9.912   1.00 0.49 ? 2  DC  A "H4'"  2 
ATOM   751  H "H3'"  . DC  A 1 2  ? -2.509  -11.524 11.290  1.00 0.42 ? 2  DC  A "H3'"  2 
ATOM   752  H "H2'"  . DC  A 1 2  ? -4.103  -9.703  10.262  1.00 0.38 ? 2  DC  A "H2'"  2 
ATOM   753  H "H2''" . DC  A 1 2  ? -2.605  -9.585  9.156   1.00 0.39 ? 2  DC  A "H2''" 2 
ATOM   754  H "H1'"  . DC  A 1 2  ? -3.509  -11.281 7.742   1.00 0.48 ? 2  DC  A "H1'"  2 
ATOM   755  H H41    . DC  A 1 2  ? -7.648  -7.872  4.315   1.00 0.39 ? 2  DC  A H41    2 
ATOM   756  H H42    . DC  A 1 2  ? -7.844  -6.699  5.605   1.00 0.40 ? 2  DC  A H42    2 
ATOM   757  H H5     . DC  A 1 2  ? -6.846  -7.011  7.818   1.00 0.34 ? 2  DC  A H5     2 
ATOM   758  H H6     . DC  A 1 2  ? -5.481  -8.256  9.088   1.00 0.43 ? 2  DC  A H6     2 
ATOM   759  P P      . DA  A 1 3  ? -0.316  -11.538 9.427   1.00 0.65 ? 3  DA  A P      2 
ATOM   760  O OP1    . DA  A 1 3  ? 0.637   -12.543 9.944   1.00 0.92 ? 3  DA  A OP1    2 
ATOM   761  O OP2    . DA  A 1 3  ? -0.303  -10.161 9.970   1.00 0.74 ? 3  DA  A OP2    2 
ATOM   762  O "O5'"  . DA  A 1 3  ? -0.167  -11.449 7.841   1.00 0.52 ? 3  DA  A "O5'"  2 
ATOM   763  C "C5'"  . DA  A 1 3  ? -0.097  -12.658 7.074   1.00 0.45 ? 3  DA  A "C5'"  2 
ATOM   764  C "C4'"  . DA  A 1 3  ? 0.049   -12.369 5.600   1.00 0.39 ? 3  DA  A "C4'"  2 
ATOM   765  O "O4'"  . DA  A 1 3  ? -1.109  -11.657 5.107   1.00 0.42 ? 3  DA  A "O4'"  2 
ATOM   766  C "C3'"  . DA  A 1 3  ? 1.293   -11.494 5.345   1.00 0.36 ? 3  DA  A "C3'"  2 
ATOM   767  O "O3'"  . DA  A 1 3  ? 2.120   -12.079 4.333   1.00 0.39 ? 3  DA  A "O3'"  2 
ATOM   768  C "C2'"  . DA  A 1 3  ? 0.654   -10.141 4.957   1.00 0.34 ? 3  DA  A "C2'"  2 
ATOM   769  C "C1'"  . DA  A 1 3  ? -0.698  -10.505 4.356   1.00 0.35 ? 3  DA  A "C1'"  2 
ATOM   770  N N9     . DA  A 1 3  ? -1.749  -9.456  4.440   1.00 0.35 ? 3  DA  A N9     2 
ATOM   771  C C8     . DA  A 1 3  ? -2.085  -8.607  5.462   1.00 0.41 ? 3  DA  A C8     2 
ATOM   772  N N7     . DA  A 1 3  ? -3.081  -7.800  5.235   1.00 0.42 ? 3  DA  A N7     2 
ATOM   773  C C5     . DA  A 1 3  ? -3.449  -8.140  3.933   1.00 0.34 ? 3  DA  A C5     2 
ATOM   774  C C6     . DA  A 1 3  ? -4.450  -7.661  3.073   1.00 0.31 ? 3  DA  A C6     2 
ATOM   775  N N6     . DA  A 1 3  ? -5.297  -6.695  3.413   1.00 0.37 ? 3  DA  A N6     2 
ATOM   776  N N1     . DA  A 1 3  ? -4.544  -8.211  1.854   1.00 0.26 ? 3  DA  A N1     2 
ATOM   777  C C2     . DA  A 1 3  ? -3.702  -9.177  1.507   1.00 0.26 ? 3  DA  A C2     2 
ATOM   778  N N3     . DA  A 1 3  ? -2.725  -9.711  2.223   1.00 0.28 ? 3  DA  A N3     2 
ATOM   779  C C4     . DA  A 1 3  ? -2.650  -9.141  3.444   1.00 0.30 ? 3  DA  A C4     2 
ATOM   780  H "H5'"  . DA  A 1 3  ? -1.003  -13.246 7.222   1.00 0.58 ? 3  DA  A "H5'"  2 
ATOM   781  H "H5''" . DA  A 1 3  ? 0.770   -13.239 7.387   1.00 0.44 ? 3  DA  A "H5''" 2 
ATOM   782  H "H4'"  . DA  A 1 3  ? 0.154   -13.339 5.112   1.00 0.42 ? 3  DA  A "H4'"  2 
ATOM   783  H "H3'"  . DA  A 1 3  ? 1.900   -11.496 6.251   1.00 0.46 ? 3  DA  A "H3'"  2 
ATOM   784  H "H2'"  . DA  A 1 3  ? 0.524   -9.527  5.849   1.00 0.44 ? 3  DA  A "H2'"  2 
ATOM   785  H "H2''" . DA  A 1 3  ? 1.215   -9.536  4.244   1.00 0.31 ? 3  DA  A "H2''" 2 
ATOM   786  H "H1'"  . DA  A 1 3  ? -0.542  -10.754 3.305   1.00 0.34 ? 3  DA  A "H1'"  2 
ATOM   787  H H8     . DA  A 1 3  ? -1.574  -8.573  6.425   1.00 0.48 ? 3  DA  A H8     2 
ATOM   788  H H61    . DA  A 1 3  ? -6.042  -6.426  2.781   1.00 0.36 ? 3  DA  A H61    2 
ATOM   789  H H62    . DA  A 1 3  ? -5.188  -6.237  4.306   1.00 0.50 ? 3  DA  A H62    2 
ATOM   790  H H2     . DA  A 1 3  ? -3.823  -9.587  0.504   1.00 0.28 ? 3  DA  A H2     2 
ATOM   791  P P      . DT  A 1 4  ? 3.280   -11.288 3.541   1.00 0.41 ? 4  DT  A P      2 
ATOM   792  O OP1    . DT  A 1 4  ? 4.210   -12.281 2.961   1.00 0.50 ? 4  DT  A OP1    2 
ATOM   793  O OP2    . DT  A 1 4  ? 3.800   -10.201 4.400   1.00 0.51 ? 4  DT  A OP2    2 
ATOM   794  O "O5'"  . DT  A 1 4  ? 2.421   -10.624 2.359   1.00 0.38 ? 4  DT  A "O5'"  2 
ATOM   795  C "C5'"  . DT  A 1 4  ? 1.645   -11.456 1.484   1.00 0.35 ? 4  DT  A "C5'"  2 
ATOM   796  C "C4'"  . DT  A 1 4  ? 0.915   -10.662 0.417   1.00 0.34 ? 4  DT  A "C4'"  2 
ATOM   797  O "O4'"  . DT  A 1 4  ? -0.058  -9.751  0.979   1.00 0.27 ? 4  DT  A "O4'"  2 
ATOM   798  C "C3'"  . DT  A 1 4  ? 1.886   -9.843  -0.444  1.00 0.40 ? 4  DT  A "C3'"  2 
ATOM   799  O "O3'"  . DT  A 1 4  ? 1.628   -10.092 -1.832  1.00 0.46 ? 4  DT  A "O3'"  2 
ATOM   800  C "C2'"  . DT  A 1 4  ? 1.476   -8.427  -0.037  1.00 0.33 ? 4  DT  A "C2'"  2 
ATOM   801  C "C1'"  . DT  A 1 4  ? -0.032  -8.568  0.178   1.00 0.27 ? 4  DT  A "C1'"  2 
ATOM   802  N N1     . DT  A 1 4  ? -0.725  -7.438  0.846   1.00 0.26 ? 4  DT  A N1     2 
ATOM   803  C C2     . DT  A 1 4  ? -1.845  -6.898  0.226   1.00 0.24 ? 4  DT  A C2     2 
ATOM   804  O O2     . DT  A 1 4  ? -2.279  -7.289  -0.852  1.00 0.29 ? 4  DT  A O2     2 
ATOM   805  N N3     . DT  A 1 4  ? -2.468  -5.869  0.889   1.00 0.26 ? 4  DT  A N3     2 
ATOM   806  C C4     . DT  A 1 4  ? -2.089  -5.332  2.095   1.00 0.34 ? 4  DT  A C4     2 
ATOM   807  O O4     . DT  A 1 4  ? -2.747  -4.419  2.582   1.00 0.42 ? 4  DT  A O4     2 
ATOM   808  C C5     . DT  A 1 4  ? -0.916  -5.948  2.669   1.00 0.39 ? 4  DT  A C5     2 
ATOM   809  C C7     . DT  A 1 4  ? -0.351  -5.471  3.999   1.00 0.54 ? 4  DT  A C7     2 
ATOM   810  C C6     . DT  A 1 4  ? -0.291  -6.952  2.043   1.00 0.32 ? 4  DT  A C6     2 
ATOM   811  H "H5'"  . DT  A 1 4  ? 0.902   -11.998 2.070   1.00 0.46 ? 4  DT  A "H5'"  2 
ATOM   812  H "H5''" . DT  A 1 4  ? 2.304   -12.162 0.981   1.00 0.39 ? 4  DT  A "H5''" 2 
ATOM   813  H "H4'"  . DT  A 1 4  ? 0.407   -11.356 -0.252  1.00 0.44 ? 4  DT  A "H4'"  2 
ATOM   814  H "H3'"  . DT  A 1 4  ? 2.912   -10.142 -0.230  1.00 0.52 ? 4  DT  A "H3'"  2 
ATOM   815  H "H2'"  . DT  A 1 4  ? 1.963   -8.185  0.909   1.00 0.35 ? 4  DT  A "H2'"  2 
ATOM   816  H "H2''" . DT  A 1 4  ? 1.713   -7.659  -0.773  1.00 0.37 ? 4  DT  A "H2''" 2 
ATOM   817  H "H1'"  . DT  A 1 4  ? -0.542  -8.793  -0.759  1.00 0.30 ? 4  DT  A "H1'"  2 
ATOM   818  H H3     . DT  A 1 4  ? -3.283  -5.468  0.447   1.00 0.29 ? 4  DT  A H3     2 
ATOM   819  H H71    . DT  A 1 4  ? -0.951  -4.649  4.393   1.00 0.62 ? 4  DT  A H71    2 
ATOM   820  H H72    . DT  A 1 4  ? -0.346  -6.306  4.698   1.00 0.58 ? 4  DT  A H72    2 
ATOM   821  H H73    . DT  A 1 4  ? 0.671   -5.135  3.828   1.00 0.59 ? 4  DT  A H73    2 
ATOM   822  H H6     . DT  A 1 4  ? 0.592   -7.374  2.527   1.00 0.37 ? 4  DT  A H6     2 
ATOM   823  P P      . DG  A 1 5  ? 2.535   -9.500  -3.027  1.00 0.45 ? 5  DG  A P      2 
ATOM   824  O OP1    . DG  A 1 5  ? 2.889   -10.619 -3.929  1.00 0.53 ? 5  DG  A OP1    2 
ATOM   825  O OP2    . DG  A 1 5  ? 3.609   -8.664  -2.443  1.00 0.48 ? 5  DG  A OP2    2 
ATOM   826  O "O5'"  . DG  A 1 5  ? 1.505   -8.528  -3.793  1.00 0.46 ? 5  DG  A "O5'"  2 
ATOM   827  C "C5'"  . DG  A 1 5  ? 0.497   -9.032  -4.685  1.00 0.46 ? 5  DG  A "C5'"  2 
ATOM   828  C "C4'"  . DG  A 1 5  ? -0.314  -7.916  -5.327  1.00 0.39 ? 5  DG  A "C4'"  2 
ATOM   829  O "O4'"  . DG  A 1 5  ? -1.086  -7.187  -4.351  1.00 0.38 ? 5  DG  A "O4'"  2 
ATOM   830  C "C3'"  . DG  A 1 5  ? 0.585   -6.921  -6.068  1.00 0.39 ? 5  DG  A "C3'"  2 
ATOM   831  O "O3'"  . DG  A 1 5  ? 0.218   -6.831  -7.452  1.00 0.37 ? 5  DG  A "O3'"  2 
ATOM   832  C "C2'"  . DG  A 1 5  ? 0.323   -5.658  -5.292  1.00 0.40 ? 5  DG  A "C2'"  2 
ATOM   833  C "C1'"  . DG  A 1 5  ? -1.043  -5.795  -4.677  1.00 0.32 ? 5  DG  A "C1'"  2 
ATOM   834  N N9     . DG  A 1 5  ? -1.154  -5.035  -3.421  1.00 0.27 ? 5  DG  A N9     2 
ATOM   835  C C8     . DG  A 1 5  ? -0.404  -5.146  -2.294  1.00 0.27 ? 5  DG  A C8     2 
ATOM   836  N N7     . DG  A 1 5  ? -0.717  -4.364  -1.307  1.00 0.28 ? 5  DG  A N7     2 
ATOM   837  C C5     . DG  A 1 5  ? -1.792  -3.654  -1.836  1.00 0.27 ? 5  DG  A C5     2 
ATOM   838  C C6     . DG  A 1 5  ? -2.587  -2.639  -1.249  1.00 0.28 ? 5  DG  A C6     2 
ATOM   839  O O6     . DG  A 1 5  ? -2.526  -2.141  -0.127  1.00 0.32 ? 5  DG  A O6     2 
ATOM   840  N N1     . DG  A 1 5  ? -3.556  -2.195  -2.113  1.00 0.31 ? 5  DG  A N1     2 
ATOM   841  C C2     . DG  A 1 5  ? -3.758  -2.653  -3.390  1.00 0.33 ? 5  DG  A C2     2 
ATOM   842  N N2     . DG  A 1 5  ? -4.742  -2.096  -4.074  1.00 0.39 ? 5  DG  A N2     2 
ATOM   843  N N3     . DG  A 1 5  ? -3.027  -3.603  -3.955  1.00 0.33 ? 5  DG  A N3     2 
ATOM   844  C C4     . DG  A 1 5  ? -2.063  -4.058  -3.124  1.00 0.28 ? 5  DG  A C4     2 
ATOM   845  H "H5'"  . DG  A 1 5  ? -0.186  -9.685  -4.143  1.00 0.48 ? 5  DG  A "H5'"  2 
ATOM   846  H "H5''" . DG  A 1 5  ? 0.975   -9.589  -5.490  1.00 0.48 ? 5  DG  A "H5''" 2 
ATOM   847  H "H4'"  . DG  A 1 5  ? -0.992  -8.340  -6.066  1.00 0.42 ? 5  DG  A "H4'"  2 
ATOM   848  H "H3'"  . DG  A 1 5  ? 1.639   -7.191  -5.992  1.00 0.51 ? 5  DG  A "H3'"  2 
ATOM   849  H "H2'"  . DG  A 1 5  ? 1.094   -5.506  -4.536  1.00 0.56 ? 5  DG  A "H2'"  2 
ATOM   850  H "H2''" . DG  A 1 5  ? 0.338   -4.787  -5.946  1.00 0.53 ? 5  DG  A "H2''" 2 
ATOM   851  H "H1'"  . DG  A 1 5  ? -1.782  -5.464  -5.406  1.00 0.36 ? 5  DG  A "H1'"  2 
ATOM   852  H H8     . DG  A 1 5  ? 0.420   -5.858  -2.242  1.00 0.31 ? 5  DG  A H8     2 
ATOM   853  H H1     . DG  A 1 5  ? -4.137  -1.474  -1.723  1.00 0.33 ? 5  DG  A H1     2 
ATOM   854  H H21    . DG  A 1 5  ? -5.328  -1.389  -3.644  1.00 0.41 ? 5  DG  A H21    2 
ATOM   855  H H22    . DG  A 1 5  ? -4.894  -2.386  -5.027  1.00 0.47 ? 5  DG  A H22    2 
ATOM   856  P P      . DT  A 1 6  ? 0.874   -5.799  -8.506  1.00 0.38 ? 6  DT  A P      2 
ATOM   857  O OP1    . DT  A 1 6  ? 0.515   -6.246  -9.870  1.00 0.51 ? 6  DT  A OP1    2 
ATOM   858  O OP2    . DT  A 1 6  ? 2.297   -5.596  -8.152  1.00 0.50 ? 6  DT  A OP2    2 
ATOM   859  O "O5'"  . DT  A 1 6  ? 0.079   -4.437  -8.189  1.00 0.30 ? 6  DT  A "O5'"  2 
ATOM   860  C "C5'"  . DT  A 1 6  ? -1.327  -4.320  -8.456  1.00 0.28 ? 6  DT  A "C5'"  2 
ATOM   861  C "C4'"  . DT  A 1 6  ? -1.898  -2.975  -8.026  1.00 0.19 ? 6  DT  A "C4'"  2 
ATOM   862  O "O4'"  . DT  A 1 6  ? -1.759  -2.772  -6.599  1.00 0.18 ? 6  DT  A "O4'"  2 
ATOM   863  C "C3'"  . DT  A 1 6  ? -1.195  -1.807  -8.724  1.00 0.16 ? 6  DT  A "C3'"  2 
ATOM   864  O "O3'"  . DT  A 1 6  ? -2.138  -0.931  -9.351  1.00 0.33 ? 6  DT  A "O3'"  2 
ATOM   865  C "C2'"  . DT  A 1 6  ? -0.537  -1.117  -7.541  1.00 0.15 ? 6  DT  A "C2'"  2 
ATOM   866  C "C1'"  . DT  A 1 6  ? -1.509  -1.379  -6.389  1.00 0.14 ? 6  DT  A "C1'"  2 
ATOM   867  N N1     . DT  A 1 6  ? -0.979  -1.116  -5.025  1.00 0.13 ? 6  DT  A N1     2 
ATOM   868  C C2     . DT  A 1 6  ? -1.678  -0.249  -4.201  1.00 0.19 ? 6  DT  A C2     2 
ATOM   869  O O2     . DT  A 1 6  ? -2.702  0.338   -4.538  1.00 0.28 ? 6  DT  A O2     2 
ATOM   870  N N3     . DT  A 1 6  ? -1.156  -0.063  -2.944  1.00 0.17 ? 6  DT  A N3     2 
ATOM   871  C C4     . DT  A 1 6  ? -0.021  -0.648  -2.435  1.00 0.14 ? 6  DT  A C4     2 
ATOM   872  O O4     . DT  A 1 6  ? 0.313   -0.387  -1.284  1.00 0.19 ? 6  DT  A O4     2 
ATOM   873  C C5     . DT  A 1 6  ? 0.651   -1.534  -3.357  1.00 0.15 ? 6  DT  A C5     2 
ATOM   874  C C7     . DT  A 1 6  ? 1.932   -2.271  -2.955  1.00 0.26 ? 6  DT  A C7     2 
ATOM   875  C C6     . DT  A 1 6  ? 0.159   -1.729  -4.591  1.00 0.14 ? 6  DT  A C6     2 
ATOM   876  H "H5'"  . DT  A 1 6  ? -1.868  -5.106  -7.930  1.00 0.37 ? 6  DT  A "H5'"  2 
ATOM   877  H "H5''" . DT  A 1 6  ? -1.494  -4.430  -9.527  1.00 0.34 ? 6  DT  A "H5''" 2 
ATOM   878  H "H4'"  . DT  A 1 6  ? -2.951  -2.918  -8.302  1.00 0.31 ? 6  DT  A "H4'"  2 
ATOM   879  H "H3'"  . DT  A 1 6  ? -0.501  -2.165  -9.486  1.00 0.27 ? 6  DT  A "H3'"  2 
ATOM   880  H "H2'"  . DT  A 1 6  ? 0.429   -1.582  -7.340  1.00 0.23 ? 6  DT  A "H2'"  2 
ATOM   881  H "H2''" . DT  A 1 6  ? -0.372  -0.060  -7.746  1.00 0.27 ? 6  DT  A "H2''" 2 
ATOM   882  H "H1'"  . DT  A 1 6  ? -2.455  -0.854  -6.515  1.00 0.21 ? 6  DT  A "H1'"  2 
ATOM   883  H H3     . DT  A 1 6  ? -1.647  0.570   -2.331  1.00 0.19 ? 6  DT  A H3     2 
ATOM   884  H H71    . DT  A 1 6  ? 2.745   -1.967  -3.617  1.00 0.40 ? 6  DT  A H71    2 
ATOM   885  H H72    . DT  A 1 6  ? 2.205   -2.036  -1.926  1.00 0.34 ? 6  DT  A H72    2 
ATOM   886  H H73    . DT  A 1 6  ? 1.780   -3.345  -3.054  1.00 0.38 ? 6  DT  A H73    2 
ATOM   887  H H6     . DT  A 1 6  ? 0.695   -2.392  -5.269  1.00 0.21 ? 6  DT  A H6     2 
ATOM   888  P P      . DG  A 1 7  ? -1.681  0.246   -10.359 1.00 0.47 ? 7  DG  A P      2 
ATOM   889  O OP1    . DG  A 1 7  ? -2.679  0.322   -11.448 1.00 0.65 ? 7  DG  A OP1    2 
ATOM   890  O OP2    . DG  A 1 7  ? -0.250  0.061   -10.691 1.00 0.63 ? 7  DG  A OP2    2 
ATOM   891  O "O5'"  . DG  A 1 7  ? -1.806  1.564   -9.448  1.00 0.37 ? 7  DG  A "O5'"  2 
ATOM   892  C "C5'"  . DG  A 1 7  ? -3.042  2.282   -9.312  1.00 0.32 ? 7  DG  A "C5'"  2 
ATOM   893  C "C4'"  . DG  A 1 7  ? -2.917  3.477   -8.375  1.00 0.28 ? 7  DG  A "C4'"  2 
ATOM   894  O "O4'"  . DG  A 1 7  ? -2.636  3.076   -7.015  1.00 0.32 ? 7  DG  A "O4'"  2 
ATOM   895  C "C3'"  . DG  A 1 7  ? -1.812  4.460   -8.808  1.00 0.28 ? 7  DG  A "C3'"  2 
ATOM   896  O "O3'"  . DG  A 1 7  ? -2.353  5.779   -8.994  1.00 0.33 ? 7  DG  A "O3'"  2 
ATOM   897  C "C2'"  . DG  A 1 7  ? -0.884  4.368   -7.614  1.00 0.27 ? 7  DG  A "C2'"  2 
ATOM   898  C "C1'"  . DG  A 1 7  ? -1.778  4.069   -6.441  1.00 0.30 ? 7  DG  A "C1'"  2 
ATOM   899  N N9     . DG  A 1 7  ? -0.996  3.528   -5.318  1.00 0.25 ? 7  DG  A N9     2 
ATOM   900  C C8     . DG  A 1 7  ? -0.165  2.459   -5.305  1.00 0.23 ? 7  DG  A C8     2 
ATOM   901  N N7     . DG  A 1 7  ? 0.394   2.165   -4.172  1.00 0.24 ? 7  DG  A N7     2 
ATOM   902  C C5     . DG  A 1 7  ? -0.126  3.155   -3.340  1.00 0.25 ? 7  DG  A C5     2 
ATOM   903  C C6     . DG  A 1 7  ? 0.098   3.389   -1.962  1.00 0.31 ? 7  DG  A C6     2 
ATOM   904  O O6     . DG  A 1 7  ? 0.797   2.765   -1.171  1.00 0.37 ? 7  DG  A O6     2 
ATOM   905  N N1     . DG  A 1 7  ? -0.607  4.476   -1.512  1.00 0.34 ? 7  DG  A N1     2 
ATOM   906  C C2     . DG  A 1 7  ? -1.432  5.259   -2.276  1.00 0.34 ? 7  DG  A C2     2 
ATOM   907  N N2     . DG  A 1 7  ? -2.013  6.278   -1.671  1.00 0.36 ? 7  DG  A N2     2 
ATOM   908  N N3     . DG  A 1 7  ? -1.657  5.056   -3.569  1.00 0.31 ? 7  DG  A N3     2 
ATOM   909  C C4     . DG  A 1 7  ? -0.973  3.988   -4.033  1.00 0.26 ? 7  DG  A C4     2 
ATOM   910  H "H5'"  . DG  A 1 7  ? -3.817  1.616   -8.934  1.00 0.42 ? 7  DG  A "H5'"  2 
ATOM   911  H "H5''" . DG  A 1 7  ? -3.337  2.653   -10.294 1.00 0.34 ? 7  DG  A "H5''" 2 
ATOM   912  H "H4'"  . DG  A 1 7  ? -3.854  4.033   -8.391  1.00 0.35 ? 7  DG  A "H4'"  2 
ATOM   913  H "H3'"  . DG  A 1 7  ? -1.341  4.133   -9.735  1.00 0.32 ? 7  DG  A "H3'"  2 
ATOM   914  H "H2'"  . DG  A 1 7  ? -0.178  3.547   -7.734  1.00 0.29 ? 7  DG  A "H2'"  2 
ATOM   915  H "H2''" . DG  A 1 7  ? -0.263  5.247   -7.439  1.00 0.32 ? 7  DG  A "H2''" 2 
ATOM   916  H "H1'"  . DG  A 1 7  ? -2.345  4.945   -6.127  1.00 0.32 ? 7  DG  A "H1'"  2 
ATOM   917  H H8     . DG  A 1 7  ? 0.023   1.902   -6.222  1.00 0.25 ? 7  DG  A H8     2 
ATOM   918  H H1     . DG  A 1 7  ? -0.472  4.665   -0.531  1.00 0.38 ? 7  DG  A H1     2 
ATOM   919  H H21    . DG  A 1 7  ? -1.916  6.401   -0.670  1.00 0.37 ? 7  DG  A H21    2 
ATOM   920  H H22    . DG  A 1 7  ? -2.544  6.918   -2.239  1.00 0.42 ? 7  DG  A H22    2 
ATOM   921  P P      . DT  A 1 8  ? -1.490  7.149   -9.050  1.00 0.36 ? 8  DT  A P      2 
ATOM   922  O OP1    . DT  A 1 8  ? -2.200  8.094   -9.942  1.00 0.43 ? 8  DT  A OP1    2 
ATOM   923  O OP2    . DT  A 1 8  ? -0.072  6.815   -9.314  1.00 0.41 ? 8  DT  A OP2    2 
ATOM   924  O "O5'"  . DT  A 1 8  ? -1.592  7.701   -7.536  1.00 0.35 ? 8  DT  A "O5'"  2 
ATOM   925  C "C5'"  . DT  A 1 8  ? -2.864  8.076   -6.978  1.00 0.31 ? 8  DT  A "C5'"  2 
ATOM   926  C "C4'"  . DT  A 1 8  ? -2.768  8.952   -5.734  1.00 0.33 ? 8  DT  A "C4'"  2 
ATOM   927  O "O4'"  . DT  A 1 8  ? -2.116  8.300   -4.633  1.00 0.35 ? 8  DT  A "O4'"  2 
ATOM   928  C "C3'"  . DT  A 1 8  ? -2.078  10.278  -5.998  1.00 0.38 ? 8  DT  A "C3'"  2 
ATOM   929  O "O3'"  . DT  A 1 8  ? -2.590  11.359  -5.208  1.00 0.44 ? 8  DT  A "O3'"  2 
ATOM   930  C "C2'"  . DT  A 1 8  ? -0.682  9.875   -5.598  1.00 0.38 ? 8  DT  A "C2'"  2 
ATOM   931  C "C1'"  . DT  A 1 8  ? -0.913  9.020   -4.342  1.00 0.33 ? 8  DT  A "C1'"  2 
ATOM   932  N N1     . DT  A 1 8  ? 0.137   8.019   -4.041  1.00 0.28 ? 8  DT  A N1     2 
ATOM   933  C C2     . DT  A 1 8  ? 0.633   7.958   -2.747  1.00 0.29 ? 8  DT  A C2     2 
ATOM   934  O O2     . DT  A 1 8  ? 0.269   8.693   -1.836  1.00 0.35 ? 8  DT  A O2     2 
ATOM   935  N N3     . DT  A 1 8  ? 1.594   7.007   -2.512  1.00 0.29 ? 8  DT  A N3     2 
ATOM   936  C C4     . DT  A 1 8  ? 2.104   6.123   -3.427  1.00 0.26 ? 8  DT  A C4     2 
ATOM   937  O O4     . DT  A 1 8  ? 2.950   5.314   -3.062  1.00 0.28 ? 8  DT  A O4     2 
ATOM   938  C C5     . DT  A 1 8  ? 1.543   6.245   -4.754  1.00 0.29 ? 8  DT  A C5     2 
ATOM   939  C C7     . DT  A 1 8  ? 2.045   5.329   -5.874  1.00 0.36 ? 8  DT  A C7     2 
ATOM   940  C C6     . DT  A 1 8  ? 0.593   7.170   -5.014  1.00 0.30 ? 8  DT  A C6     2 
ATOM   941  H "H5'"  . DT  A 1 8  ? -3.400  7.171   -6.691  1.00 0.30 ? 8  DT  A "H5'"  2 
ATOM   942  H "H5''" . DT  A 1 8  ? -3.441  8.641   -7.710  1.00 0.41 ? 8  DT  A "H5''" 2 
ATOM   943  H "H4'"  . DT  A 1 8  ? -3.787  9.196   -5.435  1.00 0.35 ? 8  DT  A "H4'"  2 
ATOM   944  H "H3'"  . DT  A 1 8  ? -2.256  10.542  -7.040  1.00 0.41 ? 8  DT  A "H3'"  2 
ATOM   945  H "H2'"  . DT  A 1 8  ? -0.301  9.301   -6.442  1.00 0.40 ? 8  DT  A "H2'"  2 
ATOM   946  H "H2''" . DT  A 1 8  ? -0.050  10.731  -5.359  1.00 0.47 ? 8  DT  A "H2''" 2 
ATOM   947  H "H1'"  . DT  A 1 8  ? -1.073  9.689   -3.497  1.00 0.38 ? 8  DT  A "H1'"  2 
ATOM   948  H H3     . DT  A 1 8  ? 1.961   6.945   -1.573  1.00 0.33 ? 8  DT  A H3     2 
ATOM   949  H H71    . DT  A 1 8  ? 2.889   4.735   -5.523  1.00 0.43 ? 8  DT  A H71    2 
ATOM   950  H H72    . DT  A 1 8  ? 1.254   4.650   -6.195  1.00 0.41 ? 8  DT  A H72    2 
ATOM   951  H H73    . DT  A 1 8  ? 2.370   5.941   -6.717  1.00 0.49 ? 8  DT  A H73    2 
ATOM   952  H H6     . DT  A 1 8  ? 0.160   7.247   -6.012  1.00 0.33 ? 8  DT  A H6     2 
ATOM   953  P P      . DA  A 1 9  ? -1.936  12.833  -5.259  1.00 0.55 ? 9  DA  A P      2 
ATOM   954  O OP1    . DA  A 1 9  ? -2.961  13.803  -4.815  1.00 0.66 ? 9  DA  A OP1    2 
ATOM   955  O OP2    . DA  A 1 9  ? -1.268  13.021  -6.567  1.00 0.70 ? 9  DA  A OP2    2 
ATOM   956  O "O5'"  . DA  A 1 9  ? -0.790  12.735  -4.131  1.00 0.49 ? 9  DA  A "O5'"  2 
ATOM   957  C "C5'"  . DA  A 1 9  ? -1.121  12.891  -2.745  1.00 0.50 ? 9  DA  A "C5'"  2 
ATOM   958  C "C4'"  . DA  A 1 9  ? 0.096   13.017  -1.834  1.00 0.52 ? 9  DA  A "C4'"  2 
ATOM   959  O "O4'"  . DA  A 1 9  ? 0.895   11.812  -1.783  1.00 0.52 ? 9  DA  A "O4'"  2 
ATOM   960  C "C3'"  . DA  A 1 9  ? 1.035   14.159  -2.248  1.00 0.52 ? 9  DA  A "C3'"  2 
ATOM   961  O "O3'"  . DA  A 1 9  ? 1.281   14.994  -1.108  1.00 0.68 ? 9  DA  A "O3'"  2 
ATOM   962  C "C2'"  . DA  A 1 9  ? 2.273   13.394  -2.688  1.00 0.42 ? 9  DA  A "C2'"  2 
ATOM   963  C "C1'"  . DA  A 1 9  ? 2.289   12.150  -1.859  1.00 0.45 ? 9  DA  A "C1'"  2 
ATOM   964  N N9     . DA  A 1 9  ? 3.012   11.015  -2.465  1.00 0.36 ? 9  DA  A N9     2 
ATOM   965  C C8     . DA  A 1 9  ? 3.088   10.611  -3.762  1.00 0.31 ? 9  DA  A C8     2 
ATOM   966  N N7     . DA  A 1 9  ? 3.772   9.531   -3.994  1.00 0.33 ? 9  DA  A N7     2 
ATOM   967  C C5     . DA  A 1 9  ? 4.200   9.185   -2.712  1.00 0.36 ? 9  DA  A C5     2 
ATOM   968  C C6     . DA  A 1 9  ? 4.979   8.128   -2.228  1.00 0.44 ? 9  DA  A C6     2 
ATOM   969  N N6     . DA  A 1 9  ? 5.480   7.176   -3.003  1.00 0.53 ? 9  DA  A N6     2 
ATOM   970  N N1     . DA  A 1 9  ? 5.215   8.084   -0.910  1.00 0.48 ? 9  DA  A N1     2 
ATOM   971  C C2     . DA  A 1 9  ? 4.711   9.023   -0.122  1.00 0.50 ? 9  DA  A C2     2 
ATOM   972  N N3     . DA  A 1 9  ? 3.964   10.062  -0.454  1.00 0.47 ? 9  DA  A N3     2 
ATOM   973  C C4     . DA  A 1 9  ? 3.744   10.083  -1.784  1.00 0.38 ? 9  DA  A C4     2 
ATOM   974  H "H5'"  . DA  A 1 9  ? -1.720  12.045  -2.407  1.00 0.52 ? 9  DA  A "H5'"  2 
ATOM   975  H "H5''" . DA  A 1 9  ? -1.712  13.802  -2.637  1.00 0.63 ? 9  DA  A "H5''" 2 
ATOM   976  H "H4'"  . DA  A 1 9  ? -0.286  13.239  -0.838  1.00 0.59 ? 9  DA  A "H4'"  2 
ATOM   977  H "H3'"  . DA  A 1 9  ? 0.611   14.764  -3.049  1.00 0.54 ? 9  DA  A "H3'"  2 
ATOM   978  H "H2'"  . DA  A 1 9  ? 2.249   13.164  -3.754  1.00 0.42 ? 9  DA  A "H2'"  2 
ATOM   979  H "H2''" . DA  A 1 9  ? 3.213   13.921  -2.522  1.00 0.49 ? 9  DA  A "H2''" 2 
ATOM   980  H "H1'"  . DA  A 1 9  ? 2.764   12.433  -0.918  1.00 0.55 ? 9  DA  A "H1'"  2 
ATOM   981  H H8     . DA  A 1 9  ? 2.614   11.170  -4.568  1.00 0.34 ? 9  DA  A H8     2 
ATOM   982  H H61    . DA  A 1 9  ? 5.961   6.389   -2.585  1.00 0.59 ? 9  DA  A H61    2 
ATOM   983  H H62    . DA  A 1 9  ? 5.378   7.245   -4.004  1.00 0.58 ? 9  DA  A H62    2 
ATOM   984  H H2     . DA  A 1 9  ? 4.947   8.925   0.938   1.00 0.52 ? 9  DA  A H2     2 
ATOM   985  P P      . DC  A 1 10 ? 2.349   16.198  -1.052  1.00 0.77 ? 10 DC  A P      2 
ATOM   986  O OP1    . DC  A 1 10 ? 1.848   17.211  -0.099  1.00 0.92 ? 10 DC  A OP1    2 
ATOM   987  O OP2    . DC  A 1 10 ? 2.697   16.596  -2.434  1.00 0.78 ? 10 DC  A OP2    2 
ATOM   988  O "O5'"  . DC  A 1 10 ? 3.616   15.461  -0.403  1.00 0.77 ? 10 DC  A "O5'"  2 
ATOM   989  C "C5'"  . DC  A 1 10 ? 3.540   14.867  0.902   1.00 0.86 ? 10 DC  A "C5'"  2 
ATOM   990  C "C4'"  . DC  A 1 10 ? 4.771   14.032  1.212   1.00 0.78 ? 10 DC  A "C4'"  2 
ATOM   991  O "O4'"  . DC  A 1 10 ? 4.924   12.992  0.227   1.00 0.63 ? 10 DC  A "O4'"  2 
ATOM   992  C "C3'"  . DC  A 1 10 ? 6.045   14.884  1.189   1.00 0.84 ? 10 DC  A "C3'"  2 
ATOM   993  O "O3'"  . DC  A 1 10 ? 6.745   14.830  2.436   1.00 1.00 ? 10 DC  A "O3'"  2 
ATOM   994  C "C2'"  . DC  A 1 10 ? 6.852   14.193  0.109   1.00 0.65 ? 10 DC  A "C2'"  2 
ATOM   995  C "C1'"  . DC  A 1 10 ? 6.325   12.761  0.129   1.00 0.55 ? 10 DC  A "C1'"  2 
ATOM   996  N N1     . DC  A 1 10 ? 6.620   12.007  -1.112  1.00 0.41 ? 10 DC  A N1     2 
ATOM   997  C C2     . DC  A 1 10 ? 7.271   10.789  -0.993  1.00 0.35 ? 10 DC  A C2     2 
ATOM   998  O O2     . DC  A 1 10 ? 7.642   10.341  0.089   1.00 0.42 ? 10 DC  A O2     2 
ATOM   999  N N3     . DC  A 1 10 ? 7.518   10.082  -2.119  1.00 0.29 ? 10 DC  A N3     2 
ATOM   1000 C C4     . DC  A 1 10 ? 7.149   10.536  -3.317  1.00 0.28 ? 10 DC  A C4     2 
ATOM   1001 N N4     . DC  A 1 10 ? 7.416   9.787   -4.378  1.00 0.37 ? 10 DC  A N4     2 
ATOM   1002 C C5     . DC  A 1 10 ? 6.481   11.787  -3.469  1.00 0.32 ? 10 DC  A C5     2 
ATOM   1003 C C6     . DC  A 1 10 ? 6.238   12.486  -2.339  1.00 0.41 ? 10 DC  A C6     2 
ATOM   1004 H "H5'"  . DC  A 1 10 ? 2.664   14.219  0.950   1.00 0.86 ? 10 DC  A "H5'"  2 
ATOM   1005 H "H5''" . DC  A 1 10 ? 3.449   15.659  1.646   1.00 1.09 ? 10 DC  A "H5''" 2 
ATOM   1006 H "H4'"  . DC  A 1 10 ? 4.727   13.575  2.200   1.00 0.87 ? 10 DC  A "H4'"  2 
ATOM   1007 H "H3'"  . DC  A 1 10 ? 5.781   15.919  0.973   1.00 0.97 ? 10 DC  A "H3'"  2 
ATOM   1008 H "H2'"  . DC  A 1 10 ? 6.680   14.705  -0.838  1.00 0.75 ? 10 DC  A "H2'"  2 
ATOM   1009 H "H2''" . DC  A 1 10 ? 7.902   14.165  0.401   1.00 0.67 ? 10 DC  A "H2''" 2 
ATOM   1010 H "H1'"  . DC  A 1 10 ? 6.631   12.212  1.018   1.00 0.61 ? 10 DC  A "H1'"  2 
ATOM   1011 H H41    . DC  A 1 10 ? 7.859   8.887   -4.238  1.00 0.40 ? 10 DC  A H41    2 
ATOM   1012 H H42    . DC  A 1 10 ? 7.179   10.113  -5.303  1.00 0.45 ? 10 DC  A H42    2 
ATOM   1013 H H5     . DC  A 1 10 ? 6.186   12.140  -4.457  1.00 0.36 ? 10 DC  A H5     2 
ATOM   1014 H H6     . DC  A 1 10 ? 5.738   13.452  -2.402  1.00 0.51 ? 10 DC  A H6     2 
ATOM   1015 P P      . DG  A 1 11 ? 8.127   15.622  2.684   1.00 1.07 ? 11 DG  A P      2 
ATOM   1016 O OP1    . DG  A 1 11 ? 8.232   15.913  4.131   1.00 1.36 ? 11 DG  A OP1    2 
ATOM   1017 O OP2    . DG  A 1 11 ? 8.229   16.731  1.711   1.00 1.18 ? 11 DG  A OP2    2 
ATOM   1018 O "O5'"  . DG  A 1 11 ? 9.252   14.535  2.301   1.00 0.80 ? 11 DG  A "O5'"  2 
ATOM   1019 C "C5'"  . DG  A 1 11 ? 9.724   13.605  3.286   1.00 0.75 ? 11 DG  A "C5'"  2 
ATOM   1020 C "C4'"  . DG  A 1 11 ? 10.985  12.856  2.865   1.00 0.53 ? 11 DG  A "C4'"  2 
ATOM   1021 O "O4'"  . DG  A 1 11 ? 10.790  11.940  1.762   1.00 0.49 ? 11 DG  A "O4'"  2 
ATOM   1022 C "C3'"  . DG  A 1 11 ? 12.127  13.797  2.480   1.00 0.42 ? 11 DG  A "C3'"  2 
ATOM   1023 O "O3'"  . DG  A 1 11 ? 13.288  13.318  3.151   1.00 0.46 ? 11 DG  A "O3'"  2 
ATOM   1024 C "C2'"  . DG  A 1 11 ? 12.289  13.482  1.002   1.00 0.39 ? 11 DG  A "C2'"  2 
ATOM   1025 C "C1'"  . DG  A 1 11 ? 11.941  12.015  0.905   1.00 0.36 ? 11 DG  A "C1'"  2 
ATOM   1026 N N9     . DG  A 1 11 ? 11.557  11.615  -0.457  1.00 0.34 ? 11 DG  A N9     2 
ATOM   1027 C C8     . DG  A 1 11 ? 10.735  12.236  -1.345  1.00 0.40 ? 11 DG  A C8     2 
ATOM   1028 N N7     . DG  A 1 11 ? 10.539  11.637  -2.475  1.00 0.40 ? 11 DG  A N7     2 
ATOM   1029 C C5     . DG  A 1 11 ? 11.317  10.492  -2.326  1.00 0.30 ? 11 DG  A C5     2 
ATOM   1030 C C6     . DG  A 1 11 ? 11.525  9.424   -3.221  1.00 0.29 ? 11 DG  A C6     2 
ATOM   1031 O O6     . DG  A 1 11 ? 11.054  9.246   -4.339  1.00 0.39 ? 11 DG  A O6     2 
ATOM   1032 N N1     . DG  A 1 11 ? 12.372  8.483   -2.697  1.00 0.24 ? 11 DG  A N1     2 
ATOM   1033 C C2     . DG  A 1 11 ? 12.956  8.541   -1.459  1.00 0.25 ? 11 DG  A C2     2 
ATOM   1034 N N2     . DG  A 1 11 ? 13.755  7.544   -1.133  1.00 0.31 ? 11 DG  A N2     2 
ATOM   1035 N N3     . DG  A 1 11 ? 12.772  9.534   -0.597  1.00 0.27 ? 11 DG  A N3     2 
ATOM   1036 C C4     . DG  A 1 11 ? 11.941  10.475  -1.099  1.00 0.28 ? 11 DG  A C4     2 
ATOM   1037 H "H5'"  . DG  A 1 11 ? 8.949   12.873  3.508   1.00 0.84 ? 11 DG  A "H5'"  2 
ATOM   1038 H "H5''" . DG  A 1 11 ? 9.958   14.163  4.194   1.00 0.85 ? 11 DG  A "H5''" 2 
ATOM   1039 H "H4'"  . DG  A 1 11 ? 11.344  12.298  3.729   1.00 0.59 ? 11 DG  A "H4'"  2 
ATOM   1040 H "H3'"  . DG  A 1 11 ? 11.908  14.830  2.748   1.00 0.52 ? 11 DG  A "H3'"  2 
ATOM   1041 H "HO3'" . DG  A 1 11 ? 13.704  14.076  3.556   1.00 0.90 ? 11 DG  A "HO3'" 2 
ATOM   1042 H "H2'"  . DG  A 1 11 ? 11.578  14.087  0.440   1.00 0.53 ? 11 DG  A "H2'"  2 
ATOM   1043 H "H2''" . DG  A 1 11 ? 13.318  13.549  0.645   1.00 0.47 ? 11 DG  A "H2''" 2 
ATOM   1044 H "H1'"  . DG  A 1 11 ? 12.773  11.398  1.244   1.00 0.42 ? 11 DG  A "H1'"  2 
ATOM   1045 H H8     . DG  A 1 11 ? 10.279  13.204  -1.144  1.00 0.48 ? 11 DG  A H8     2 
ATOM   1046 H H1     . DG  A 1 11 ? 12.541  7.710   -3.322  1.00 0.31 ? 11 DG  A H1     2 
ATOM   1047 H H21    . DG  A 1 11 ? 13.963  6.821   -1.808  1.00 0.37 ? 11 DG  A H21    2 
ATOM   1048 H H22    . DG  A 1 11 ? 14.145  7.520   -0.206  1.00 0.41 ? 11 DG  A H22    2 
ATOM   1049 O "O5'"  . DC  B 2 1  ? 16.947  1.873   -8.087  1.00 0.98 ? 12 DC  B "O5'"  2 
ATOM   1050 C "C5'"  . DC  B 2 1  ? 17.883  2.504   -7.201  1.00 0.88 ? 12 DC  B "C5'"  2 
ATOM   1051 C "C4'"  . DC  B 2 1  ? 17.217  3.087   -5.946  1.00 0.65 ? 12 DC  B "C4'"  2 
ATOM   1052 O "O4'"  . DC  B 2 1  ? 16.273  4.125   -6.273  1.00 0.60 ? 12 DC  B "O4'"  2 
ATOM   1053 C "C3'"  . DC  B 2 1  ? 16.457  2.011   -5.139  1.00 0.49 ? 12 DC  B "C3'"  2 
ATOM   1054 O "O3'"  . DC  B 2 1  ? 17.140  1.796   -3.896  1.00 0.44 ? 12 DC  B "O3'"  2 
ATOM   1055 C "C2'"  . DC  B 2 1  ? 15.107  2.757   -4.883  1.00 0.47 ? 12 DC  B "C2'"  2 
ATOM   1056 C "C1'"  . DC  B 2 1  ? 15.433  4.249   -5.119  1.00 0.47 ? 12 DC  B "C1'"  2 
ATOM   1057 N N1     . DC  B 2 1  ? 14.214  5.019   -5.440  1.00 0.46 ? 12 DC  B N1     2 
ATOM   1058 C C2     . DC  B 2 1  ? 13.783  5.976   -4.535  1.00 0.39 ? 12 DC  B C2     2 
ATOM   1059 O O2     . DC  B 2 1  ? 14.368  6.191   -3.475  1.00 0.37 ? 12 DC  B O2     2 
ATOM   1060 N N3     . DC  B 2 1  ? 12.677  6.689   -4.837  1.00 0.44 ? 12 DC  B N3     2 
ATOM   1061 C C4     . DC  B 2 1  ? 12.010  6.482   -5.970  1.00 0.53 ? 12 DC  B C4     2 
ATOM   1062 N N4     . DC  B 2 1  ? 10.938  7.229   -6.190  1.00 0.60 ? 12 DC  B N4     2 
ATOM   1063 C C5     . DC  B 2 1  ? 12.433  5.498   -6.917  1.00 0.61 ? 12 DC  B C5     2 
ATOM   1064 C C6     . DC  B 2 1  ? 13.541  4.793   -6.604  1.00 0.57 ? 12 DC  B C6     2 
ATOM   1065 H "H5'"  . DC  B 2 1  ? 18.398  3.304   -7.730  1.00 1.03 ? 12 DC  B "H5'"  2 
ATOM   1066 H "H5''" . DC  B 2 1  ? 18.603  1.741   -6.905  1.00 0.86 ? 12 DC  B "H5''" 2 
ATOM   1067 H "H4'"  . DC  B 2 1  ? 17.932  3.564   -5.277  1.00 0.65 ? 12 DC  B "H4'"  2 
ATOM   1068 H "H3'"  . DC  B 2 1  ? 16.433  1.065   -5.682  1.00 0.54 ? 12 DC  B "H3'"  2 
ATOM   1069 H "H2'"  . DC  B 2 1  ? 14.398  2.370   -5.615  1.00 0.54 ? 12 DC  B "H2'"  2 
ATOM   1070 H "H2''" . DC  B 2 1  ? 14.820  2.794   -3.830  1.00 0.49 ? 12 DC  B "H2''" 2 
ATOM   1071 H "H1'"  . DC  B 2 1  ? 15.947  4.780   -4.316  1.00 0.45 ? 12 DC  B "H1'"  2 
ATOM   1072 H H41    . DC  B 2 1  ? 10.757  7.976   -5.530  1.00 0.60 ? 12 DC  B H41    2 
ATOM   1073 H H42    . DC  B 2 1  ? 10.332  7.061   -6.978  1.00 0.73 ? 12 DC  B H42    2 
ATOM   1074 H H5     . DC  B 2 1  ? 11.880  5.336   -7.842  1.00 0.74 ? 12 DC  B H5     2 
ATOM   1075 H H6     . DC  B 2 1  ? 13.925  4.025   -7.274  1.00 0.67 ? 12 DC  B H6     2 
ATOM   1076 H "HO5'" . DC  B 2 1  ? 16.143  2.393   -8.069  1.00 1.18 ? 12 DC  B "HO5'" 2 
ATOM   1077 P P      . DG  B 2 2  ? 16.515  0.933   -2.683  1.00 0.34 ? 13 DG  B P      2 
ATOM   1078 O OP1    . DG  B 2 2  ? 17.615  0.599   -1.753  1.00 0.49 ? 13 DG  B OP1    2 
ATOM   1079 O OP2    . DG  B 2 2  ? 15.684  -0.148  -3.258  1.00 0.36 ? 13 DG  B OP2    2 
ATOM   1080 O "O5'"  . DG  B 2 2  ? 15.536  2.006   -1.977  1.00 0.33 ? 13 DG  B "O5'"  2 
ATOM   1081 C "C5'"  . DG  B 2 2  ? 16.018  3.004   -1.062  1.00 0.29 ? 13 DG  B "C5'"  2 
ATOM   1082 C "C4'"  . DG  B 2 2  ? 14.889  3.690   -0.287  1.00 0.27 ? 13 DG  B "C4'"  2 
ATOM   1083 O "O4'"  . DG  B 2 2  ? 14.053  4.546   -1.099  1.00 0.31 ? 13 DG  B "O4'"  2 
ATOM   1084 C "C3'"  . DG  B 2 2  ? 13.964  2.685   0.424   1.00 0.24 ? 13 DG  B "C3'"  2 
ATOM   1085 O "O3'"  . DG  B 2 2  ? 14.019  2.914   1.843   1.00 0.34 ? 13 DG  B "O3'"  2 
ATOM   1086 C "C2'"  . DG  B 2 2  ? 12.642  3.032   -0.225  1.00 0.26 ? 13 DG  B "C2'"  2 
ATOM   1087 C "C1'"  . DG  B 2 2  ? 12.718  4.463   -0.575  1.00 0.26 ? 13 DG  B "C1'"  2 
ATOM   1088 N N9     . DG  B 2 2  ? 11.700  4.924   -1.535  1.00 0.27 ? 13 DG  B N9     2 
ATOM   1089 C C8     . DG  B 2 2  ? 11.410  4.462   -2.776  1.00 0.36 ? 13 DG  B C8     2 
ATOM   1090 N N7     . DG  B 2 2  ? 10.467  5.084   -3.418  1.00 0.39 ? 13 DG  B N7     2 
ATOM   1091 C C5     . DG  B 2 2  ? 10.088  6.066   -2.501  1.00 0.30 ? 13 DG  B C5     2 
ATOM   1092 C C6     . DG  B 2 2  ? 9.097   7.079   -2.602  1.00 0.28 ? 13 DG  B C6     2 
ATOM   1093 O O6     . DG  B 2 2  ? 8.342   7.339   -3.533  1.00 0.37 ? 13 DG  B O6     2 
ATOM   1094 N N1     . DG  B 2 2  ? 9.038   7.851   -1.462  1.00 0.25 ? 13 DG  B N1     2 
ATOM   1095 C C2     . DG  B 2 2  ? 9.825   7.684   -0.353  1.00 0.27 ? 13 DG  B C2     2 
ATOM   1096 N N2     . DG  B 2 2  ? 9.621   8.506   0.660   1.00 0.35 ? 13 DG  B N2     2 
ATOM   1097 N N3     . DG  B 2 2  ? 10.758  6.742   -0.245  1.00 0.26 ? 13 DG  B N3     2 
ATOM   1098 C C4     . DG  B 2 2  ? 10.834  5.972   -1.351  1.00 0.25 ? 13 DG  B C4     2 
ATOM   1099 H "H5'"  . DG  B 2 2  ? 16.564  3.779   -1.599  1.00 0.31 ? 13 DG  B "H5'"  2 
ATOM   1100 H "H5''" . DG  B 2 2  ? 16.690  2.525   -0.351  1.00 0.33 ? 13 DG  B "H5''" 2 
ATOM   1101 H "H4'"  . DG  B 2 2  ? 15.341  4.304   0.492   1.00 0.30 ? 13 DG  B "H4'"  2 
ATOM   1102 H "H3'"  . DG  B 2 2  ? 14.205  1.655   0.162   1.00 0.27 ? 13 DG  B "H3'"  2 
ATOM   1103 H "H2'"  . DG  B 2 2  ? 12.553  2.426   -1.127  1.00 0.34 ? 13 DG  B "H2'"  2 
ATOM   1104 H "H2''" . DG  B 2 2  ? 11.716  2.837   0.317   1.00 0.34 ? 13 DG  B "H2''" 2 
ATOM   1105 H "H1'"  . DG  B 2 2  ? 12.529  4.931   0.391   1.00 0.30 ? 13 DG  B "H1'"  2 
ATOM   1106 H H8     . DG  B 2 2  ? 11.939  3.608   -3.198  1.00 0.42 ? 13 DG  B H8     2 
ATOM   1107 H H1     . DG  B 2 2  ? 8.351   8.590   -1.500  1.00 0.25 ? 13 DG  B H1     2 
ATOM   1108 H H21    . DG  B 2 2  ? 8.956   9.268   0.587   1.00 0.38 ? 13 DG  B H21    2 
ATOM   1109 H H22    . DG  B 2 2  ? 10.147  8.338   1.505   1.00 0.43 ? 13 DG  B H22    2 
ATOM   1110 P P      . DT  B 2 3  ? 12.954  2.376   2.930   1.00 0.32 ? 14 DT  B P      2 
ATOM   1111 O OP1    . DT  B 2 3  ? 13.681  2.114   4.192   1.00 0.41 ? 14 DT  B OP1    2 
ATOM   1112 O OP2    . DT  B 2 3  ? 12.147  1.298   2.315   1.00 0.37 ? 14 DT  B OP2    2 
ATOM   1113 O "O5'"  . DT  B 2 3  ? 11.993  3.649   3.155   1.00 0.43 ? 14 DT  B "O5'"  2 
ATOM   1114 C "C5'"  . DT  B 2 3  ? 12.438  4.860   3.790   1.00 0.43 ? 14 DT  B "C5'"  2 
ATOM   1115 C "C4'"  . DT  B 2 3  ? 11.272  5.767   4.171   1.00 0.44 ? 14 DT  B "C4'"  2 
ATOM   1116 O "O4'"  . DT  B 2 3  ? 10.501  6.155   3.011   1.00 0.39 ? 14 DT  B "O4'"  2 
ATOM   1117 C "C3'"  . DT  B 2 3  ? 10.324  5.099   5.169   1.00 0.54 ? 14 DT  B "C3'"  2 
ATOM   1118 O "O3'"  . DT  B 2 3  ? 9.846   6.071   6.110   1.00 0.63 ? 14 DT  B "O3'"  2 
ATOM   1119 C "C2'"  . DT  B 2 3  ? 9.213   4.637   4.221   1.00 0.53 ? 14 DT  B "C2'"  2 
ATOM   1120 C "C1'"  . DT  B 2 3  ? 9.123   5.829   3.244   1.00 0.46 ? 14 DT  B "C1'"  2 
ATOM   1121 N N1     . DT  B 2 3  ? 8.440   5.563   1.950   1.00 0.44 ? 14 DT  B N1     2 
ATOM   1122 C C2     . DT  B 2 3  ? 7.465   6.462   1.549   1.00 0.47 ? 14 DT  B C2     2 
ATOM   1123 O O2     . DT  B 2 3  ? 7.133   7.447   2.200   1.00 0.56 ? 14 DT  B O2     2 
ATOM   1124 N N3     . DT  B 2 3  ? 6.866   6.200   0.344   1.00 0.47 ? 14 DT  B N3     2 
ATOM   1125 C C4     . DT  B 2 3  ? 7.129   5.149   -0.495  1.00 0.47 ? 14 DT  B C4     2 
ATOM   1126 O O4     . DT  B 2 3  ? 6.510   5.070   -1.551  1.00 0.52 ? 14 DT  B O4     2 
ATOM   1127 C C5     . DT  B 2 3  ? 8.151   4.251   -0.012  1.00 0.45 ? 14 DT  B C5     2 
ATOM   1128 C C7     . DT  B 2 3  ? 8.556   3.013   -0.818  1.00 0.55 ? 14 DT  B C7     2 
ATOM   1129 C C6     . DT  B 2 3  ? 8.759   4.482   1.164   1.00 0.42 ? 14 DT  B C6     2 
ATOM   1130 H "H5'"  . DT  B 2 3  ? 13.092  5.413   3.116   1.00 0.47 ? 14 DT  B "H5'"  2 
ATOM   1131 H "H5''" . DT  B 2 3  ? 12.984  4.632   4.706   1.00 0.50 ? 14 DT  B "H5''" 2 
ATOM   1132 H "H4'"  . DT  B 2 3  ? 11.655  6.662   4.661   1.00 0.50 ? 14 DT  B "H4'"  2 
ATOM   1133 H "H3'"  . DT  B 2 3  ? 10.874  4.371   5.763   1.00 0.65 ? 14 DT  B "H3'"  2 
ATOM   1134 H "H2'"  . DT  B 2 3  ? 9.521   3.726   3.706   1.00 0.55 ? 14 DT  B "H2'"  2 
ATOM   1135 H "H2''" . DT  B 2 3  ? 8.271   4.523   4.759   1.00 0.64 ? 14 DT  B "H2''" 2 
ATOM   1136 H "H1'"  . DT  B 2 3  ? 8.657   6.695   3.714   1.00 0.53 ? 14 DT  B "H1'"  2 
ATOM   1137 H H3     . DT  B 2 3  ? 6.155   6.846   0.039   1.00 0.50 ? 14 DT  B H3     2 
ATOM   1138 H H71    . DT  B 2 3  ? 7.997   2.971   -1.753  1.00 0.75 ? 14 DT  B H71    2 
ATOM   1139 H H72    . DT  B 2 3  ? 9.624   3.042   -1.031  1.00 0.52 ? 14 DT  B H72    2 
ATOM   1140 H H73    . DT  B 2 3  ? 8.343   2.121   -0.229  1.00 0.73 ? 14 DT  B H73    2 
ATOM   1141 H H6     . DT  B 2 3  ? 9.528   3.767   1.461   1.00 0.41 ? 14 DT  B H6     2 
ATOM   1142 P P      . DA  B 2 4  ? 8.797   5.727   7.285   1.00 0.72 ? 15 DA  B P      2 
ATOM   1143 O OP1    . DA  B 2 4  ? 9.183   6.493   8.489   1.00 0.89 ? 15 DA  B OP1    2 
ATOM   1144 O OP2    . DA  B 2 4  ? 8.638   4.259   7.371   1.00 0.89 ? 15 DA  B OP2    2 
ATOM   1145 O "O5'"  . DA  B 2 4  ? 7.424   6.334   6.715   1.00 0.64 ? 15 DA  B "O5'"  2 
ATOM   1146 C "C5'"  . DA  B 2 4  ? 7.148   7.739   6.779   1.00 0.58 ? 15 DA  B "C5'"  2 
ATOM   1147 C "C4'"  . DA  B 2 4  ? 5.740   8.079   6.314   1.00 0.44 ? 15 DA  B "C4'"  2 
ATOM   1148 O "O4'"  . DA  B 2 4  ? 5.536   7.744   4.919   1.00 0.45 ? 15 DA  B "O4'"  2 
ATOM   1149 C "C3'"  . DA  B 2 4  ? 4.657   7.340   7.122   1.00 0.37 ? 15 DA  B "C3'"  2 
ATOM   1150 O "O3'"  . DA  B 2 4  ? 3.597   8.250   7.472   1.00 0.42 ? 15 DA  B "O3'"  2 
ATOM   1151 C "C2'"  . DA  B 2 4  ? 4.262   6.283   6.116   1.00 0.31 ? 15 DA  B "C2'"  2 
ATOM   1152 C "C1'"  . DA  B 2 4  ? 4.310   7.012   4.808   1.00 0.34 ? 15 DA  B "C1'"  2 
ATOM   1153 N N9     . DA  B 2 4  ? 4.254   6.119   3.634   1.00 0.34 ? 15 DA  B N9     2 
ATOM   1154 C C8     . DA  B 2 4  ? 4.790   4.883   3.434   1.00 0.39 ? 15 DA  B C8     2 
ATOM   1155 N N7     . DA  B 2 4  ? 4.586   4.345   2.269   1.00 0.42 ? 15 DA  B N7     2 
ATOM   1156 C C5     . DA  B 2 4  ? 3.832   5.329   1.630   1.00 0.38 ? 15 DA  B C5     2 
ATOM   1157 C C6     . DA  B 2 4  ? 3.269   5.411   0.351   1.00 0.42 ? 15 DA  B C6     2 
ATOM   1158 N N6     . DA  B 2 4  ? 3.395   4.449   -0.554  1.00 0.48 ? 15 DA  B N6     2 
ATOM   1159 N N1     . DA  B 2 4  ? 2.583   6.522   0.044   1.00 0.42 ? 15 DA  B N1     2 
ATOM   1160 C C2     . DA  B 2 4  ? 2.464   7.490   0.945   1.00 0.38 ? 15 DA  B C2     2 
ATOM   1161 N N3     . DA  B 2 4  ? 2.946   7.531   2.173   1.00 0.32 ? 15 DA  B N3     2 
ATOM   1162 C C4     . DA  B 2 4  ? 3.629   6.403   2.453   1.00 0.33 ? 15 DA  B C4     2 
ATOM   1163 H "H5'"  . DA  B 2 4  ? 7.857   8.275   6.148   1.00 0.66 ? 15 DA  B "H5'"  2 
ATOM   1164 H "H5''" . DA  B 2 4  ? 7.255   8.079   7.809   1.00 0.68 ? 15 DA  B "H5''" 2 
ATOM   1165 H "H4'"  . DA  B 2 4  ? 5.605   9.150   6.460   1.00 0.51 ? 15 DA  B "H4'"  2 
ATOM   1166 H "H3'"  . DA  B 2 4  ? 5.076   6.910   8.032   1.00 0.46 ? 15 DA  B "H3'"  2 
ATOM   1167 H "H2'"  . DA  B 2 4  ? 5.015   5.496   6.135   1.00 0.36 ? 15 DA  B "H2'"  2 
ATOM   1168 H "H2''" . DA  B 2 4  ? 3.280   5.834   6.260   1.00 0.32 ? 15 DA  B "H2''" 2 
ATOM   1169 H "H1'"  . DA  B 2 4  ? 3.459   7.694   4.779   1.00 0.43 ? 15 DA  B "H1'"  2 
ATOM   1170 H H8     . DA  B 2 4  ? 5.347   4.364   4.213   1.00 0.42 ? 15 DA  B H8     2 
ATOM   1171 H H61    . DA  B 2 4  ? 3.055   4.595   -1.498  1.00 0.51 ? 15 DA  B H61    2 
ATOM   1172 H H62    . DA  B 2 4  ? 3.833   3.578   -0.297  1.00 0.52 ? 15 DA  B H62    2 
ATOM   1173 H H2     . DA  B 2 4  ? 1.898   8.370   0.637   1.00 0.38 ? 15 DA  B H2     2 
ATOM   1174 P P      . DC  B 2 5  ? 2.071   7.861   7.851   1.00 0.50 ? 16 DC  B P      2 
ATOM   1175 O OP1    . DC  B 2 5  ? 1.560   8.891   8.780   1.00 0.66 ? 16 DC  B OP1    2 
ATOM   1176 O OP2    . DC  B 2 5  ? 2.022   6.434   8.241   1.00 0.51 ? 16 DC  B OP2    2 
ATOM   1177 O "O5'"  . DC  B 2 5  ? 1.295   8.013   6.450   1.00 0.58 ? 16 DC  B "O5'"  2 
ATOM   1178 C "C5'"  . DC  B 2 5  ? 1.168   9.280   5.782   1.00 0.61 ? 16 DC  B "C5'"  2 
ATOM   1179 C "C4'"  . DC  B 2 5  ? 0.093   9.258   4.705   1.00 0.58 ? 16 DC  B "C4'"  2 
ATOM   1180 O "O4'"  . DC  B 2 5  ? 0.407   8.263   3.715   1.00 0.60 ? 16 DC  B "O4'"  2 
ATOM   1181 C "C3'"  . DC  B 2 5  ? -1.297  8.961   5.265   1.00 0.51 ? 16 DC  B "C3'"  2 
ATOM   1182 O "O3'"  . DC  B 2 5  ? -2.313  9.701   4.571   1.00 0.56 ? 16 DC  B "O3'"  2 
ATOM   1183 C "C2'"  . DC  B 2 5  ? -1.379  7.465   4.981   1.00 0.52 ? 16 DC  B "C2'"  2 
ATOM   1184 C "C1'"  . DC  B 2 5  ? -0.726  7.407   3.569   1.00 0.54 ? 16 DC  B "C1'"  2 
ATOM   1185 N N1     . DC  B 2 5  ? -0.216  6.101   3.059   1.00 0.49 ? 16 DC  B N1     2 
ATOM   1186 C C2     . DC  B 2 5  ? -0.517  5.747   1.746   1.00 0.49 ? 16 DC  B C2     2 
ATOM   1187 O O2     . DC  B 2 5  ? -1.203  6.449   1.008   1.00 0.52 ? 16 DC  B O2     2 
ATOM   1188 N N3     . DC  B 2 5  ? -0.033  4.574   1.266   1.00 0.50 ? 16 DC  B N3     2 
ATOM   1189 C C4     . DC  B 2 5  ? 0.715   3.774   2.026   1.00 0.49 ? 16 DC  B C4     2 
ATOM   1190 N N4     . DC  B 2 5  ? 1.172   2.640   1.516   1.00 0.51 ? 16 DC  B N4     2 
ATOM   1191 C C5     . DC  B 2 5  ? 1.036   4.110   3.370   1.00 0.50 ? 16 DC  B C5     2 
ATOM   1192 C C6     . DC  B 2 5  ? 0.551   5.276   3.842   1.00 0.49 ? 16 DC  B C6     2 
ATOM   1193 H "H5'"  . DC  B 2 5  ? 2.117   9.506   5.294   1.00 0.69 ? 16 DC  B "H5'"  2 
ATOM   1194 H "H5''" . DC  B 2 5  ? 0.914   10.066  6.493   1.00 0.67 ? 16 DC  B "H5''" 2 
ATOM   1195 H "H4'"  . DC  B 2 5  ? 0.019   10.230  4.219   1.00 0.64 ? 16 DC  B "H4'"  2 
ATOM   1196 H "H3'"  . DC  B 2 5  ? -1.314  9.323   6.293   1.00 0.57 ? 16 DC  B "H3'"  2 
ATOM   1197 H "H2'"  . DC  B 2 5  ? -0.881  6.960   5.808   1.00 0.54 ? 16 DC  B "H2'"  2 
ATOM   1198 H "H2''" . DC  B 2 5  ? -2.403  7.097   4.915   1.00 0.58 ? 16 DC  B "H2''" 2 
ATOM   1199 H "H1'"  . DC  B 2 5  ? -1.367  7.886   2.830   1.00 0.59 ? 16 DC  B "H1'"  2 
ATOM   1200 H H41    . DC  B 2 5  ? 0.957   2.412   0.554   1.00 0.60 ? 16 DC  B H41    2 
ATOM   1201 H H42    . DC  B 2 5  ? 1.729   2.018   2.085   1.00 0.49 ? 16 DC  B H42    2 
ATOM   1202 H H5     . DC  B 2 5  ? 1.649   3.441   3.973   1.00 0.55 ? 16 DC  B H5     2 
ATOM   1203 H H6     . DC  B 2 5  ? 0.796   5.537   4.873   1.00 0.57 ? 16 DC  B H6     2 
HETATM 1204 P P      . A38 B 2 6  ? -3.886  9.571   4.915   1.00 0.49 ? 17 A38 B P      2 
HETATM 1205 O O1P    . A38 B 2 6  ? -4.524  10.880  4.652   1.00 0.53 ? 17 A38 B O1P    2 
HETATM 1206 O O2P    . A38 B 2 6  ? -4.037  8.942   6.246   1.00 0.63 ? 17 A38 B O2P    2 
HETATM 1207 O "O5'"  . A38 B 2 6  ? -4.392  8.518   3.811   1.00 0.45 ? 17 A38 B "O5'"  2 
HETATM 1208 C "C5'"  . A38 B 2 6  ? -4.742  8.921   2.480   1.00 0.38 ? 17 A38 B "C5'"  2 
HETATM 1209 C "C4'"  . A38 B 2 6  ? -5.228  7.753   1.635   1.00 0.30 ? 17 A38 B "C4'"  2 
HETATM 1210 O "O4'"  . A38 B 2 6  ? -4.241  6.724   1.420   1.00 0.34 ? 17 A38 B "O4'"  2 
HETATM 1211 C "C3'"  . A38 B 2 6  ? -6.468  7.110   2.234   1.00 0.26 ? 17 A38 B "C3'"  2 
HETATM 1212 O "O3'"  . A38 B 2 6  ? -7.416  6.972   1.160   1.00 0.25 ? 17 A38 B "O3'"  2 
HETATM 1213 C "C2'"  . A38 B 2 6  ? -5.832  5.727   2.719   1.00 0.27 ? 17 A38 B "C2'"  2 
HETATM 1214 C "C1'"  . A38 B 2 6  ? -4.953  5.487   1.434   1.00 0.20 ? 17 A38 B "C1'"  2 
HETATM 1215 N N9     . A38 B 2 6  ? -3.974  4.379   1.547   1.00 0.19 ? 17 A38 B N9     2 
HETATM 1216 C C8     . A38 B 2 6  ? -3.342  4.031   2.731   1.00 0.23 ? 17 A38 B C8     2 
HETATM 1217 N N7     . A38 B 2 6  ? -2.528  3.016   2.425   1.00 0.23 ? 17 A38 B N7     2 
HETATM 1218 C C5     . A38 B 2 6  ? -2.558  2.648   1.114   1.00 0.20 ? 17 A38 B C5     2 
HETATM 1219 C C6     . A38 B 2 6  ? -1.945  1.702   0.288   1.00 0.20 ? 17 A38 B C6     2 
HETATM 1220 N N6     . A38 B 2 6  ? -1.039  0.825   0.699   1.00 0.24 ? 17 A38 B N6     2 
HETATM 1221 N N1     . A38 B 2 6  ? -2.301  1.706   -1.001  1.00 0.20 ? 17 A38 B N1     2 
HETATM 1222 C C2     . A38 B 2 6  ? -3.200  2.587   -1.430  1.00 0.21 ? 17 A38 B C2     2 
HETATM 1223 N N3     . A38 B 2 6  ? -3.846  3.524   -0.748  1.00 0.21 ? 17 A38 B N3     2 
HETATM 1224 C C4     . A38 B 2 6  ? -3.476  3.510   0.551   1.00 0.19 ? 17 A38 B C4     2 
HETATM 1225 O O      . A38 B 2 6  ? -3.469  4.520   3.849   1.00 0.28 ? 17 A38 B O      2 
HETATM 1226 H "H5'1" . A38 B 2 6  ? -3.892  9.401   1.994   1.00 0.47 ? 17 A38 B "H5'1" 2 
HETATM 1227 H "H5'2" . A38 B 2 6  ? -5.578  9.619   2.543   1.00 0.44 ? 17 A38 B "H5'2" 2 
HETATM 1228 H "H4'"  . A38 B 2 6  ? -5.598  8.077   0.663   1.00 0.29 ? 17 A38 B "H4'"  2 
HETATM 1229 H "H3'"  . A38 B 2 6  ? -6.953  7.930   2.763   1.00 0.38 ? 17 A38 B "H3'"  2 
HETATM 1230 H "H2'1" . A38 B 2 6  ? -5.143  5.752   3.563   1.00 0.39 ? 17 A38 B "H2'1" 2 
HETATM 1231 H "H2'2" . A38 B 2 6  ? -6.583  4.941   2.797   1.00 0.33 ? 17 A38 B "H2'2" 2 
HETATM 1232 H "H1'"  . A38 B 2 6  ? -5.455  5.509   0.466   1.00 0.19 ? 17 A38 B "H1'"  2 
HETATM 1233 H H7     . A38 B 2 6  ? -1.950  2.582   3.127   1.00 0.26 ? 17 A38 B H7     2 
HETATM 1234 H H6N1   . A38 B 2 6  ? -0.585  0.234   0.012   1.00 0.29 ? 17 A38 B H6N1   2 
HETATM 1235 H H6N2   . A38 B 2 6  ? -0.800  0.745   1.675   1.00 0.28 ? 17 A38 B H6N2   2 
HETATM 1236 H H2     . A38 B 2 6  ? -3.425  2.522   -2.494  1.00 0.26 ? 17 A38 B H2     2 
ATOM   1237 P P      . DC  B 2 7  ? -8.535  5.832   0.962   1.00 0.38 ? 18 DC  B P      2 
ATOM   1238 O OP1    . DC  B 2 7  ? -9.759  6.462   0.422   1.00 0.56 ? 18 DC  B OP1    2 
ATOM   1239 O OP2    . DC  B 2 7  ? -8.614  4.990   2.178   1.00 0.53 ? 18 DC  B OP2    2 
ATOM   1240 O "O5'"  . DC  B 2 7  ? -7.851  4.969   -0.198  1.00 0.44 ? 18 DC  B "O5'"  2 
ATOM   1241 C "C5'"  . DC  B 2 7  ? -7.694  5.449   -1.545  1.00 0.44 ? 18 DC  B "C5'"  2 
ATOM   1242 C "C4'"  . DC  B 2 7  ? -7.852  4.293   -2.525  1.00 0.50 ? 18 DC  B "C4'"  2 
ATOM   1243 O "O4'"  . DC  B 2 7  ? -6.828  3.348   -2.229  1.00 0.52 ? 18 DC  B "O4'"  2 
ATOM   1244 C "C3'"  . DC  B 2 7  ? -9.223  3.634   -2.380  1.00 0.58 ? 18 DC  B "C3'"  2 
ATOM   1245 O "O3'"  . DC  B 2 7  ? -9.729  3.215   -3.652  1.00 0.73 ? 18 DC  B "O3'"  2 
ATOM   1246 C "C2'"  . DC  B 2 7  ? -8.841  2.480   -1.497  1.00 0.57 ? 18 DC  B "C2'"  2 
ATOM   1247 C "C1'"  . DC  B 2 7  ? -7.466  2.109   -2.002  1.00 0.54 ? 18 DC  B "C1'"  2 
ATOM   1248 N N1     . DC  B 2 7  ? -6.581  1.396   -1.057  1.00 0.47 ? 18 DC  B N1     2 
ATOM   1249 C C2     . DC  B 2 7  ? -5.803  0.338   -1.505  1.00 0.51 ? 18 DC  B C2     2 
ATOM   1250 O O2     . DC  B 2 7  ? -5.834  -0.066  -2.663  1.00 0.62 ? 18 DC  B O2     2 
ATOM   1251 N N3     . DC  B 2 7  ? -4.979  -0.273  -0.615  1.00 0.44 ? 18 DC  B N3     2 
ATOM   1252 C C4     . DC  B 2 7  ? -4.915  0.124   0.660   1.00 0.38 ? 18 DC  B C4     2 
ATOM   1253 N N4     . DC  B 2 7  ? -4.085  -0.504  1.484   1.00 0.39 ? 18 DC  B N4     2 
ATOM   1254 C C5     . DC  B 2 7  ? -5.717  1.208   1.119   1.00 0.40 ? 18 DC  B C5     2 
ATOM   1255 C C6     . DC  B 2 7  ? -6.514  1.798   0.241   1.00 0.41 ? 18 DC  B C6     2 
ATOM   1256 H "H5'"  . DC  B 2 7  ? -6.684  5.853   -1.624  1.00 0.48 ? 18 DC  B "H5'"  2 
ATOM   1257 H "H5''" . DC  B 2 7  ? -8.428  6.224   -1.766  1.00 0.48 ? 18 DC  B "H5''" 2 
ATOM   1258 H "H4'"  . DC  B 2 7  ? -7.727  4.461   -3.594  1.00 0.62 ? 18 DC  B "H4'"  2 
ATOM   1259 H "H3'"  . DC  B 2 7  ? -9.936  4.327   -1.933  1.00 0.58 ? 18 DC  B "H3'"  2 
ATOM   1260 H "H2'"  . DC  B 2 7  ? -8.929  2.787   -0.454  1.00 0.56 ? 18 DC  B "H2'"  2 
ATOM   1261 H "H2''" . DC  B 2 7  ? -9.496  1.612   -1.566  1.00 0.67 ? 18 DC  B "H2''" 2 
ATOM   1262 H "H1'"  . DC  B 2 7  ? -7.656  1.660   -2.978  1.00 0.63 ? 18 DC  B "H1'"  2 
ATOM   1263 H H41    . DC  B 2 7  ? -3.479  -1.215  1.093   1.00 0.39 ? 18 DC  B H41    2 
ATOM   1264 H H42    . DC  B 2 7  ? -4.064  -0.279  2.467   1.00 0.47 ? 18 DC  B H42    2 
ATOM   1265 H H5     . DC  B 2 7  ? -5.813  1.665   2.104   1.00 0.45 ? 18 DC  B H5     2 
ATOM   1266 H H6     . DC  B 2 7  ? -7.052  2.613   0.725   1.00 0.42 ? 18 DC  B H6     2 
ATOM   1267 P P      . DA  B 2 8  ? -11.085 2.363   -3.818  1.00 0.90 ? 19 DA  B P      2 
ATOM   1268 O OP1    . DA  B 2 8  ? -11.647 2.660   -5.153  1.00 1.14 ? 19 DA  B OP1    2 
ATOM   1269 O OP2    . DA  B 2 8  ? -11.919 2.556   -2.613  1.00 1.03 ? 19 DA  B OP2    2 
ATOM   1270 O "O5'"  . DA  B 2 8  ? -10.534 0.853   -3.805  1.00 0.74 ? 19 DA  B "O5'"  2 
ATOM   1271 C "C5'"  . DA  B 2 8  ? -9.875  0.320   -4.959  1.00 0.69 ? 19 DA  B "C5'"  2 
ATOM   1272 C "C4'"  . DA  B 2 8  ? -9.328  -1.081  -4.766  1.00 0.56 ? 19 DA  B "C4'"  2 
ATOM   1273 O "O4'"  . DA  B 2 8  ? -8.316  -1.153  -3.729  1.00 0.51 ? 19 DA  B "O4'"  2 
ATOM   1274 C "C3'"  . DA  B 2 8  ? -10.408 -2.129  -4.390  1.00 0.52 ? 19 DA  B "C3'"  2 
ATOM   1275 O "O3'"  . DA  B 2 8  ? -10.530 -3.103  -5.433  1.00 0.57 ? 19 DA  B "O3'"  2 
ATOM   1276 C "C2'"  . DA  B 2 8  ? -9.875  -2.683  -3.059  1.00 0.45 ? 19 DA  B "C2'"  2 
ATOM   1277 C "C1'"  . DA  B 2 8  ? -8.394  -2.452  -3.114  1.00 0.43 ? 19 DA  B "C1'"  2 
ATOM   1278 N N9     . DA  B 2 8  ? -7.771  -2.504  -1.780  1.00 0.39 ? 19 DA  B N9     2 
ATOM   1279 C C8     . DA  B 2 8  ? -8.070  -1.781  -0.677  1.00 0.44 ? 19 DA  B C8     2 
ATOM   1280 N N7     . DA  B 2 8  ? -7.366  -2.020  0.387   1.00 0.41 ? 19 DA  B N7     2 
ATOM   1281 C C5     . DA  B 2 8  ? -6.502  -3.019  -0.064  1.00 0.32 ? 19 DA  B C5     2 
ATOM   1282 C C6     . DA  B 2 8  ? -5.478  -3.734  0.564   1.00 0.28 ? 19 DA  B C6     2 
ATOM   1283 N N6     . DA  B 2 8  ? -5.150  -3.542  1.836   1.00 0.35 ? 19 DA  B N6     2 
ATOM   1284 N N1     . DA  B 2 8  ? -4.817  -4.648  -0.161  1.00 0.25 ? 19 DA  B N1     2 
ATOM   1285 C C2     . DA  B 2 8  ? -5.152  -4.840  -1.434  1.00 0.24 ? 19 DA  B C2     2 
ATOM   1286 N N3     . DA  B 2 8  ? -6.095  -4.231  -2.136  1.00 0.27 ? 19 DA  B N3     2 
ATOM   1287 C C4     . DA  B 2 8  ? -6.741  -3.317  -1.380  1.00 0.30 ? 19 DA  B C4     2 
ATOM   1288 H "H5'"  . DA  B 2 8  ? -9.026  0.947   -5.231  1.00 0.72 ? 19 DA  B "H5'"  2 
ATOM   1289 H "H5''" . DA  B 2 8  ? -10.574 0.303   -5.796  1.00 0.76 ? 19 DA  B "H5''" 2 
ATOM   1290 H "H4'"  . DA  B 2 8  ? -8.902  -1.271  -5.750  1.00 0.64 ? 19 DA  B "H4'"  2 
ATOM   1291 H "H3'"  . DA  B 2 8  ? -11.383 -1.661  -4.256  1.00 0.59 ? 19 DA  B "H3'"  2 
ATOM   1292 H "H2'"  . DA  B 2 8  ? -10.315 -2.144  -2.219  1.00 0.51 ? 19 DA  B "H2'"  2 
ATOM   1293 H "H2''" . DA  B 2 8  ? -10.045 -3.739  -2.851  1.00 0.46 ? 19 DA  B "H2''" 2 
ATOM   1294 H "H1'"  . DA  B 2 8  ? -7.979  -3.273  -3.698  1.00 0.41 ? 19 DA  B "H1'"  2 
ATOM   1295 H H8     . DA  B 2 8  ? -8.870  -1.043  -0.704  1.00 0.51 ? 19 DA  B H8     2 
ATOM   1296 H H61    . DA  B 2 8  ? -4.344  -4.010  2.227   1.00 0.38 ? 19 DA  B H61    2 
ATOM   1297 H H62    . DA  B 2 8  ? -5.714  -2.929  2.404   1.00 0.45 ? 19 DA  B H62    2 
ATOM   1298 H H2     . DA  B 2 8  ? -4.581  -5.597  -1.975  1.00 0.24 ? 19 DA  B H2     2 
ATOM   1299 P P      . DT  B 2 9  ? -11.101 -4.599  -5.242  1.00 0.50 ? 20 DT  B P      2 
ATOM   1300 O OP1    . DT  B 2 9  ? -11.637 -5.055  -6.543  1.00 0.58 ? 20 DT  B OP1    2 
ATOM   1301 O OP2    . DT  B 2 9  ? -11.961 -4.640  -4.037  1.00 0.56 ? 20 DT  B OP2    2 
ATOM   1302 O "O5'"  . DT  B 2 9  ? -9.744  -5.402  -4.929  1.00 0.38 ? 20 DT  B "O5'"  2 
ATOM   1303 C "C5'"  . DT  B 2 9  ? -8.734  -5.571  -5.943  1.00 0.37 ? 20 DT  B "C5'"  2 
ATOM   1304 C "C4'"  . DT  B 2 9  ? -7.863  -6.796  -5.692  1.00 0.28 ? 20 DT  B "C4'"  2 
ATOM   1305 O "O4'"  . DT  B 2 9  ? -7.172  -6.710  -4.428  1.00 0.26 ? 20 DT  B "O4'"  2 
ATOM   1306 C "C3'"  . DT  B 2 9  ? -8.731  -8.055  -5.672  1.00 0.22 ? 20 DT  B "C3'"  2 
ATOM   1307 O "O3'"  . DT  B 2 9  ? -8.106  -9.195  -6.276  1.00 0.28 ? 20 DT  B "O3'"  2 
ATOM   1308 C "C2'"  . DT  B 2 9  ? -8.916  -8.220  -4.184  1.00 0.22 ? 20 DT  B "C2'"  2 
ATOM   1309 C "C1'"  . DT  B 2 9  ? -7.571  -7.815  -3.608  1.00 0.22 ? 20 DT  B "C1'"  2 
ATOM   1310 N N1     . DT  B 2 9  ? -7.564  -7.396  -2.185  1.00 0.21 ? 20 DT  B N1     2 
ATOM   1311 C C2     . DT  B 2 9  ? -6.568  -7.900  -1.361  1.00 0.24 ? 20 DT  B C2     2 
ATOM   1312 O O2     . DT  B 2 9  ? -5.710  -8.695  -1.729  1.00 0.34 ? 20 DT  B O2     2 
ATOM   1313 N N3     . DT  B 2 9  ? -6.587  -7.461  -0.059  1.00 0.25 ? 20 DT  B N3     2 
ATOM   1314 C C4     . DT  B 2 9  ? -7.488  -6.582  0.493   1.00 0.28 ? 20 DT  B C4     2 
ATOM   1315 O O4     . DT  B 2 9  ? -7.366  -6.278  1.675   1.00 0.32 ? 20 DT  B O4     2 
ATOM   1316 C C5     . DT  B 2 9  ? -8.493  -6.104  -0.433  1.00 0.34 ? 20 DT  B C5     2 
ATOM   1317 C C7     . DT  B 2 9  ? -9.579  -5.122  0.004   1.00 0.49 ? 20 DT  B C7     2 
ATOM   1318 C C6     . DT  B 2 9  ? -8.497  -6.518  -1.709  1.00 0.29 ? 20 DT  B C6     2 
ATOM   1319 H "H5'"  . DT  B 2 9  ? -8.092  -4.692  -5.985  1.00 0.42 ? 20 DT  B "H5'"  2 
ATOM   1320 H "H5''" . DT  B 2 9  ? -9.221  -5.711  -6.908  1.00 0.46 ? 20 DT  B "H5''" 2 
ATOM   1321 H "H4'"  . DT  B 2 9  ? -7.125  -6.889  -6.489  1.00 0.35 ? 20 DT  B "H4'"  2 
ATOM   1322 H "H3'"  . DT  B 2 9  ? -9.644  -7.856  -6.235  1.00 0.24 ? 20 DT  B "H3'"  2 
ATOM   1323 H "H2'"  . DT  B 2 9  ? -9.749  -7.594  -3.862  1.00 0.28 ? 20 DT  B "H2'"  2 
ATOM   1324 H "H2''" . DT  B 2 9  ? -9.034  -9.273  -3.928  1.00 0.28 ? 20 DT  B "H2''" 2 
ATOM   1325 H "H1'"  . DT  B 2 9  ? -6.918  -8.679  -3.734  1.00 0.29 ? 20 DT  B "H1'"  2 
ATOM   1326 H H3     . DT  B 2 9  ? -5.865  -7.815  0.552   1.00 0.28 ? 20 DT  B H3     2 
ATOM   1327 H H71    . DT  B 2 9  ? -9.535  -4.248  -0.646  1.00 0.59 ? 20 DT  B H71    2 
ATOM   1328 H H72    . DT  B 2 9  ? -10.554 -5.594  -0.118  1.00 0.58 ? 20 DT  B H72    2 
ATOM   1329 H H73    . DT  B 2 9  ? -9.433  -4.826  1.042   1.00 0.60 ? 20 DT  B H73    2 
ATOM   1330 H H6     . DT  B 2 9  ? -9.274  -6.132  -2.367  1.00 0.38 ? 20 DT  B H6     2 
ATOM   1331 P P      . DG  B 2 10 ? -8.889  -10.594 -6.505  1.00 0.36 ? 21 DG  B P      2 
ATOM   1332 O OP1    . DG  B 2 10 ? -8.343  -11.220 -7.731  1.00 0.51 ? 21 DG  B OP1    2 
ATOM   1333 O OP2    . DG  B 2 10 ? -10.344 -10.344 -6.401  1.00 0.49 ? 21 DG  B OP2    2 
ATOM   1334 O "O5'"  . DG  B 2 10 ? -8.445  -11.471 -5.228  1.00 0.38 ? 21 DG  B "O5'"  2 
ATOM   1335 C "C5'"  . DG  B 2 10 ? -7.169  -12.128 -5.174  1.00 0.34 ? 21 DG  B "C5'"  2 
ATOM   1336 C "C4'"  . DG  B 2 10 ? -6.924  -12.857 -3.857  1.00 0.30 ? 21 DG  B "C4'"  2 
ATOM   1337 O "O4'"  . DG  B 2 10 ? -6.871  -11.965 -2.728  1.00 0.33 ? 21 DG  B "O4'"  2 
ATOM   1338 C "C3'"  . DG  B 2 10 ? -7.975  -13.926 -3.543  1.00 0.32 ? 21 DG  B "C3'"  2 
ATOM   1339 O "O3'"  . DG  B 2 10 ? -7.340  -15.206 -3.604  1.00 0.40 ? 21 DG  B "O3'"  2 
ATOM   1340 C "C2'"  . DG  B 2 10 ? -8.419  -13.520 -2.137  1.00 0.27 ? 21 DG  B "C2'"  2 
ATOM   1341 C "C1'"  . DG  B 2 10 ? -7.306  -12.687 -1.569  1.00 0.26 ? 21 DG  B "C1'"  2 
ATOM   1342 N N9     . DG  B 2 10 ? -7.757  -11.690 -0.581  1.00 0.19 ? 21 DG  B N9     2 
ATOM   1343 C C8     . DG  B 2 10 ? -8.801  -10.820 -0.663  1.00 0.20 ? 21 DG  B C8     2 
ATOM   1344 N N7     . DG  B 2 10 ? -8.965  -10.013 0.335   1.00 0.20 ? 21 DG  B N7     2 
ATOM   1345 C C5     . DG  B 2 10 ? -7.920  -10.384 1.176   1.00 0.17 ? 21 DG  B C5     2 
ATOM   1346 C C6     . DG  B 2 10 ? -7.559  -9.869  2.438   1.00 0.20 ? 21 DG  B C6     2 
ATOM   1347 O O6     . DG  B 2 10 ? -8.079  -8.967  3.081   1.00 0.31 ? 21 DG  B O6     2 
ATOM   1348 N N1     . DG  B 2 10 ? -6.459  -10.503 2.955   1.00 0.18 ? 21 DG  B N1     2 
ATOM   1349 C C2     . DG  B 2 10 ? -5.772  -11.518 2.347   1.00 0.17 ? 21 DG  B C2     2 
ATOM   1350 N N2     . DG  B 2 10 ? -4.743  -12.005 3.016   1.00 0.22 ? 21 DG  B N2     2 
ATOM   1351 N N3     . DG  B 2 10 ? -6.093  -12.019 1.158   1.00 0.18 ? 21 DG  B N3     2 
ATOM   1352 C C4     . DG  B 2 10 ? -7.179  -11.404 0.628   1.00 0.15 ? 21 DG  B C4     2 
ATOM   1353 H "H5'"  . DG  B 2 10 ? -6.371  -11.396 -5.294  1.00 0.39 ? 21 DG  B "H5'"  2 
ATOM   1354 H "H5''" . DG  B 2 10 ? -7.114  -12.854 -5.987  1.00 0.41 ? 21 DG  B "H5''" 2 
ATOM   1355 H "H4'"  . DG  B 2 10 ? -5.968  -13.373 -3.936  1.00 0.34 ? 21 DG  B "H4'"  2 
ATOM   1356 H "H3'"  . DG  B 2 10 ? -8.797  -13.930 -4.260  1.00 0.44 ? 21 DG  B "H3'"  2 
ATOM   1357 H "H2'"  . DG  B 2 10 ? -9.369  -12.985 -2.094  1.00 0.32 ? 21 DG  B "H2'"  2 
ATOM   1358 H "H2''" . DG  B 2 10 ? -8.607  -14.364 -1.473  1.00 0.35 ? 21 DG  B "H2''" 2 
ATOM   1359 H "H1'"  . DG  B 2 10 ? -6.583  -13.381 -1.141  1.00 0.32 ? 21 DG  B "H1'"  2 
ATOM   1360 H H8     . DG  B 2 10 ? -9.478  -10.804 -1.516  1.00 0.24 ? 21 DG  B H8     2 
ATOM   1361 H H1     . DG  B 2 10 ? -6.170  -10.157 3.857   1.00 0.20 ? 21 DG  B H1     2 
ATOM   1362 H H21    . DG  B 2 10 ? -4.550  -11.675 3.952   1.00 0.18 ? 21 DG  B H21    2 
ATOM   1363 H H22    . DG  B 2 10 ? -4.161  -12.703 2.579   1.00 0.39 ? 21 DG  B H22    2 
ATOM   1364 P P      . DC  B 2 11 ? -8.071  -16.598 -3.255  1.00 0.50 ? 22 DC  B P      2 
ATOM   1365 O OP1    . DC  B 2 11 ? -7.379  -17.683 -3.986  1.00 0.63 ? 22 DC  B OP1    2 
ATOM   1366 O OP2    . DC  B 2 11 ? -9.533  -16.426 -3.404  1.00 0.62 ? 22 DC  B OP2    2 
ATOM   1367 O "O5'"  . DC  B 2 11 ? -7.736  -16.745 -1.689  1.00 0.48 ? 22 DC  B "O5'"  2 
ATOM   1368 C "C5'"  . DC  B 2 11 ? -6.380  -16.860 -1.229  1.00 0.47 ? 22 DC  B "C5'"  2 
ATOM   1369 C "C4'"  . DC  B 2 11 ? -6.280  -16.686 0.283   1.00 0.47 ? 22 DC  B "C4'"  2 
ATOM   1370 O "O4'"  . DC  B 2 11 ? -6.860  -15.434 0.683   1.00 0.48 ? 22 DC  B "O4'"  2 
ATOM   1371 C "C3'"  . DC  B 2 11 ? -7.097  -17.765 1.039   1.00 0.53 ? 22 DC  B "C3'"  2 
ATOM   1372 O "O3'"  . DC  B 2 11 ? -6.237  -18.759 1.602   1.00 0.59 ? 22 DC  B "O3'"  2 
ATOM   1373 C "C2'"  . DC  B 2 11 ? -7.785  -16.970 2.192   1.00 0.53 ? 22 DC  B "C2'"  2 
ATOM   1374 C "C1'"  . DC  B 2 11 ? -7.205  -15.557 2.070   1.00 0.50 ? 22 DC  B "C1'"  2 
ATOM   1375 N N1     . DC  B 2 11 ? -8.204  -14.508 2.380   1.00 0.47 ? 22 DC  B N1     2 
ATOM   1376 C C2     . DC  B 2 11 ? -7.994  -13.695 3.482   1.00 0.53 ? 22 DC  B C2     2 
ATOM   1377 O O2     . DC  B 2 11 ? -7.031  -13.835 4.233   1.00 0.61 ? 22 DC  B O2     2 
ATOM   1378 N N3     . DC  B 2 11 ? -8.898  -12.723 3.743   1.00 0.53 ? 22 DC  B N3     2 
ATOM   1379 C C4     . DC  B 2 11 ? -9.969  -12.546 2.969   1.00 0.44 ? 22 DC  B C4     2 
ATOM   1380 N N4     . DC  B 2 11 ? -10.808 -11.568 3.280   1.00 0.45 ? 22 DC  B N4     2 
ATOM   1381 C C5     . DC  B 2 11 ? -10.214 -13.373 1.831   1.00 0.38 ? 22 DC  B C5     2 
ATOM   1382 C C6     . DC  B 2 11 ? -9.301  -14.343 1.576   1.00 0.41 ? 22 DC  B C6     2 
ATOM   1383 H "H5'"  . DC  B 2 11 ? -5.762  -16.099 -1.706  1.00 0.41 ? 22 DC  B "H5'"  2 
ATOM   1384 H "H5''" . DC  B 2 11 ? -6.000  -17.844 -1.504  1.00 0.58 ? 22 DC  B "H5''" 2 
ATOM   1385 H "H4'"  . DC  B 2 11 ? -5.214  -16.710 0.510   1.00 0.48 ? 22 DC  B "H4'"  2 
ATOM   1386 H "H3'"  . DC  B 2 11 ? -7.761  -18.222 0.305   1.00 0.60 ? 22 DC  B "H3'"  2 
ATOM   1387 H "HO3'" . DC  B 2 11 ? -5.767  -19.179 0.879   1.00 0.65 ? 22 DC  B "HO3'" 2 
ATOM   1388 H "H2'"  . DC  B 2 11 ? -8.872  -16.905 2.127   1.00 0.57 ? 22 DC  B "H2'"  2 
ATOM   1389 H "H2''" . DC  B 2 11 ? -7.620  -17.382 3.188   1.00 0.57 ? 22 DC  B "H2''" 2 
ATOM   1390 H "H1'"  . DC  B 2 11 ? -6.311  -15.430 2.681   1.00 0.55 ? 22 DC  B "H1'"  2 
ATOM   1391 H H41    . DC  B 2 11 ? -10.582 -10.960 4.059   1.00 0.51 ? 22 DC  B H41    2 
ATOM   1392 H H42    . DC  B 2 11 ? -11.655 -11.429 2.751   1.00 0.48 ? 22 DC  B H42    2 
ATOM   1393 H H5     . DC  B 2 11 ? -11.109 -13.199 1.235   1.00 0.34 ? 22 DC  B H5     2 
ATOM   1394 H H6     . DC  B 2 11 ? -9.401  -15.024 0.731   1.00 0.44 ? 22 DC  B H6     2 
# 
